data_3KGK
# 
_entry.id   3KGK 
# 
_audit_conform.dict_name       mmcif_pdbx.dic 
_audit_conform.dict_version    5.386 
_audit_conform.dict_location   http://mmcif.pdb.org/dictionaries/ascii/mmcif_pdbx.dic 
# 
loop_
_database_2.database_id 
_database_2.database_code 
_database_2.pdbx_database_accession 
_database_2.pdbx_DOI 
PDB   3KGK         pdb_00003kgk 10.2210/pdb3kgk/pdb 
RCSB  RCSB055965   ?            ?                   
WWPDB D_1000055965 ?            ?                   
# 
loop_
_pdbx_audit_revision_history.ordinal 
_pdbx_audit_revision_history.data_content_type 
_pdbx_audit_revision_history.major_revision 
_pdbx_audit_revision_history.minor_revision 
_pdbx_audit_revision_history.revision_date 
1 'Structure model' 1 0 2010-02-16 
2 'Structure model' 1 1 2011-07-13 
3 'Structure model' 1 2 2021-10-13 
4 'Structure model' 1 3 2024-02-07 
# 
_pdbx_audit_revision_details.ordinal             1 
_pdbx_audit_revision_details.revision_ordinal    1 
_pdbx_audit_revision_details.data_content_type   'Structure model' 
_pdbx_audit_revision_details.provider            repository 
_pdbx_audit_revision_details.type                'Initial release' 
_pdbx_audit_revision_details.description         ? 
_pdbx_audit_revision_details.details             ? 
# 
loop_
_pdbx_audit_revision_group.ordinal 
_pdbx_audit_revision_group.revision_ordinal 
_pdbx_audit_revision_group.data_content_type 
_pdbx_audit_revision_group.group 
1 2 'Structure model' Advisory                    
2 2 'Structure model' 'Version format compliance' 
3 3 'Structure model' 'Database references'       
4 4 'Structure model' 'Data collection'           
5 4 'Structure model' 'Database references'       
# 
loop_
_pdbx_audit_revision_category.ordinal 
_pdbx_audit_revision_category.revision_ordinal 
_pdbx_audit_revision_category.data_content_type 
_pdbx_audit_revision_category.category 
1 3 'Structure model' database_2         
2 3 'Structure model' struct_ref_seq_dif 
3 4 'Structure model' chem_comp_atom     
4 4 'Structure model' chem_comp_bond     
5 4 'Structure model' citation           
6 4 'Structure model' citation_author    
# 
loop_
_pdbx_audit_revision_item.ordinal 
_pdbx_audit_revision_item.revision_ordinal 
_pdbx_audit_revision_item.data_content_type 
_pdbx_audit_revision_item.item 
1  3 'Structure model' '_database_2.pdbx_DOI'                
2  3 'Structure model' '_database_2.pdbx_database_accession' 
3  3 'Structure model' '_struct_ref_seq_dif.details'         
4  4 'Structure model' '_citation.country'                   
5  4 'Structure model' '_citation.journal_abbrev'            
6  4 'Structure model' '_citation.journal_id_ASTM'           
7  4 'Structure model' '_citation.journal_id_CSD'            
8  4 'Structure model' '_citation.journal_id_ISSN'           
9  4 'Structure model' '_citation.journal_volume'            
10 4 'Structure model' '_citation.page_first'                
11 4 'Structure model' '_citation.page_last'                 
12 4 'Structure model' '_citation.pdbx_database_id_DOI'      
13 4 'Structure model' '_citation.pdbx_database_id_PubMed'   
14 4 'Structure model' '_citation.title'                     
15 4 'Structure model' '_citation.year'                      
# 
_pdbx_database_status.status_code                     REL 
_pdbx_database_status.entry_id                        3KGK 
_pdbx_database_status.recvd_initial_deposition_date   2009-10-29 
_pdbx_database_status.deposit_site                    RCSB 
_pdbx_database_status.process_site                    RCSB 
_pdbx_database_status.status_code_sf                  REL 
_pdbx_database_status.status_code_mr                  ? 
_pdbx_database_status.SG_entry                        ? 
_pdbx_database_status.pdb_format_compatible           Y 
_pdbx_database_status.status_code_cs                  ? 
_pdbx_database_status.status_code_nmr_data            ? 
_pdbx_database_status.methods_development_category    ? 
# 
loop_
_audit_author.name 
_audit_author.pdbx_ordinal 
'Ye, J.'      1 
'Rosen, B.P.' 2 
# 
_citation.id                        primary 
_citation.title                     
'The 1.4 A crystal structure of the ArsD arsenic metallochaperone provides insights into its interaction with the ArsA ATPase.' 
_citation.journal_abbrev            Biochemistry 
_citation.journal_volume            49 
_citation.page_first                5206 
_citation.page_last                 5212 
_citation.year                      2010 
_citation.journal_id_ASTM           BICHAW 
_citation.country                   US 
_citation.journal_id_ISSN           0006-2960 
_citation.journal_id_CSD            0033 
_citation.book_publisher            ? 
_citation.pdbx_database_id_PubMed   20507177 
_citation.pdbx_database_id_DOI      10.1021/bi100571r 
# 
loop_
_citation_author.citation_id 
_citation_author.name 
_citation_author.ordinal 
_citation_author.identifier_ORCID 
primary 'Ye, J.'      1 ? 
primary 'Ajees, A.A.' 2 ? 
primary 'Yang, J.'    3 ? 
primary 'Rosen, B.P.' 4 ? 
# 
loop_
_entity.id 
_entity.type 
_entity.src_method 
_entity.pdbx_description 
_entity.formula_weight 
_entity.pdbx_number_of_molecules 
_entity.pdbx_ec 
_entity.pdbx_mutation 
_entity.pdbx_fragment 
_entity.details 
1 polymer man 'Arsenical resistance operon trans-acting repressor arsD' 11940.753 2   ? 'C12A, C13A, C39S' 'UNP residues 1-109' ? 
2 water   nat water                                                     18.015    268 ? ?                  ?                    ? 
# 
_entity_poly.entity_id                      1 
_entity_poly.type                           'polypeptide(L)' 
_entity_poly.nstd_linkage                   no 
_entity_poly.nstd_monomer                   no 
_entity_poly.pdbx_seq_one_letter_code       
;MKTLMVFDPAMAASTGVCGTDVDQALVDFSTDVQWLKQSGVQIERFNLAQQPMSFVQNEKVKAFIEASGAEGLPLLLLDG
ETVMAGRYPKRAELARWFGIPLDKVGLAPG
;
_entity_poly.pdbx_seq_one_letter_code_can   
;MKTLMVFDPAMAASTGVCGTDVDQALVDFSTDVQWLKQSGVQIERFNLAQQPMSFVQNEKVKAFIEASGAEGLPLLLLDG
ETVMAGRYPKRAELARWFGIPLDKVGLAPG
;
_entity_poly.pdbx_strand_id                 A,B 
_entity_poly.pdbx_target_identifier         ? 
# 
_pdbx_entity_nonpoly.entity_id   2 
_pdbx_entity_nonpoly.name        water 
_pdbx_entity_nonpoly.comp_id     HOH 
# 
loop_
_entity_poly_seq.entity_id 
_entity_poly_seq.num 
_entity_poly_seq.mon_id 
_entity_poly_seq.hetero 
1 1   MET n 
1 2   LYS n 
1 3   THR n 
1 4   LEU n 
1 5   MET n 
1 6   VAL n 
1 7   PHE n 
1 8   ASP n 
1 9   PRO n 
1 10  ALA n 
1 11  MET n 
1 12  ALA n 
1 13  ALA n 
1 14  SER n 
1 15  THR n 
1 16  GLY n 
1 17  VAL n 
1 18  CYS n 
1 19  GLY n 
1 20  THR n 
1 21  ASP n 
1 22  VAL n 
1 23  ASP n 
1 24  GLN n 
1 25  ALA n 
1 26  LEU n 
1 27  VAL n 
1 28  ASP n 
1 29  PHE n 
1 30  SER n 
1 31  THR n 
1 32  ASP n 
1 33  VAL n 
1 34  GLN n 
1 35  TRP n 
1 36  LEU n 
1 37  LYS n 
1 38  GLN n 
1 39  SER n 
1 40  GLY n 
1 41  VAL n 
1 42  GLN n 
1 43  ILE n 
1 44  GLU n 
1 45  ARG n 
1 46  PHE n 
1 47  ASN n 
1 48  LEU n 
1 49  ALA n 
1 50  GLN n 
1 51  GLN n 
1 52  PRO n 
1 53  MET n 
1 54  SER n 
1 55  PHE n 
1 56  VAL n 
1 57  GLN n 
1 58  ASN n 
1 59  GLU n 
1 60  LYS n 
1 61  VAL n 
1 62  LYS n 
1 63  ALA n 
1 64  PHE n 
1 65  ILE n 
1 66  GLU n 
1 67  ALA n 
1 68  SER n 
1 69  GLY n 
1 70  ALA n 
1 71  GLU n 
1 72  GLY n 
1 73  LEU n 
1 74  PRO n 
1 75  LEU n 
1 76  LEU n 
1 77  LEU n 
1 78  LEU n 
1 79  ASP n 
1 80  GLY n 
1 81  GLU n 
1 82  THR n 
1 83  VAL n 
1 84  MET n 
1 85  ALA n 
1 86  GLY n 
1 87  ARG n 
1 88  TYR n 
1 89  PRO n 
1 90  LYS n 
1 91  ARG n 
1 92  ALA n 
1 93  GLU n 
1 94  LEU n 
1 95  ALA n 
1 96  ARG n 
1 97  TRP n 
1 98  PHE n 
1 99  GLY n 
1 100 ILE n 
1 101 PRO n 
1 102 LEU n 
1 103 ASP n 
1 104 LYS n 
1 105 VAL n 
1 106 GLY n 
1 107 LEU n 
1 108 ALA n 
1 109 PRO n 
1 110 GLY n 
# 
_entity_src_gen.entity_id                          1 
_entity_src_gen.pdbx_src_id                        1 
_entity_src_gen.pdbx_alt_source_flag               sample 
_entity_src_gen.pdbx_seq_type                      ? 
_entity_src_gen.pdbx_beg_seq_num                   ? 
_entity_src_gen.pdbx_end_seq_num                   ? 
_entity_src_gen.gene_src_common_name               ? 
_entity_src_gen.gene_src_genus                     ? 
_entity_src_gen.pdbx_gene_src_gene                 arsD 
_entity_src_gen.gene_src_species                   ? 
_entity_src_gen.gene_src_strain                    ? 
_entity_src_gen.gene_src_tissue                    ? 
_entity_src_gen.gene_src_tissue_fraction           ? 
_entity_src_gen.gene_src_details                   ? 
_entity_src_gen.pdbx_gene_src_fragment             ? 
_entity_src_gen.pdbx_gene_src_scientific_name      'Escherichia coli' 
_entity_src_gen.pdbx_gene_src_ncbi_taxonomy_id     562 
_entity_src_gen.pdbx_gene_src_variant              ? 
_entity_src_gen.pdbx_gene_src_cell_line            ? 
_entity_src_gen.pdbx_gene_src_atcc                 ? 
_entity_src_gen.pdbx_gene_src_organ                ? 
_entity_src_gen.pdbx_gene_src_organelle            ? 
_entity_src_gen.pdbx_gene_src_cell                 ? 
_entity_src_gen.pdbx_gene_src_cellular_location    ? 
_entity_src_gen.host_org_common_name               ? 
_entity_src_gen.pdbx_host_org_scientific_name      'Escherichia coli' 
_entity_src_gen.pdbx_host_org_ncbi_taxonomy_id     562 
_entity_src_gen.host_org_genus                     ? 
_entity_src_gen.pdbx_host_org_gene                 ? 
_entity_src_gen.pdbx_host_org_organ                ? 
_entity_src_gen.host_org_species                   ? 
_entity_src_gen.pdbx_host_org_tissue               ? 
_entity_src_gen.pdbx_host_org_tissue_fraction      ? 
_entity_src_gen.pdbx_host_org_strain               'BL21(DE3)' 
_entity_src_gen.pdbx_host_org_variant              ? 
_entity_src_gen.pdbx_host_org_cell_line            ? 
_entity_src_gen.pdbx_host_org_atcc                 ? 
_entity_src_gen.pdbx_host_org_culture_collection   ? 
_entity_src_gen.pdbx_host_org_cell                 ? 
_entity_src_gen.pdbx_host_org_organelle            ? 
_entity_src_gen.pdbx_host_org_cellular_location    ? 
_entity_src_gen.pdbx_host_org_vector_type          PLASMID 
_entity_src_gen.pdbx_host_org_vector               ? 
_entity_src_gen.host_org_details                   ? 
_entity_src_gen.expression_system_id               ? 
_entity_src_gen.plasmid_name                       pTYB2 
_entity_src_gen.plasmid_details                    ? 
_entity_src_gen.pdbx_description                   ? 
# 
loop_
_chem_comp.id 
_chem_comp.type 
_chem_comp.mon_nstd_flag 
_chem_comp.name 
_chem_comp.pdbx_synonyms 
_chem_comp.formula 
_chem_comp.formula_weight 
ALA 'L-peptide linking' y ALANINE         ? 'C3 H7 N O2'     89.093  
ARG 'L-peptide linking' y ARGININE        ? 'C6 H15 N4 O2 1' 175.209 
ASN 'L-peptide linking' y ASPARAGINE      ? 'C4 H8 N2 O3'    132.118 
ASP 'L-peptide linking' y 'ASPARTIC ACID' ? 'C4 H7 N O4'     133.103 
CYS 'L-peptide linking' y CYSTEINE        ? 'C3 H7 N O2 S'   121.158 
GLN 'L-peptide linking' y GLUTAMINE       ? 'C5 H10 N2 O3'   146.144 
GLU 'L-peptide linking' y 'GLUTAMIC ACID' ? 'C5 H9 N O4'     147.129 
GLY 'peptide linking'   y GLYCINE         ? 'C2 H5 N O2'     75.067  
HOH non-polymer         . WATER           ? 'H2 O'           18.015  
ILE 'L-peptide linking' y ISOLEUCINE      ? 'C6 H13 N O2'    131.173 
LEU 'L-peptide linking' y LEUCINE         ? 'C6 H13 N O2'    131.173 
LYS 'L-peptide linking' y LYSINE          ? 'C6 H15 N2 O2 1' 147.195 
MET 'L-peptide linking' y METHIONINE      ? 'C5 H11 N O2 S'  149.211 
PHE 'L-peptide linking' y PHENYLALANINE   ? 'C9 H11 N O2'    165.189 
PRO 'L-peptide linking' y PROLINE         ? 'C5 H9 N O2'     115.130 
SER 'L-peptide linking' y SERINE          ? 'C3 H7 N O3'     105.093 
THR 'L-peptide linking' y THREONINE       ? 'C4 H9 N O3'     119.119 
TRP 'L-peptide linking' y TRYPTOPHAN      ? 'C11 H12 N2 O2'  204.225 
TYR 'L-peptide linking' y TYROSINE        ? 'C9 H11 N O3'    181.189 
VAL 'L-peptide linking' y VALINE          ? 'C5 H11 N O2'    117.146 
# 
loop_
_pdbx_poly_seq_scheme.asym_id 
_pdbx_poly_seq_scheme.entity_id 
_pdbx_poly_seq_scheme.seq_id 
_pdbx_poly_seq_scheme.mon_id 
_pdbx_poly_seq_scheme.ndb_seq_num 
_pdbx_poly_seq_scheme.pdb_seq_num 
_pdbx_poly_seq_scheme.auth_seq_num 
_pdbx_poly_seq_scheme.pdb_mon_id 
_pdbx_poly_seq_scheme.auth_mon_id 
_pdbx_poly_seq_scheme.pdb_strand_id 
_pdbx_poly_seq_scheme.pdb_ins_code 
_pdbx_poly_seq_scheme.hetero 
A 1 1   MET 1   1   1   MET MET A . n 
A 1 2   LYS 2   2   2   LYS LYS A . n 
A 1 3   THR 3   3   3   THR THR A . n 
A 1 4   LEU 4   4   4   LEU LEU A . n 
A 1 5   MET 5   5   5   MET MET A . n 
A 1 6   VAL 6   6   6   VAL VAL A . n 
A 1 7   PHE 7   7   7   PHE PHE A . n 
A 1 8   ASP 8   8   8   ASP ASP A . n 
A 1 9   PRO 9   9   9   PRO PRO A . n 
A 1 10  ALA 10  10  10  ALA ALA A . n 
A 1 11  MET 11  11  ?   ?   ?   A . n 
A 1 12  ALA 12  12  ?   ?   ?   A . n 
A 1 13  ALA 13  13  ?   ?   ?   A . n 
A 1 14  SER 14  14  ?   ?   ?   A . n 
A 1 15  THR 15  15  ?   ?   ?   A . n 
A 1 16  GLY 16  16  ?   ?   ?   A . n 
A 1 17  VAL 17  17  ?   ?   ?   A . n 
A 1 18  CYS 18  18  ?   ?   ?   A . n 
A 1 19  GLY 19  19  ?   ?   ?   A . n 
A 1 20  THR 20  20  ?   ?   ?   A . n 
A 1 21  ASP 21  21  ?   ?   ?   A . n 
A 1 22  VAL 22  22  ?   ?   ?   A . n 
A 1 23  ASP 23  23  ?   ?   ?   A . n 
A 1 24  GLN 24  24  24  GLN GLN A . n 
A 1 25  ALA 25  25  25  ALA ALA A . n 
A 1 26  LEU 26  26  26  LEU LEU A . n 
A 1 27  VAL 27  27  27  VAL VAL A . n 
A 1 28  ASP 28  28  28  ASP ASP A . n 
A 1 29  PHE 29  29  29  PHE PHE A . n 
A 1 30  SER 30  30  30  SER SER A . n 
A 1 31  THR 31  31  31  THR THR A . n 
A 1 32  ASP 32  32  32  ASP ASP A . n 
A 1 33  VAL 33  33  33  VAL VAL A . n 
A 1 34  GLN 34  34  34  GLN GLN A . n 
A 1 35  TRP 35  35  35  TRP TRP A . n 
A 1 36  LEU 36  36  36  LEU LEU A . n 
A 1 37  LYS 37  37  37  LYS LYS A . n 
A 1 38  GLN 38  38  38  GLN GLN A . n 
A 1 39  SER 39  39  39  SER SER A . n 
A 1 40  GLY 40  40  40  GLY GLY A . n 
A 1 41  VAL 41  41  41  VAL VAL A . n 
A 1 42  GLN 42  42  42  GLN GLN A . n 
A 1 43  ILE 43  43  43  ILE ILE A . n 
A 1 44  GLU 44  44  44  GLU GLU A . n 
A 1 45  ARG 45  45  45  ARG ARG A . n 
A 1 46  PHE 46  46  46  PHE PHE A . n 
A 1 47  ASN 47  47  47  ASN ASN A . n 
A 1 48  LEU 48  48  48  LEU LEU A . n 
A 1 49  ALA 49  49  49  ALA ALA A . n 
A 1 50  GLN 50  50  50  GLN GLN A . n 
A 1 51  GLN 51  51  51  GLN GLN A . n 
A 1 52  PRO 52  52  52  PRO PRO A . n 
A 1 53  MET 53  53  53  MET MET A . n 
A 1 54  SER 54  54  54  SER SER A . n 
A 1 55  PHE 55  55  55  PHE PHE A . n 
A 1 56  VAL 56  56  56  VAL VAL A . n 
A 1 57  GLN 57  57  57  GLN GLN A . n 
A 1 58  ASN 58  58  58  ASN ASN A . n 
A 1 59  GLU 59  59  59  GLU GLU A . n 
A 1 60  LYS 60  60  60  LYS LYS A . n 
A 1 61  VAL 61  61  61  VAL VAL A . n 
A 1 62  LYS 62  62  62  LYS LYS A . n 
A 1 63  ALA 63  63  63  ALA ALA A . n 
A 1 64  PHE 64  64  64  PHE PHE A . n 
A 1 65  ILE 65  65  65  ILE ILE A . n 
A 1 66  GLU 66  66  66  GLU GLU A . n 
A 1 67  ALA 67  67  67  ALA ALA A . n 
A 1 68  SER 68  68  68  SER SER A . n 
A 1 69  GLY 69  69  69  GLY GLY A . n 
A 1 70  ALA 70  70  70  ALA ALA A . n 
A 1 71  GLU 71  71  71  GLU GLU A . n 
A 1 72  GLY 72  72  72  GLY GLY A . n 
A 1 73  LEU 73  73  73  LEU LEU A . n 
A 1 74  PRO 74  74  74  PRO PRO A . n 
A 1 75  LEU 75  75  75  LEU LEU A . n 
A 1 76  LEU 76  76  76  LEU LEU A . n 
A 1 77  LEU 77  77  77  LEU LEU A . n 
A 1 78  LEU 78  78  78  LEU LEU A . n 
A 1 79  ASP 79  79  79  ASP ASP A . n 
A 1 80  GLY 80  80  80  GLY GLY A . n 
A 1 81  GLU 81  81  81  GLU GLU A . n 
A 1 82  THR 82  82  82  THR THR A . n 
A 1 83  VAL 83  83  83  VAL VAL A . n 
A 1 84  MET 84  84  84  MET MET A . n 
A 1 85  ALA 85  85  85  ALA ALA A . n 
A 1 86  GLY 86  86  86  GLY GLY A . n 
A 1 87  ARG 87  87  87  ARG ARG A . n 
A 1 88  TYR 88  88  88  TYR TYR A . n 
A 1 89  PRO 89  89  89  PRO PRO A . n 
A 1 90  LYS 90  90  90  LYS LYS A . n 
A 1 91  ARG 91  91  91  ARG ARG A . n 
A 1 92  ALA 92  92  92  ALA ALA A . n 
A 1 93  GLU 93  93  93  GLU GLU A . n 
A 1 94  LEU 94  94  94  LEU LEU A . n 
A 1 95  ALA 95  95  95  ALA ALA A . n 
A 1 96  ARG 96  96  96  ARG ARG A . n 
A 1 97  TRP 97  97  97  TRP TRP A . n 
A 1 98  PHE 98  98  98  PHE PHE A . n 
A 1 99  GLY 99  99  99  GLY GLY A . n 
A 1 100 ILE 100 100 100 ILE ILE A . n 
A 1 101 PRO 101 101 101 PRO PRO A . n 
A 1 102 LEU 102 102 102 LEU LEU A . n 
A 1 103 ASP 103 103 103 ASP ASP A . n 
A 1 104 LYS 104 104 104 LYS LYS A . n 
A 1 105 VAL 105 105 105 VAL VAL A . n 
A 1 106 GLY 106 106 ?   ?   ?   A . n 
A 1 107 LEU 107 107 ?   ?   ?   A . n 
A 1 108 ALA 108 108 ?   ?   ?   A . n 
A 1 109 PRO 109 109 ?   ?   ?   A . n 
A 1 110 GLY 110 110 ?   ?   ?   A . n 
B 1 1   MET 1   1   1   MET MET B . n 
B 1 2   LYS 2   2   2   LYS LYS B . n 
B 1 3   THR 3   3   3   THR THR B . n 
B 1 4   LEU 4   4   4   LEU LEU B . n 
B 1 5   MET 5   5   5   MET MET B . n 
B 1 6   VAL 6   6   6   VAL VAL B . n 
B 1 7   PHE 7   7   7   PHE PHE B . n 
B 1 8   ASP 8   8   8   ASP ASP B . n 
B 1 9   PRO 9   9   9   PRO PRO B . n 
B 1 10  ALA 10  10  10  ALA ALA B . n 
B 1 11  MET 11  11  11  MET MET B . n 
B 1 12  ALA 12  12  ?   ?   ?   B . n 
B 1 13  ALA 13  13  ?   ?   ?   B . n 
B 1 14  SER 14  14  ?   ?   ?   B . n 
B 1 15  THR 15  15  ?   ?   ?   B . n 
B 1 16  GLY 16  16  ?   ?   ?   B . n 
B 1 17  VAL 17  17  ?   ?   ?   B . n 
B 1 18  CYS 18  18  ?   ?   ?   B . n 
B 1 19  GLY 19  19  ?   ?   ?   B . n 
B 1 20  THR 20  20  ?   ?   ?   B . n 
B 1 21  ASP 21  21  ?   ?   ?   B . n 
B 1 22  VAL 22  22  ?   ?   ?   B . n 
B 1 23  ASP 23  23  23  ASP ASP B . n 
B 1 24  GLN 24  24  24  GLN GLN B . n 
B 1 25  ALA 25  25  25  ALA ALA B . n 
B 1 26  LEU 26  26  26  LEU LEU B . n 
B 1 27  VAL 27  27  27  VAL VAL B . n 
B 1 28  ASP 28  28  28  ASP ASP B . n 
B 1 29  PHE 29  29  29  PHE PHE B . n 
B 1 30  SER 30  30  30  SER SER B . n 
B 1 31  THR 31  31  31  THR THR B . n 
B 1 32  ASP 32  32  32  ASP ASP B . n 
B 1 33  VAL 33  33  33  VAL VAL B . n 
B 1 34  GLN 34  34  34  GLN GLN B . n 
B 1 35  TRP 35  35  35  TRP TRP B . n 
B 1 36  LEU 36  36  36  LEU LEU B . n 
B 1 37  LYS 37  37  37  LYS LYS B . n 
B 1 38  GLN 38  38  38  GLN GLN B . n 
B 1 39  SER 39  39  39  SER SER B . n 
B 1 40  GLY 40  40  40  GLY GLY B . n 
B 1 41  VAL 41  41  41  VAL VAL B . n 
B 1 42  GLN 42  42  42  GLN GLN B . n 
B 1 43  ILE 43  43  43  ILE ILE B . n 
B 1 44  GLU 44  44  44  GLU GLU B . n 
B 1 45  ARG 45  45  45  ARG ARG B . n 
B 1 46  PHE 46  46  46  PHE PHE B . n 
B 1 47  ASN 47  47  47  ASN ASN B . n 
B 1 48  LEU 48  48  48  LEU LEU B . n 
B 1 49  ALA 49  49  49  ALA ALA B . n 
B 1 50  GLN 50  50  50  GLN GLN B . n 
B 1 51  GLN 51  51  51  GLN GLN B . n 
B 1 52  PRO 52  52  52  PRO PRO B . n 
B 1 53  MET 53  53  53  MET MET B . n 
B 1 54  SER 54  54  54  SER SER B . n 
B 1 55  PHE 55  55  55  PHE PHE B . n 
B 1 56  VAL 56  56  56  VAL VAL B . n 
B 1 57  GLN 57  57  57  GLN GLN B . n 
B 1 58  ASN 58  58  58  ASN ASN B . n 
B 1 59  GLU 59  59  59  GLU GLU B . n 
B 1 60  LYS 60  60  60  LYS LYS B . n 
B 1 61  VAL 61  61  61  VAL VAL B . n 
B 1 62  LYS 62  62  62  LYS LYS B . n 
B 1 63  ALA 63  63  63  ALA ALA B . n 
B 1 64  PHE 64  64  64  PHE PHE B . n 
B 1 65  ILE 65  65  65  ILE ILE B . n 
B 1 66  GLU 66  66  66  GLU GLU B . n 
B 1 67  ALA 67  67  67  ALA ALA B . n 
B 1 68  SER 68  68  68  SER SER B . n 
B 1 69  GLY 69  69  69  GLY GLY B . n 
B 1 70  ALA 70  70  70  ALA ALA B . n 
B 1 71  GLU 71  71  71  GLU GLU B . n 
B 1 72  GLY 72  72  72  GLY GLY B . n 
B 1 73  LEU 73  73  73  LEU LEU B . n 
B 1 74  PRO 74  74  74  PRO PRO B . n 
B 1 75  LEU 75  75  75  LEU LEU B . n 
B 1 76  LEU 76  76  76  LEU LEU B . n 
B 1 77  LEU 77  77  77  LEU LEU B . n 
B 1 78  LEU 78  78  78  LEU LEU B . n 
B 1 79  ASP 79  79  79  ASP ASP B . n 
B 1 80  GLY 80  80  80  GLY GLY B . n 
B 1 81  GLU 81  81  81  GLU GLU B . n 
B 1 82  THR 82  82  82  THR THR B . n 
B 1 83  VAL 83  83  83  VAL VAL B . n 
B 1 84  MET 84  84  84  MET MET B . n 
B 1 85  ALA 85  85  85  ALA ALA B . n 
B 1 86  GLY 86  86  86  GLY GLY B . n 
B 1 87  ARG 87  87  87  ARG ARG B . n 
B 1 88  TYR 88  88  88  TYR TYR B . n 
B 1 89  PRO 89  89  89  PRO PRO B . n 
B 1 90  LYS 90  90  90  LYS LYS B . n 
B 1 91  ARG 91  91  91  ARG ARG B . n 
B 1 92  ALA 92  92  92  ALA ALA B . n 
B 1 93  GLU 93  93  93  GLU GLU B . n 
B 1 94  LEU 94  94  94  LEU LEU B . n 
B 1 95  ALA 95  95  95  ALA ALA B . n 
B 1 96  ARG 96  96  96  ARG ARG B . n 
B 1 97  TRP 97  97  97  TRP TRP B . n 
B 1 98  PHE 98  98  98  PHE PHE B . n 
B 1 99  GLY 99  99  99  GLY GLY B . n 
B 1 100 ILE 100 100 100 ILE ILE B . n 
B 1 101 PRO 101 101 101 PRO PRO B . n 
B 1 102 LEU 102 102 102 LEU LEU B . n 
B 1 103 ASP 103 103 103 ASP ASP B . n 
B 1 104 LYS 104 104 104 LYS LYS B . n 
B 1 105 VAL 105 105 105 VAL VAL B . n 
B 1 106 GLY 106 106 106 GLY GLY B . n 
B 1 107 LEU 107 107 107 LEU LEU B . n 
B 1 108 ALA 108 108 108 ALA ALA B . n 
B 1 109 PRO 109 109 109 PRO PRO B . n 
B 1 110 GLY 110 110 ?   ?   ?   B . n 
# 
loop_
_pdbx_nonpoly_scheme.asym_id 
_pdbx_nonpoly_scheme.entity_id 
_pdbx_nonpoly_scheme.mon_id 
_pdbx_nonpoly_scheme.ndb_seq_num 
_pdbx_nonpoly_scheme.pdb_seq_num 
_pdbx_nonpoly_scheme.auth_seq_num 
_pdbx_nonpoly_scheme.pdb_mon_id 
_pdbx_nonpoly_scheme.auth_mon_id 
_pdbx_nonpoly_scheme.pdb_strand_id 
_pdbx_nonpoly_scheme.pdb_ins_code 
C 2 HOH 1   111 3   HOH HOH A . 
C 2 HOH 2   112 112 HOH HOH A . 
C 2 HOH 3   113 113 HOH HOH A . 
C 2 HOH 4   114 114 HOH HOH A . 
C 2 HOH 5   115 115 HOH HOH A . 
C 2 HOH 6   116 4   HOH HOH A . 
C 2 HOH 7   117 6   HOH HOH A . 
C 2 HOH 8   118 118 HOH HOH A . 
C 2 HOH 9   119 119 HOH HOH A . 
C 2 HOH 10  120 120 HOH HOH A . 
C 2 HOH 11  121 10  HOH HOH A . 
C 2 HOH 12  122 122 HOH HOH A . 
C 2 HOH 13  123 12  HOH HOH A . 
C 2 HOH 14  124 1   HOH HOH A . 
C 2 HOH 15  125 125 HOH HOH A . 
C 2 HOH 16  126 126 HOH HOH A . 
C 2 HOH 17  127 13  HOH HOH A . 
C 2 HOH 18  128 128 HOH HOH A . 
C 2 HOH 19  129 14  HOH HOH A . 
C 2 HOH 20  130 130 HOH HOH A . 
C 2 HOH 21  131 19  HOH HOH A . 
C 2 HOH 22  132 132 HOH HOH A . 
C 2 HOH 23  133 133 HOH HOH A . 
C 2 HOH 24  134 134 HOH HOH A . 
C 2 HOH 25  135 20  HOH HOH A . 
C 2 HOH 26  136 22  HOH HOH A . 
C 2 HOH 27  137 23  HOH HOH A . 
C 2 HOH 28  138 138 HOH HOH A . 
C 2 HOH 29  139 27  HOH HOH A . 
C 2 HOH 30  140 29  HOH HOH A . 
C 2 HOH 31  141 141 HOH HOH A . 
C 2 HOH 32  142 142 HOH HOH A . 
C 2 HOH 33  143 30  HOH HOH A . 
C 2 HOH 34  144 33  HOH HOH A . 
C 2 HOH 35  145 145 HOH HOH A . 
C 2 HOH 36  146 146 HOH HOH A . 
C 2 HOH 37  147 147 HOH HOH A . 
C 2 HOH 38  148 34  HOH HOH A . 
C 2 HOH 39  149 36  HOH HOH A . 
C 2 HOH 40  150 150 HOH HOH A . 
C 2 HOH 41  151 37  HOH HOH A . 
C 2 HOH 42  152 41  HOH HOH A . 
C 2 HOH 43  153 42  HOH HOH A . 
C 2 HOH 44  154 43  HOH HOH A . 
C 2 HOH 45  155 45  HOH HOH A . 
C 2 HOH 46  156 156 HOH HOH A . 
C 2 HOH 47  157 48  HOH HOH A . 
C 2 HOH 48  158 49  HOH HOH A . 
C 2 HOH 49  159 159 HOH HOH A . 
C 2 HOH 50  160 50  HOH HOH A . 
C 2 HOH 51  161 161 HOH HOH A . 
C 2 HOH 52  162 51  HOH HOH A . 
C 2 HOH 53  163 54  HOH HOH A . 
C 2 HOH 54  164 164 HOH HOH A . 
C 2 HOH 55  165 165 HOH HOH A . 
C 2 HOH 56  166 55  HOH HOH A . 
C 2 HOH 57  167 167 HOH HOH A . 
C 2 HOH 58  168 168 HOH HOH A . 
C 2 HOH 59  169 169 HOH HOH A . 
C 2 HOH 60  170 58  HOH HOH A . 
C 2 HOH 61  171 171 HOH HOH A . 
C 2 HOH 62  172 172 HOH HOH A . 
C 2 HOH 63  173 173 HOH HOH A . 
C 2 HOH 64  174 174 HOH HOH A . 
C 2 HOH 65  175 62  HOH HOH A . 
C 2 HOH 66  176 176 HOH HOH A . 
C 2 HOH 67  177 177 HOH HOH A . 
C 2 HOH 68  178 178 HOH HOH A . 
C 2 HOH 69  179 179 HOH HOH A . 
C 2 HOH 70  180 63  HOH HOH A . 
C 2 HOH 71  181 181 HOH HOH A . 
C 2 HOH 72  182 182 HOH HOH A . 
C 2 HOH 73  183 183 HOH HOH A . 
C 2 HOH 74  184 69  HOH HOH A . 
C 2 HOH 75  185 185 HOH HOH A . 
C 2 HOH 76  186 186 HOH HOH A . 
C 2 HOH 77  187 187 HOH HOH A . 
C 2 HOH 78  188 72  HOH HOH A . 
C 2 HOH 79  189 74  HOH HOH A . 
C 2 HOH 80  190 75  HOH HOH A . 
C 2 HOH 81  191 191 HOH HOH A . 
C 2 HOH 82  192 78  HOH HOH A . 
C 2 HOH 83  193 193 HOH HOH A . 
C 2 HOH 84  194 79  HOH HOH A . 
C 2 HOH 85  195 80  HOH HOH A . 
C 2 HOH 86  196 196 HOH HOH A . 
C 2 HOH 87  197 197 HOH HOH A . 
C 2 HOH 88  198 84  HOH HOH A . 
C 2 HOH 89  199 85  HOH HOH A . 
C 2 HOH 90  200 200 HOH HOH A . 
C 2 HOH 91  201 86  HOH HOH A . 
C 2 HOH 92  202 91  HOH HOH A . 
C 2 HOH 93  203 203 HOH HOH A . 
C 2 HOH 94  204 204 HOH HOH A . 
C 2 HOH 95  205 205 HOH HOH A . 
C 2 HOH 96  206 206 HOH HOH A . 
C 2 HOH 97  207 92  HOH HOH A . 
C 2 HOH 98  208 93  HOH HOH A . 
C 2 HOH 99  209 209 HOH HOH A . 
C 2 HOH 100 210 210 HOH HOH A . 
C 2 HOH 101 211 94  HOH HOH A . 
C 2 HOH 102 212 96  HOH HOH A . 
C 2 HOH 103 213 97  HOH HOH A . 
C 2 HOH 104 215 215 HOH HOH A . 
C 2 HOH 105 216 216 HOH HOH A . 
C 2 HOH 106 217 217 HOH HOH A . 
C 2 HOH 107 218 101 HOH HOH A . 
C 2 HOH 108 219 219 HOH HOH A . 
C 2 HOH 109 220 220 HOH HOH A . 
C 2 HOH 110 221 102 HOH HOH A . 
C 2 HOH 111 222 103 HOH HOH A . 
C 2 HOH 112 223 106 HOH HOH A . 
C 2 HOH 113 224 108 HOH HOH A . 
C 2 HOH 114 227 227 HOH HOH A . 
C 2 HOH 115 228 228 HOH HOH A . 
C 2 HOH 116 229 229 HOH HOH A . 
C 2 HOH 117 230 230 HOH HOH A . 
C 2 HOH 118 239 239 HOH HOH A . 
C 2 HOH 119 240 240 HOH HOH A . 
C 2 HOH 120 242 242 HOH HOH A . 
C 2 HOH 121 243 243 HOH HOH A . 
C 2 HOH 122 244 244 HOH HOH A . 
C 2 HOH 123 245 245 HOH HOH A . 
C 2 HOH 124 246 246 HOH HOH A . 
C 2 HOH 125 247 247 HOH HOH A . 
C 2 HOH 126 248 248 HOH HOH A . 
C 2 HOH 127 250 250 HOH HOH A . 
C 2 HOH 128 254 254 HOH HOH A . 
C 2 HOH 129 255 255 HOH HOH A . 
C 2 HOH 130 257 257 HOH HOH A . 
C 2 HOH 131 260 260 HOH HOH A . 
C 2 HOH 132 261 261 HOH HOH A . 
C 2 HOH 133 262 262 HOH HOH A . 
C 2 HOH 134 263 263 HOH HOH A . 
C 2 HOH 135 266 266 HOH HOH A . 
C 2 HOH 136 267 267 HOH HOH A . 
C 2 HOH 137 268 268 HOH HOH A . 
D 2 HOH 1   111 111 HOH HOH B . 
D 2 HOH 2   112 2   HOH HOH B . 
D 2 HOH 3   113 5   HOH HOH B . 
D 2 HOH 4   114 7   HOH HOH B . 
D 2 HOH 5   115 8   HOH HOH B . 
D 2 HOH 6   116 116 HOH HOH B . 
D 2 HOH 7   117 117 HOH HOH B . 
D 2 HOH 8   118 9   HOH HOH B . 
D 2 HOH 9   119 11  HOH HOH B . 
D 2 HOH 10  120 15  HOH HOH B . 
D 2 HOH 11  121 121 HOH HOH B . 
D 2 HOH 12  122 16  HOH HOH B . 
D 2 HOH 13  123 123 HOH HOH B . 
D 2 HOH 14  124 124 HOH HOH B . 
D 2 HOH 15  125 18  HOH HOH B . 
D 2 HOH 16  126 21  HOH HOH B . 
D 2 HOH 17  127 127 HOH HOH B . 
D 2 HOH 18  128 24  HOH HOH B . 
D 2 HOH 19  129 129 HOH HOH B . 
D 2 HOH 20  130 25  HOH HOH B . 
D 2 HOH 21  131 131 HOH HOH B . 
D 2 HOH 22  132 26  HOH HOH B . 
D 2 HOH 23  133 28  HOH HOH B . 
D 2 HOH 24  134 31  HOH HOH B . 
D 2 HOH 25  135 135 HOH HOH B . 
D 2 HOH 26  136 136 HOH HOH B . 
D 2 HOH 27  137 137 HOH HOH B . 
D 2 HOH 28  138 32  HOH HOH B . 
D 2 HOH 29  139 139 HOH HOH B . 
D 2 HOH 30  140 140 HOH HOH B . 
D 2 HOH 31  141 35  HOH HOH B . 
D 2 HOH 32  142 38  HOH HOH B . 
D 2 HOH 33  143 143 HOH HOH B . 
D 2 HOH 34  144 144 HOH HOH B . 
D 2 HOH 35  145 39  HOH HOH B . 
D 2 HOH 36  146 40  HOH HOH B . 
D 2 HOH 37  147 44  HOH HOH B . 
D 2 HOH 38  148 148 HOH HOH B . 
D 2 HOH 39  149 149 HOH HOH B . 
D 2 HOH 40  150 46  HOH HOH B . 
D 2 HOH 41  151 151 HOH HOH B . 
D 2 HOH 42  152 152 HOH HOH B . 
D 2 HOH 43  153 153 HOH HOH B . 
D 2 HOH 44  154 154 HOH HOH B . 
D 2 HOH 45  155 155 HOH HOH B . 
D 2 HOH 46  156 47  HOH HOH B . 
D 2 HOH 47  157 157 HOH HOH B . 
D 2 HOH 48  158 158 HOH HOH B . 
D 2 HOH 49  159 52  HOH HOH B . 
D 2 HOH 50  160 160 HOH HOH B . 
D 2 HOH 51  161 53  HOH HOH B . 
D 2 HOH 52  162 162 HOH HOH B . 
D 2 HOH 53  163 163 HOH HOH B . 
D 2 HOH 54  164 56  HOH HOH B . 
D 2 HOH 55  165 57  HOH HOH B . 
D 2 HOH 56  166 166 HOH HOH B . 
D 2 HOH 57  167 59  HOH HOH B . 
D 2 HOH 58  168 60  HOH HOH B . 
D 2 HOH 59  169 61  HOH HOH B . 
D 2 HOH 60  170 170 HOH HOH B . 
D 2 HOH 61  171 64  HOH HOH B . 
D 2 HOH 62  172 65  HOH HOH B . 
D 2 HOH 63  173 66  HOH HOH B . 
D 2 HOH 64  174 67  HOH HOH B . 
D 2 HOH 65  175 175 HOH HOH B . 
D 2 HOH 66  176 68  HOH HOH B . 
D 2 HOH 67  177 70  HOH HOH B . 
D 2 HOH 68  178 71  HOH HOH B . 
D 2 HOH 69  179 73  HOH HOH B . 
D 2 HOH 70  180 180 HOH HOH B . 
D 2 HOH 71  181 76  HOH HOH B . 
D 2 HOH 72  182 77  HOH HOH B . 
D 2 HOH 73  183 81  HOH HOH B . 
D 2 HOH 74  184 184 HOH HOH B . 
D 2 HOH 75  185 82  HOH HOH B . 
D 2 HOH 76  186 83  HOH HOH B . 
D 2 HOH 77  187 87  HOH HOH B . 
D 2 HOH 78  188 188 HOH HOH B . 
D 2 HOH 79  189 189 HOH HOH B . 
D 2 HOH 80  190 190 HOH HOH B . 
D 2 HOH 81  191 88  HOH HOH B . 
D 2 HOH 82  192 192 HOH HOH B . 
D 2 HOH 83  193 89  HOH HOH B . 
D 2 HOH 84  194 194 HOH HOH B . 
D 2 HOH 85  195 195 HOH HOH B . 
D 2 HOH 86  196 90  HOH HOH B . 
D 2 HOH 87  197 95  HOH HOH B . 
D 2 HOH 88  198 198 HOH HOH B . 
D 2 HOH 89  199 199 HOH HOH B . 
D 2 HOH 90  200 99  HOH HOH B . 
D 2 HOH 91  201 201 HOH HOH B . 
D 2 HOH 92  202 202 HOH HOH B . 
D 2 HOH 93  203 100 HOH HOH B . 
D 2 HOH 94  204 104 HOH HOH B . 
D 2 HOH 95  205 105 HOH HOH B . 
D 2 HOH 96  206 107 HOH HOH B . 
D 2 HOH 97  207 207 HOH HOH B . 
D 2 HOH 98  208 208 HOH HOH B . 
D 2 HOH 99  209 109 HOH HOH B . 
D 2 HOH 100 210 17  HOH HOH B . 
D 2 HOH 101 211 211 HOH HOH B . 
D 2 HOH 102 212 212 HOH HOH B . 
D 2 HOH 103 213 213 HOH HOH B . 
D 2 HOH 104 214 98  HOH HOH B . 
D 2 HOH 105 215 214 HOH HOH B . 
D 2 HOH 106 216 110 HOH HOH B . 
D 2 HOH 107 218 218 HOH HOH B . 
D 2 HOH 108 221 221 HOH HOH B . 
D 2 HOH 109 222 222 HOH HOH B . 
D 2 HOH 110 223 223 HOH HOH B . 
D 2 HOH 111 224 224 HOH HOH B . 
D 2 HOH 112 225 225 HOH HOH B . 
D 2 HOH 113 226 226 HOH HOH B . 
D 2 HOH 114 231 231 HOH HOH B . 
D 2 HOH 115 232 232 HOH HOH B . 
D 2 HOH 116 233 233 HOH HOH B . 
D 2 HOH 117 234 234 HOH HOH B . 
D 2 HOH 118 235 235 HOH HOH B . 
D 2 HOH 119 236 236 HOH HOH B . 
D 2 HOH 120 237 237 HOH HOH B . 
D 2 HOH 121 238 238 HOH HOH B . 
D 2 HOH 122 241 241 HOH HOH B . 
D 2 HOH 123 249 249 HOH HOH B . 
D 2 HOH 124 251 251 HOH HOH B . 
D 2 HOH 125 252 252 HOH HOH B . 
D 2 HOH 126 253 253 HOH HOH B . 
D 2 HOH 127 256 256 HOH HOH B . 
D 2 HOH 128 258 258 HOH HOH B . 
D 2 HOH 129 259 259 HOH HOH B . 
D 2 HOH 130 264 264 HOH HOH B . 
D 2 HOH 131 265 265 HOH HOH B . 
# 
loop_
_software.name 
_software.classification 
_software.version 
_software.citation_id 
_software.pdbx_ordinal 
ADSC   'data collection' Quantum  ? 1 
SOLVE  phasing           .        ? 2 
REFMAC refinement        5.5.0046 ? 3 
MOSFLM 'data reduction'  .        ? 4 
SCALA  'data scaling'    .        ? 5 
# 
_cell.entry_id           3KGK 
_cell.length_a           37.841 
_cell.length_b           73.774 
_cell.length_c           41.248 
_cell.angle_alpha        90.00 
_cell.angle_beta         97.30 
_cell.angle_gamma        90.00 
_cell.Z_PDB              4 
_cell.pdbx_unique_axis   ? 
_cell.length_a_esd       ? 
_cell.length_b_esd       ? 
_cell.length_c_esd       ? 
_cell.angle_alpha_esd    ? 
_cell.angle_beta_esd     ? 
_cell.angle_gamma_esd    ? 
# 
_symmetry.entry_id                         3KGK 
_symmetry.space_group_name_H-M             'P 1 21 1' 
_symmetry.pdbx_full_space_group_name_H-M   ? 
_symmetry.cell_setting                     ? 
_symmetry.Int_Tables_number                4 
_symmetry.space_group_name_Hall            ? 
# 
_exptl.entry_id          3KGK 
_exptl.method            'X-RAY DIFFRACTION' 
_exptl.crystals_number   1 
# 
_exptl_crystal.id                    1 
_exptl_crystal.density_meas          ? 
_exptl_crystal.density_Matthews      2.40 
_exptl_crystal.density_percent_sol   48.81 
_exptl_crystal.description           ? 
_exptl_crystal.F_000                 ? 
_exptl_crystal.preparation           ? 
# 
_exptl_crystal_grow.crystal_id      1 
_exptl_crystal_grow.method          'VAPOR DIFFUSION, HANGING DROP' 
_exptl_crystal_grow.temp            293 
_exptl_crystal_grow.temp_details    ? 
_exptl_crystal_grow.pH              7.4 
_exptl_crystal_grow.pdbx_details    
'25% PEG 6000, 0.1 M calcium acetate, 0.1 M HEPES, pH 7.4, VAPOR DIFFUSION, HANGING DROP, temperature 293K' 
_exptl_crystal_grow.pdbx_pH_range   ? 
# 
_diffrn.id                     1 
_diffrn.ambient_temp           100 
_diffrn.ambient_temp_details   ? 
_diffrn.crystal_id             1 
# 
_diffrn_detector.diffrn_id              1 
_diffrn_detector.detector               CCD 
_diffrn_detector.type                   'ADSC QUANTUM 210' 
_diffrn_detector.pdbx_collection_date   2007-07-13 
_diffrn_detector.details                mirrors 
# 
_diffrn_radiation.diffrn_id                        1 
_diffrn_radiation.wavelength_id                    1 
_diffrn_radiation.pdbx_monochromatic_or_laue_m_l   M 
_diffrn_radiation.monochromator                    GRAPHITE 
_diffrn_radiation.pdbx_diffrn_protocol             'SINGLE WAVELENGTH' 
_diffrn_radiation.pdbx_scattering_type             x-ray 
# 
_diffrn_radiation_wavelength.id           1 
_diffrn_radiation_wavelength.wavelength   1.0 
_diffrn_radiation_wavelength.wt           1.0 
# 
_diffrn_source.diffrn_id                   1 
_diffrn_source.source                      SYNCHROTRON 
_diffrn_source.type                        'APS BEAMLINE 32-ID' 
_diffrn_source.pdbx_synchrotron_site       APS 
_diffrn_source.pdbx_synchrotron_beamline   32-ID 
_diffrn_source.pdbx_wavelength             ? 
_diffrn_source.pdbx_wavelength_list        1.0 
# 
_reflns.entry_id                     3KGK 
_reflns.observed_criterion_sigma_I   2.0 
_reflns.observed_criterion_sigma_F   2.0 
_reflns.d_resolution_low             40.9 
_reflns.d_resolution_high            1.4 
_reflns.number_obs                   43232 
_reflns.number_all                   44159 
_reflns.percent_possible_obs         97.9 
_reflns.pdbx_Rmerge_I_obs            ? 
_reflns.pdbx_Rsym_value              0.051 
_reflns.pdbx_netI_over_sigmaI        16.0 
_reflns.B_iso_Wilson_estimate        ? 
_reflns.pdbx_redundancy              4.2 
_reflns.R_free_details               ? 
_reflns.limit_h_max                  ? 
_reflns.limit_h_min                  ? 
_reflns.limit_k_max                  ? 
_reflns.limit_k_min                  ? 
_reflns.limit_l_max                  ? 
_reflns.limit_l_min                  ? 
_reflns.observed_criterion_F_max     ? 
_reflns.observed_criterion_F_min     ? 
_reflns.pdbx_chi_squared             ? 
_reflns.pdbx_scaling_rejects         ? 
_reflns.pdbx_ordinal                 1 
_reflns.pdbx_diffrn_id               1 
# 
_reflns_shell.d_res_high             1.4 
_reflns_shell.d_res_low              1.52 
_reflns_shell.percent_possible_all   97.3 
_reflns_shell.Rmerge_I_obs           ? 
_reflns_shell.pdbx_Rsym_value        0.438 
_reflns_shell.meanI_over_sigI_obs    3.1 
_reflns_shell.pdbx_redundancy        4.2 
_reflns_shell.percent_possible_obs   ? 
_reflns_shell.number_unique_all      6273 
_reflns_shell.number_measured_all    ? 
_reflns_shell.number_measured_obs    ? 
_reflns_shell.number_unique_obs      ? 
_reflns_shell.pdbx_chi_squared       ? 
_reflns_shell.pdbx_ordinal           1 
_reflns_shell.pdbx_diffrn_id         1 
# 
_refine.entry_id                                 3KGK 
_refine.ls_number_reflns_obs                     41036 
_refine.ls_number_reflns_all                     ? 
_refine.pdbx_ls_sigma_I                          ? 
_refine.pdbx_ls_sigma_F                          ? 
_refine.pdbx_data_cutoff_high_absF               ? 
_refine.pdbx_data_cutoff_low_absF                ? 
_refine.pdbx_data_cutoff_high_rms_absF           ? 
_refine.ls_d_res_low                             35.78 
_refine.ls_d_res_high                            1.40 
_refine.ls_percent_reflns_obs                    97.68 
_refine.ls_R_factor_obs                          0.19348 
_refine.ls_R_factor_all                          ? 
_refine.ls_R_factor_R_work                       0.19212 
_refine.ls_R_factor_R_free                       0.21912 
_refine.ls_R_factor_R_free_error                 ? 
_refine.ls_R_factor_R_free_error_details         ? 
_refine.ls_percent_reflns_R_free                 5.0 
_refine.ls_number_reflns_R_free                  2171 
_refine.ls_number_parameters                     ? 
_refine.ls_number_restraints                     ? 
_refine.occupancy_min                            ? 
_refine.occupancy_max                            ? 
_refine.correlation_coeff_Fo_to_Fc               0.960 
_refine.correlation_coeff_Fo_to_Fc_free          0.945 
_refine.B_iso_mean                               16.299 
_refine.aniso_B[1][1]                            -0.25 
_refine.aniso_B[2][2]                            -0.18 
_refine.aniso_B[3][3]                            0.48 
_refine.aniso_B[1][2]                            0.00 
_refine.aniso_B[1][3]                            0.18 
_refine.aniso_B[2][3]                            0.00 
_refine.solvent_model_details                    MASK 
_refine.solvent_model_param_ksol                 ? 
_refine.solvent_model_param_bsol                 ? 
_refine.pdbx_solvent_vdw_probe_radii             1.20 
_refine.pdbx_solvent_ion_probe_radii             0.80 
_refine.pdbx_solvent_shrinkage_radii             0.80 
_refine.pdbx_ls_cross_valid_method               THROUGHOUT 
_refine.details                                  'HYDROGENS HAVE BEEN ADDED IN THE RIDING POSITIONS' 
_refine.pdbx_starting_model                      ? 
_refine.pdbx_method_to_determine_struct          SAD 
_refine.pdbx_isotropic_thermal_model             Isotropic 
_refine.pdbx_stereochemistry_target_values       'MAXIMUM LIKELIHOOD' 
_refine.pdbx_stereochem_target_val_spec_case     ? 
_refine.pdbx_R_Free_selection_details            RANDOM 
_refine.pdbx_overall_ESU_R                       0.063 
_refine.pdbx_overall_ESU_R_Free                  0.065 
_refine.overall_SU_ML                            0.039 
_refine.overall_SU_B                             2.167 
_refine.ls_redundancy_reflns_obs                 ? 
_refine.B_iso_min                                ? 
_refine.B_iso_max                                ? 
_refine.overall_SU_R_Cruickshank_DPI             ? 
_refine.overall_SU_R_free                        ? 
_refine.ls_wR_factor_R_free                      ? 
_refine.ls_wR_factor_R_work                      ? 
_refine.overall_FOM_free_R_set                   ? 
_refine.overall_FOM_work_R_set                   ? 
_refine.pdbx_overall_phase_error                 ? 
_refine.pdbx_refine_id                           'X-RAY DIFFRACTION' 
_refine.pdbx_TLS_residual_ADP_flag               'LIKELY RESIDUAL' 
_refine.pdbx_diffrn_id                           1 
_refine.pdbx_overall_SU_R_free_Cruickshank_DPI   ? 
_refine.pdbx_overall_SU_R_Blow_DPI               ? 
_refine.pdbx_overall_SU_R_free_Blow_DPI          ? 
# 
_refine_hist.pdbx_refine_id                   'X-RAY DIFFRACTION' 
_refine_hist.cycle_id                         LAST 
_refine_hist.pdbx_number_atoms_protein        1492 
_refine_hist.pdbx_number_atoms_nucleic_acid   0 
_refine_hist.pdbx_number_atoms_ligand         0 
_refine_hist.number_atoms_solvent             268 
_refine_hist.number_atoms_total               1760 
_refine_hist.d_res_high                       1.40 
_refine_hist.d_res_low                        35.78 
# 
loop_
_refine_ls_restr.type 
_refine_ls_restr.dev_ideal 
_refine_ls_restr.dev_ideal_target 
_refine_ls_restr.weight 
_refine_ls_restr.number 
_refine_ls_restr.pdbx_refine_id 
_refine_ls_restr.pdbx_restraint_function 
r_bond_refined_d       0.008  0.022  ? 1521 'X-RAY DIFFRACTION' ? 
r_angle_refined_deg    1.157  1.976  ? 2052 'X-RAY DIFFRACTION' ? 
r_dihedral_angle_1_deg 5.099  5.000  ? 186  'X-RAY DIFFRACTION' ? 
r_dihedral_angle_2_deg 41.808 24.925 ? 67   'X-RAY DIFFRACTION' ? 
r_dihedral_angle_3_deg 12.243 15.000 ? 272  'X-RAY DIFFRACTION' ? 
r_dihedral_angle_4_deg 21.170 15.000 ? 8    'X-RAY DIFFRACTION' ? 
r_chiral_restr         0.080  0.200  ? 228  'X-RAY DIFFRACTION' ? 
r_gen_planes_refined   0.005  0.021  ? 1132 'X-RAY DIFFRACTION' ? 
r_mcbond_it            0.651  1.500  ? 944  'X-RAY DIFFRACTION' ? 
r_mcangle_it           1.244  2.000  ? 1511 'X-RAY DIFFRACTION' ? 
r_scbond_it            1.909  3.000  ? 577  'X-RAY DIFFRACTION' ? 
r_scangle_it           3.181  4.500  ? 541  'X-RAY DIFFRACTION' ? 
# 
_refine_ls_shell.pdbx_total_number_of_bins_used   20 
_refine_ls_shell.d_res_high                       1.400 
_refine_ls_shell.d_res_low                        1.436 
_refine_ls_shell.number_reflns_R_work             3026 
_refine_ls_shell.R_factor_R_work                  0.277 
_refine_ls_shell.percent_reflns_obs               97.25 
_refine_ls_shell.R_factor_R_free                  0.281 
_refine_ls_shell.R_factor_R_free_error            ? 
_refine_ls_shell.percent_reflns_R_free            ? 
_refine_ls_shell.number_reflns_R_free             162 
_refine_ls_shell.number_reflns_all                ? 
_refine_ls_shell.R_factor_all                     ? 
_refine_ls_shell.number_reflns_obs                ? 
_refine_ls_shell.redundancy_reflns_obs            ? 
_refine_ls_shell.pdbx_refine_id                   'X-RAY DIFFRACTION' 
# 
_struct.entry_id                  3KGK 
_struct.title                     'Crystal structure of ArsD' 
_struct.pdbx_model_details        ? 
_struct.pdbx_CASP_flag            ? 
_struct.pdbx_model_type_details   ? 
# 
_struct_keywords.entry_id        3KGK 
_struct_keywords.pdbx_keywords   CHAPERONE 
_struct_keywords.text            
'alpha+beta, Arsenical resistance, Chaperone, DNA-binding, Repressor, Transcription, Transcription regulation' 
# 
loop_
_struct_asym.id 
_struct_asym.pdbx_blank_PDB_chainid_flag 
_struct_asym.pdbx_modified 
_struct_asym.entity_id 
_struct_asym.details 
A N N 1 ? 
B N N 1 ? 
C N N 2 ? 
D N N 2 ? 
# 
_struct_ref.id                         1 
_struct_ref.db_name                    UNP 
_struct_ref.db_code                    ARSD1_ECOLX 
_struct_ref.pdbx_db_accession          P46003 
_struct_ref.entity_id                  1 
_struct_ref.pdbx_seq_one_letter_code   
;MKTLMVFDPAMCCSTGVCGTDVDQALVDFSTDVQWLKQCGVQIERFNLAQQPMSFVQNEKVKAFIEASGAEGLPLLLLDG
ETVMAGRYPKRAELARWFGIPLDKVGLAP
;
_struct_ref.pdbx_align_begin           1 
_struct_ref.pdbx_db_isoform            ? 
# 
loop_
_struct_ref_seq.align_id 
_struct_ref_seq.ref_id 
_struct_ref_seq.pdbx_PDB_id_code 
_struct_ref_seq.pdbx_strand_id 
_struct_ref_seq.seq_align_beg 
_struct_ref_seq.pdbx_seq_align_beg_ins_code 
_struct_ref_seq.seq_align_end 
_struct_ref_seq.pdbx_seq_align_end_ins_code 
_struct_ref_seq.pdbx_db_accession 
_struct_ref_seq.db_align_beg 
_struct_ref_seq.pdbx_db_align_beg_ins_code 
_struct_ref_seq.db_align_end 
_struct_ref_seq.pdbx_db_align_end_ins_code 
_struct_ref_seq.pdbx_auth_seq_align_beg 
_struct_ref_seq.pdbx_auth_seq_align_end 
1 1 3KGK A 1 ? 109 ? P46003 1 ? 109 ? 1 109 
2 1 3KGK B 1 ? 109 ? P46003 1 ? 109 ? 1 109 
# 
loop_
_struct_ref_seq_dif.align_id 
_struct_ref_seq_dif.pdbx_pdb_id_code 
_struct_ref_seq_dif.mon_id 
_struct_ref_seq_dif.pdbx_pdb_strand_id 
_struct_ref_seq_dif.seq_num 
_struct_ref_seq_dif.pdbx_pdb_ins_code 
_struct_ref_seq_dif.pdbx_seq_db_name 
_struct_ref_seq_dif.pdbx_seq_db_accession_code 
_struct_ref_seq_dif.db_mon_id 
_struct_ref_seq_dif.pdbx_seq_db_seq_num 
_struct_ref_seq_dif.details 
_struct_ref_seq_dif.pdbx_auth_seq_num 
_struct_ref_seq_dif.pdbx_ordinal 
1 3KGK ALA A 12  ? UNP P46003 CYS 12 'engineered mutation' 12  1 
1 3KGK ALA A 13  ? UNP P46003 CYS 13 'engineered mutation' 13  2 
1 3KGK SER A 39  ? UNP P46003 CYS 39 'engineered mutation' 39  3 
1 3KGK GLY A 110 ? UNP P46003 ?   ?  'expression tag'      110 4 
2 3KGK ALA B 12  ? UNP P46003 CYS 12 'engineered mutation' 12  5 
2 3KGK ALA B 13  ? UNP P46003 CYS 13 'engineered mutation' 13  6 
2 3KGK SER B 39  ? UNP P46003 CYS 39 'engineered mutation' 39  7 
2 3KGK GLY B 110 ? UNP P46003 ?   ?  'expression tag'      110 8 
# 
_pdbx_struct_assembly.id                   1 
_pdbx_struct_assembly.details              author_defined_assembly 
_pdbx_struct_assembly.method_details       ? 
_pdbx_struct_assembly.oligomeric_details   dimeric 
_pdbx_struct_assembly.oligomeric_count     2 
# 
_pdbx_struct_assembly_gen.assembly_id       1 
_pdbx_struct_assembly_gen.oper_expression   1 
_pdbx_struct_assembly_gen.asym_id_list      A,B,C,D 
# 
_pdbx_struct_oper_list.id                   1 
_pdbx_struct_oper_list.type                 'identity operation' 
_pdbx_struct_oper_list.name                 1_555 
_pdbx_struct_oper_list.symmetry_operation   x,y,z 
_pdbx_struct_oper_list.matrix[1][1]         1.0000000000 
_pdbx_struct_oper_list.matrix[1][2]         0.0000000000 
_pdbx_struct_oper_list.matrix[1][3]         0.0000000000 
_pdbx_struct_oper_list.vector[1]            0.0000000000 
_pdbx_struct_oper_list.matrix[2][1]         0.0000000000 
_pdbx_struct_oper_list.matrix[2][2]         1.0000000000 
_pdbx_struct_oper_list.matrix[2][3]         0.0000000000 
_pdbx_struct_oper_list.vector[2]            0.0000000000 
_pdbx_struct_oper_list.matrix[3][1]         0.0000000000 
_pdbx_struct_oper_list.matrix[3][2]         0.0000000000 
_pdbx_struct_oper_list.matrix[3][3]         1.0000000000 
_pdbx_struct_oper_list.vector[3]            0.0000000000 
# 
_struct_biol.id        1 
_struct_biol.details   ? 
# 
loop_
_struct_conf.conf_type_id 
_struct_conf.id 
_struct_conf.pdbx_PDB_helix_id 
_struct_conf.beg_label_comp_id 
_struct_conf.beg_label_asym_id 
_struct_conf.beg_label_seq_id 
_struct_conf.pdbx_beg_PDB_ins_code 
_struct_conf.end_label_comp_id 
_struct_conf.end_label_asym_id 
_struct_conf.end_label_seq_id 
_struct_conf.pdbx_end_PDB_ins_code 
_struct_conf.beg_auth_comp_id 
_struct_conf.beg_auth_asym_id 
_struct_conf.beg_auth_seq_id 
_struct_conf.end_auth_comp_id 
_struct_conf.end_auth_asym_id 
_struct_conf.end_auth_seq_id 
_struct_conf.pdbx_PDB_helix_class 
_struct_conf.details 
_struct_conf.pdbx_PDB_helix_length 
HELX_P HELX_P1  1  GLN A 24  ? GLY A 40  ? GLN A 24  GLY A 40  1 ? 17 
HELX_P HELX_P2  2  MET A 53  ? ASN A 58  ? MET A 53  ASN A 58  1 ? 6  
HELX_P HELX_P3  3  ASN A 58  ? GLY A 69  ? ASN A 58  GLY A 69  1 ? 12 
HELX_P HELX_P4  4  ALA A 70  ? LEU A 73  ? ALA A 70  LEU A 73  5 ? 4  
HELX_P HELX_P5  5  LYS A 90  ? GLY A 99  ? LYS A 90  GLY A 99  1 ? 10 
HELX_P HELX_P6  6  ASP B 23  ? SER B 39  ? ASP B 23  SER B 39  1 ? 17 
HELX_P HELX_P7  7  MET B 53  ? ASN B 58  ? MET B 53  ASN B 58  1 ? 6  
HELX_P HELX_P8  8  ASN B 58  ? GLY B 69  ? ASN B 58  GLY B 69  1 ? 12 
HELX_P HELX_P9  9  ALA B 70  ? LEU B 73  ? ALA B 70  LEU B 73  5 ? 4  
HELX_P HELX_P10 10 LYS B 90  ? GLY B 99  ? LYS B 90  GLY B 99  1 ? 10 
HELX_P HELX_P11 11 PRO B 101 ? VAL B 105 ? PRO B 101 VAL B 105 5 ? 5  
# 
_struct_conf_type.id          HELX_P 
_struct_conf_type.criteria    ? 
_struct_conf_type.reference   ? 
# 
loop_
_struct_mon_prot_cis.pdbx_id 
_struct_mon_prot_cis.label_comp_id 
_struct_mon_prot_cis.label_seq_id 
_struct_mon_prot_cis.label_asym_id 
_struct_mon_prot_cis.label_alt_id 
_struct_mon_prot_cis.pdbx_PDB_ins_code 
_struct_mon_prot_cis.auth_comp_id 
_struct_mon_prot_cis.auth_seq_id 
_struct_mon_prot_cis.auth_asym_id 
_struct_mon_prot_cis.pdbx_label_comp_id_2 
_struct_mon_prot_cis.pdbx_label_seq_id_2 
_struct_mon_prot_cis.pdbx_label_asym_id_2 
_struct_mon_prot_cis.pdbx_PDB_ins_code_2 
_struct_mon_prot_cis.pdbx_auth_comp_id_2 
_struct_mon_prot_cis.pdbx_auth_seq_id_2 
_struct_mon_prot_cis.pdbx_auth_asym_id_2 
_struct_mon_prot_cis.pdbx_PDB_model_num 
_struct_mon_prot_cis.pdbx_omega_angle 
1 LEU 73 A . ? LEU 73 A PRO 74 A ? PRO 74 A 1 5.05 
2 LEU 73 B . ? LEU 73 B PRO 74 B ? PRO 74 B 1 4.39 
# 
loop_
_struct_sheet.id 
_struct_sheet.type 
_struct_sheet.number_strands 
_struct_sheet.details 
A ? 4 ? 
B ? 4 ? 
# 
loop_
_struct_sheet_order.sheet_id 
_struct_sheet_order.range_id_1 
_struct_sheet_order.range_id_2 
_struct_sheet_order.offset 
_struct_sheet_order.sense 
A 1 2 ? parallel      
A 2 3 ? anti-parallel 
A 3 4 ? anti-parallel 
B 1 2 ? parallel      
B 2 3 ? anti-parallel 
B 3 4 ? anti-parallel 
# 
loop_
_struct_sheet_range.sheet_id 
_struct_sheet_range.id 
_struct_sheet_range.beg_label_comp_id 
_struct_sheet_range.beg_label_asym_id 
_struct_sheet_range.beg_label_seq_id 
_struct_sheet_range.pdbx_beg_PDB_ins_code 
_struct_sheet_range.end_label_comp_id 
_struct_sheet_range.end_label_asym_id 
_struct_sheet_range.end_label_seq_id 
_struct_sheet_range.pdbx_end_PDB_ins_code 
_struct_sheet_range.beg_auth_comp_id 
_struct_sheet_range.beg_auth_asym_id 
_struct_sheet_range.beg_auth_seq_id 
_struct_sheet_range.end_auth_comp_id 
_struct_sheet_range.end_auth_asym_id 
_struct_sheet_range.end_auth_seq_id 
A 1 ILE A 43 ? ASN A 47 ? ILE A 43 ASN A 47 
A 2 LEU A 4  ? ASP A 8  ? LEU A 4  ASP A 8  
A 3 LEU A 75 ? LEU A 78 ? LEU A 75 LEU A 78 
A 4 GLU A 81 ? ALA A 85 ? GLU A 81 ALA A 85 
B 1 GLN B 42 ? ASN B 47 ? GLN B 42 ASN B 47 
B 2 THR B 3  ? ASP B 8  ? THR B 3  ASP B 8  
B 3 LEU B 75 ? LEU B 78 ? LEU B 75 LEU B 78 
B 4 GLU B 81 ? ALA B 85 ? GLU B 81 ALA B 85 
# 
loop_
_pdbx_struct_sheet_hbond.sheet_id 
_pdbx_struct_sheet_hbond.range_id_1 
_pdbx_struct_sheet_hbond.range_id_2 
_pdbx_struct_sheet_hbond.range_1_label_atom_id 
_pdbx_struct_sheet_hbond.range_1_label_comp_id 
_pdbx_struct_sheet_hbond.range_1_label_asym_id 
_pdbx_struct_sheet_hbond.range_1_label_seq_id 
_pdbx_struct_sheet_hbond.range_1_PDB_ins_code 
_pdbx_struct_sheet_hbond.range_1_auth_atom_id 
_pdbx_struct_sheet_hbond.range_1_auth_comp_id 
_pdbx_struct_sheet_hbond.range_1_auth_asym_id 
_pdbx_struct_sheet_hbond.range_1_auth_seq_id 
_pdbx_struct_sheet_hbond.range_2_label_atom_id 
_pdbx_struct_sheet_hbond.range_2_label_comp_id 
_pdbx_struct_sheet_hbond.range_2_label_asym_id 
_pdbx_struct_sheet_hbond.range_2_label_seq_id 
_pdbx_struct_sheet_hbond.range_2_PDB_ins_code 
_pdbx_struct_sheet_hbond.range_2_auth_atom_id 
_pdbx_struct_sheet_hbond.range_2_auth_comp_id 
_pdbx_struct_sheet_hbond.range_2_auth_asym_id 
_pdbx_struct_sheet_hbond.range_2_auth_seq_id 
A 1 2 O PHE A 46 ? O PHE A 46 N ASP A 8  ? N ASP A 8  
A 2 3 N PHE A 7  ? N PHE A 7  O LEU A 75 ? O LEU A 75 
A 3 4 N LEU A 78 ? N LEU A 78 O GLU A 81 ? O GLU A 81 
B 1 2 O PHE B 46 ? O PHE B 46 N ASP B 8  ? N ASP B 8  
B 2 3 N MET B 5  ? N MET B 5  O LEU B 77 ? O LEU B 77 
B 3 4 N LEU B 78 ? N LEU B 78 O GLU B 81 ? O GLU B 81 
# 
loop_
_pdbx_refine_tls.pdbx_refine_id 
_pdbx_refine_tls.id 
_pdbx_refine_tls.details 
_pdbx_refine_tls.method 
_pdbx_refine_tls.origin_x 
_pdbx_refine_tls.origin_y 
_pdbx_refine_tls.origin_z 
_pdbx_refine_tls.T[1][1] 
_pdbx_refine_tls.T[2][2] 
_pdbx_refine_tls.T[3][3] 
_pdbx_refine_tls.T[1][2] 
_pdbx_refine_tls.T[1][3] 
_pdbx_refine_tls.T[2][3] 
_pdbx_refine_tls.L[1][1] 
_pdbx_refine_tls.L[2][2] 
_pdbx_refine_tls.L[3][3] 
_pdbx_refine_tls.L[1][2] 
_pdbx_refine_tls.L[1][3] 
_pdbx_refine_tls.L[2][3] 
_pdbx_refine_tls.S[1][1] 
_pdbx_refine_tls.S[1][2] 
_pdbx_refine_tls.S[1][3] 
_pdbx_refine_tls.S[2][1] 
_pdbx_refine_tls.S[2][2] 
_pdbx_refine_tls.S[2][3] 
_pdbx_refine_tls.S[3][1] 
_pdbx_refine_tls.S[3][2] 
_pdbx_refine_tls.S[3][3] 
'X-RAY DIFFRACTION' 1 ? refined 12.2847 1.7383  -4.2561 0.0133 0.0377 0.1151 0.0051  0.0344 0.0089 4.2017 9.3413  5.2651 4.7456  2.6109  5.3274  -0.0582 0.0105  0.0298  -0.0895 -0.1124 -0.1356 0.0555  0.1148  0.1705 
'X-RAY DIFFRACTION' 2 ? refined 8.7270  3.1091  -5.0634 0.0223 0.0210 0.0622 -0.0086 0.0137 0.0048 1.3958 2.3192  1.0450 -0.2308 -0.2088 -0.4738 -0.0963 0.1087  0.0458  -0.0261 0.0129  -0.1904 -0.0074 0.0629  0.0833 
'X-RAY DIFFRACTION' 3 ? refined -8.1296 -3.4423 8.0909  0.0603 0.0190 0.0513 0.0092  0.0465 0.0080 2.4867 15.7357 1.6666 -2.0479 0.4823  0.8104  0.0007  -0.1757 -0.0933 -0.1005 -0.0687 0.2748  0.1718  -0.0114 0.0681 
'X-RAY DIFFRACTION' 4 ? refined -9.2210 -2.8844 3.9687  0.0301 0.0150 0.0685 0.0131  0.0361 0.0097 2.0091 1.2450  1.0388 0.8835  0.2194  0.0890  -0.0583 -0.0060 -0.0246 0.0814  0.0401  0.1215  0.0146  -0.0534 0.0183 
# 
loop_
_pdbx_refine_tls_group.pdbx_refine_id 
_pdbx_refine_tls_group.id 
_pdbx_refine_tls_group.refine_tls_id 
_pdbx_refine_tls_group.beg_auth_asym_id 
_pdbx_refine_tls_group.beg_auth_seq_id 
_pdbx_refine_tls_group.beg_label_asym_id 
_pdbx_refine_tls_group.beg_label_seq_id 
_pdbx_refine_tls_group.end_auth_asym_id 
_pdbx_refine_tls_group.end_auth_seq_id 
_pdbx_refine_tls_group.end_label_asym_id 
_pdbx_refine_tls_group.end_label_seq_id 
_pdbx_refine_tls_group.selection 
_pdbx_refine_tls_group.selection_details 
'X-RAY DIFFRACTION' 1 1 A 1  ? ? A 10  ? ? ? ? 
'X-RAY DIFFRACTION' 2 2 A 24 ? ? A 105 ? ? ? ? 
'X-RAY DIFFRACTION' 3 3 B 1  ? ? B 10  ? ? ? ? 
'X-RAY DIFFRACTION' 4 4 B 23 ? ? B 109 ? ? ? ? 
# 
loop_
_pdbx_unobs_or_zero_occ_residues.id 
_pdbx_unobs_or_zero_occ_residues.PDB_model_num 
_pdbx_unobs_or_zero_occ_residues.polymer_flag 
_pdbx_unobs_or_zero_occ_residues.occupancy_flag 
_pdbx_unobs_or_zero_occ_residues.auth_asym_id 
_pdbx_unobs_or_zero_occ_residues.auth_comp_id 
_pdbx_unobs_or_zero_occ_residues.auth_seq_id 
_pdbx_unobs_or_zero_occ_residues.PDB_ins_code 
_pdbx_unobs_or_zero_occ_residues.label_asym_id 
_pdbx_unobs_or_zero_occ_residues.label_comp_id 
_pdbx_unobs_or_zero_occ_residues.label_seq_id 
1  1 Y 1 A MET 11  ? A MET 11  
2  1 Y 1 A ALA 12  ? A ALA 12  
3  1 Y 1 A ALA 13  ? A ALA 13  
4  1 Y 1 A SER 14  ? A SER 14  
5  1 Y 1 A THR 15  ? A THR 15  
6  1 Y 1 A GLY 16  ? A GLY 16  
7  1 Y 1 A VAL 17  ? A VAL 17  
8  1 Y 1 A CYS 18  ? A CYS 18  
9  1 Y 1 A GLY 19  ? A GLY 19  
10 1 Y 1 A THR 20  ? A THR 20  
11 1 Y 1 A ASP 21  ? A ASP 21  
12 1 Y 1 A VAL 22  ? A VAL 22  
13 1 Y 1 A ASP 23  ? A ASP 23  
14 1 Y 1 A GLY 106 ? A GLY 106 
15 1 Y 1 A LEU 107 ? A LEU 107 
16 1 Y 1 A ALA 108 ? A ALA 108 
17 1 Y 1 A PRO 109 ? A PRO 109 
18 1 Y 1 A GLY 110 ? A GLY 110 
19 1 Y 1 B ALA 12  ? B ALA 12  
20 1 Y 1 B ALA 13  ? B ALA 13  
21 1 Y 1 B SER 14  ? B SER 14  
22 1 Y 1 B THR 15  ? B THR 15  
23 1 Y 1 B GLY 16  ? B GLY 16  
24 1 Y 1 B VAL 17  ? B VAL 17  
25 1 Y 1 B CYS 18  ? B CYS 18  
26 1 Y 1 B GLY 19  ? B GLY 19  
27 1 Y 1 B THR 20  ? B THR 20  
28 1 Y 1 B ASP 21  ? B ASP 21  
29 1 Y 1 B VAL 22  ? B VAL 22  
30 1 Y 1 B GLY 110 ? B GLY 110 
# 
loop_
_chem_comp_atom.comp_id 
_chem_comp_atom.atom_id 
_chem_comp_atom.type_symbol 
_chem_comp_atom.pdbx_aromatic_flag 
_chem_comp_atom.pdbx_stereo_config 
_chem_comp_atom.pdbx_ordinal 
ALA N    N N N 1   
ALA CA   C N S 2   
ALA C    C N N 3   
ALA O    O N N 4   
ALA CB   C N N 5   
ALA OXT  O N N 6   
ALA H    H N N 7   
ALA H2   H N N 8   
ALA HA   H N N 9   
ALA HB1  H N N 10  
ALA HB2  H N N 11  
ALA HB3  H N N 12  
ALA HXT  H N N 13  
ARG N    N N N 14  
ARG CA   C N S 15  
ARG C    C N N 16  
ARG O    O N N 17  
ARG CB   C N N 18  
ARG CG   C N N 19  
ARG CD   C N N 20  
ARG NE   N N N 21  
ARG CZ   C N N 22  
ARG NH1  N N N 23  
ARG NH2  N N N 24  
ARG OXT  O N N 25  
ARG H    H N N 26  
ARG H2   H N N 27  
ARG HA   H N N 28  
ARG HB2  H N N 29  
ARG HB3  H N N 30  
ARG HG2  H N N 31  
ARG HG3  H N N 32  
ARG HD2  H N N 33  
ARG HD3  H N N 34  
ARG HE   H N N 35  
ARG HH11 H N N 36  
ARG HH12 H N N 37  
ARG HH21 H N N 38  
ARG HH22 H N N 39  
ARG HXT  H N N 40  
ASN N    N N N 41  
ASN CA   C N S 42  
ASN C    C N N 43  
ASN O    O N N 44  
ASN CB   C N N 45  
ASN CG   C N N 46  
ASN OD1  O N N 47  
ASN ND2  N N N 48  
ASN OXT  O N N 49  
ASN H    H N N 50  
ASN H2   H N N 51  
ASN HA   H N N 52  
ASN HB2  H N N 53  
ASN HB3  H N N 54  
ASN HD21 H N N 55  
ASN HD22 H N N 56  
ASN HXT  H N N 57  
ASP N    N N N 58  
ASP CA   C N S 59  
ASP C    C N N 60  
ASP O    O N N 61  
ASP CB   C N N 62  
ASP CG   C N N 63  
ASP OD1  O N N 64  
ASP OD2  O N N 65  
ASP OXT  O N N 66  
ASP H    H N N 67  
ASP H2   H N N 68  
ASP HA   H N N 69  
ASP HB2  H N N 70  
ASP HB3  H N N 71  
ASP HD2  H N N 72  
ASP HXT  H N N 73  
CYS N    N N N 74  
CYS CA   C N R 75  
CYS C    C N N 76  
CYS O    O N N 77  
CYS CB   C N N 78  
CYS SG   S N N 79  
CYS OXT  O N N 80  
CYS H    H N N 81  
CYS H2   H N N 82  
CYS HA   H N N 83  
CYS HB2  H N N 84  
CYS HB3  H N N 85  
CYS HG   H N N 86  
CYS HXT  H N N 87  
GLN N    N N N 88  
GLN CA   C N S 89  
GLN C    C N N 90  
GLN O    O N N 91  
GLN CB   C N N 92  
GLN CG   C N N 93  
GLN CD   C N N 94  
GLN OE1  O N N 95  
GLN NE2  N N N 96  
GLN OXT  O N N 97  
GLN H    H N N 98  
GLN H2   H N N 99  
GLN HA   H N N 100 
GLN HB2  H N N 101 
GLN HB3  H N N 102 
GLN HG2  H N N 103 
GLN HG3  H N N 104 
GLN HE21 H N N 105 
GLN HE22 H N N 106 
GLN HXT  H N N 107 
GLU N    N N N 108 
GLU CA   C N S 109 
GLU C    C N N 110 
GLU O    O N N 111 
GLU CB   C N N 112 
GLU CG   C N N 113 
GLU CD   C N N 114 
GLU OE1  O N N 115 
GLU OE2  O N N 116 
GLU OXT  O N N 117 
GLU H    H N N 118 
GLU H2   H N N 119 
GLU HA   H N N 120 
GLU HB2  H N N 121 
GLU HB3  H N N 122 
GLU HG2  H N N 123 
GLU HG3  H N N 124 
GLU HE2  H N N 125 
GLU HXT  H N N 126 
GLY N    N N N 127 
GLY CA   C N N 128 
GLY C    C N N 129 
GLY O    O N N 130 
GLY OXT  O N N 131 
GLY H    H N N 132 
GLY H2   H N N 133 
GLY HA2  H N N 134 
GLY HA3  H N N 135 
GLY HXT  H N N 136 
HOH O    O N N 137 
HOH H1   H N N 138 
HOH H2   H N N 139 
ILE N    N N N 140 
ILE CA   C N S 141 
ILE C    C N N 142 
ILE O    O N N 143 
ILE CB   C N S 144 
ILE CG1  C N N 145 
ILE CG2  C N N 146 
ILE CD1  C N N 147 
ILE OXT  O N N 148 
ILE H    H N N 149 
ILE H2   H N N 150 
ILE HA   H N N 151 
ILE HB   H N N 152 
ILE HG12 H N N 153 
ILE HG13 H N N 154 
ILE HG21 H N N 155 
ILE HG22 H N N 156 
ILE HG23 H N N 157 
ILE HD11 H N N 158 
ILE HD12 H N N 159 
ILE HD13 H N N 160 
ILE HXT  H N N 161 
LEU N    N N N 162 
LEU CA   C N S 163 
LEU C    C N N 164 
LEU O    O N N 165 
LEU CB   C N N 166 
LEU CG   C N N 167 
LEU CD1  C N N 168 
LEU CD2  C N N 169 
LEU OXT  O N N 170 
LEU H    H N N 171 
LEU H2   H N N 172 
LEU HA   H N N 173 
LEU HB2  H N N 174 
LEU HB3  H N N 175 
LEU HG   H N N 176 
LEU HD11 H N N 177 
LEU HD12 H N N 178 
LEU HD13 H N N 179 
LEU HD21 H N N 180 
LEU HD22 H N N 181 
LEU HD23 H N N 182 
LEU HXT  H N N 183 
LYS N    N N N 184 
LYS CA   C N S 185 
LYS C    C N N 186 
LYS O    O N N 187 
LYS CB   C N N 188 
LYS CG   C N N 189 
LYS CD   C N N 190 
LYS CE   C N N 191 
LYS NZ   N N N 192 
LYS OXT  O N N 193 
LYS H    H N N 194 
LYS H2   H N N 195 
LYS HA   H N N 196 
LYS HB2  H N N 197 
LYS HB3  H N N 198 
LYS HG2  H N N 199 
LYS HG3  H N N 200 
LYS HD2  H N N 201 
LYS HD3  H N N 202 
LYS HE2  H N N 203 
LYS HE3  H N N 204 
LYS HZ1  H N N 205 
LYS HZ2  H N N 206 
LYS HZ3  H N N 207 
LYS HXT  H N N 208 
MET N    N N N 209 
MET CA   C N S 210 
MET C    C N N 211 
MET O    O N N 212 
MET CB   C N N 213 
MET CG   C N N 214 
MET SD   S N N 215 
MET CE   C N N 216 
MET OXT  O N N 217 
MET H    H N N 218 
MET H2   H N N 219 
MET HA   H N N 220 
MET HB2  H N N 221 
MET HB3  H N N 222 
MET HG2  H N N 223 
MET HG3  H N N 224 
MET HE1  H N N 225 
MET HE2  H N N 226 
MET HE3  H N N 227 
MET HXT  H N N 228 
PHE N    N N N 229 
PHE CA   C N S 230 
PHE C    C N N 231 
PHE O    O N N 232 
PHE CB   C N N 233 
PHE CG   C Y N 234 
PHE CD1  C Y N 235 
PHE CD2  C Y N 236 
PHE CE1  C Y N 237 
PHE CE2  C Y N 238 
PHE CZ   C Y N 239 
PHE OXT  O N N 240 
PHE H    H N N 241 
PHE H2   H N N 242 
PHE HA   H N N 243 
PHE HB2  H N N 244 
PHE HB3  H N N 245 
PHE HD1  H N N 246 
PHE HD2  H N N 247 
PHE HE1  H N N 248 
PHE HE2  H N N 249 
PHE HZ   H N N 250 
PHE HXT  H N N 251 
PRO N    N N N 252 
PRO CA   C N S 253 
PRO C    C N N 254 
PRO O    O N N 255 
PRO CB   C N N 256 
PRO CG   C N N 257 
PRO CD   C N N 258 
PRO OXT  O N N 259 
PRO H    H N N 260 
PRO HA   H N N 261 
PRO HB2  H N N 262 
PRO HB3  H N N 263 
PRO HG2  H N N 264 
PRO HG3  H N N 265 
PRO HD2  H N N 266 
PRO HD3  H N N 267 
PRO HXT  H N N 268 
SER N    N N N 269 
SER CA   C N S 270 
SER C    C N N 271 
SER O    O N N 272 
SER CB   C N N 273 
SER OG   O N N 274 
SER OXT  O N N 275 
SER H    H N N 276 
SER H2   H N N 277 
SER HA   H N N 278 
SER HB2  H N N 279 
SER HB3  H N N 280 
SER HG   H N N 281 
SER HXT  H N N 282 
THR N    N N N 283 
THR CA   C N S 284 
THR C    C N N 285 
THR O    O N N 286 
THR CB   C N R 287 
THR OG1  O N N 288 
THR CG2  C N N 289 
THR OXT  O N N 290 
THR H    H N N 291 
THR H2   H N N 292 
THR HA   H N N 293 
THR HB   H N N 294 
THR HG1  H N N 295 
THR HG21 H N N 296 
THR HG22 H N N 297 
THR HG23 H N N 298 
THR HXT  H N N 299 
TRP N    N N N 300 
TRP CA   C N S 301 
TRP C    C N N 302 
TRP O    O N N 303 
TRP CB   C N N 304 
TRP CG   C Y N 305 
TRP CD1  C Y N 306 
TRP CD2  C Y N 307 
TRP NE1  N Y N 308 
TRP CE2  C Y N 309 
TRP CE3  C Y N 310 
TRP CZ2  C Y N 311 
TRP CZ3  C Y N 312 
TRP CH2  C Y N 313 
TRP OXT  O N N 314 
TRP H    H N N 315 
TRP H2   H N N 316 
TRP HA   H N N 317 
TRP HB2  H N N 318 
TRP HB3  H N N 319 
TRP HD1  H N N 320 
TRP HE1  H N N 321 
TRP HE3  H N N 322 
TRP HZ2  H N N 323 
TRP HZ3  H N N 324 
TRP HH2  H N N 325 
TRP HXT  H N N 326 
TYR N    N N N 327 
TYR CA   C N S 328 
TYR C    C N N 329 
TYR O    O N N 330 
TYR CB   C N N 331 
TYR CG   C Y N 332 
TYR CD1  C Y N 333 
TYR CD2  C Y N 334 
TYR CE1  C Y N 335 
TYR CE2  C Y N 336 
TYR CZ   C Y N 337 
TYR OH   O N N 338 
TYR OXT  O N N 339 
TYR H    H N N 340 
TYR H2   H N N 341 
TYR HA   H N N 342 
TYR HB2  H N N 343 
TYR HB3  H N N 344 
TYR HD1  H N N 345 
TYR HD2  H N N 346 
TYR HE1  H N N 347 
TYR HE2  H N N 348 
TYR HH   H N N 349 
TYR HXT  H N N 350 
VAL N    N N N 351 
VAL CA   C N S 352 
VAL C    C N N 353 
VAL O    O N N 354 
VAL CB   C N N 355 
VAL CG1  C N N 356 
VAL CG2  C N N 357 
VAL OXT  O N N 358 
VAL H    H N N 359 
VAL H2   H N N 360 
VAL HA   H N N 361 
VAL HB   H N N 362 
VAL HG11 H N N 363 
VAL HG12 H N N 364 
VAL HG13 H N N 365 
VAL HG21 H N N 366 
VAL HG22 H N N 367 
VAL HG23 H N N 368 
VAL HXT  H N N 369 
# 
loop_
_chem_comp_bond.comp_id 
_chem_comp_bond.atom_id_1 
_chem_comp_bond.atom_id_2 
_chem_comp_bond.value_order 
_chem_comp_bond.pdbx_aromatic_flag 
_chem_comp_bond.pdbx_stereo_config 
_chem_comp_bond.pdbx_ordinal 
ALA N   CA   sing N N 1   
ALA N   H    sing N N 2   
ALA N   H2   sing N N 3   
ALA CA  C    sing N N 4   
ALA CA  CB   sing N N 5   
ALA CA  HA   sing N N 6   
ALA C   O    doub N N 7   
ALA C   OXT  sing N N 8   
ALA CB  HB1  sing N N 9   
ALA CB  HB2  sing N N 10  
ALA CB  HB3  sing N N 11  
ALA OXT HXT  sing N N 12  
ARG N   CA   sing N N 13  
ARG N   H    sing N N 14  
ARG N   H2   sing N N 15  
ARG CA  C    sing N N 16  
ARG CA  CB   sing N N 17  
ARG CA  HA   sing N N 18  
ARG C   O    doub N N 19  
ARG C   OXT  sing N N 20  
ARG CB  CG   sing N N 21  
ARG CB  HB2  sing N N 22  
ARG CB  HB3  sing N N 23  
ARG CG  CD   sing N N 24  
ARG CG  HG2  sing N N 25  
ARG CG  HG3  sing N N 26  
ARG CD  NE   sing N N 27  
ARG CD  HD2  sing N N 28  
ARG CD  HD3  sing N N 29  
ARG NE  CZ   sing N N 30  
ARG NE  HE   sing N N 31  
ARG CZ  NH1  sing N N 32  
ARG CZ  NH2  doub N N 33  
ARG NH1 HH11 sing N N 34  
ARG NH1 HH12 sing N N 35  
ARG NH2 HH21 sing N N 36  
ARG NH2 HH22 sing N N 37  
ARG OXT HXT  sing N N 38  
ASN N   CA   sing N N 39  
ASN N   H    sing N N 40  
ASN N   H2   sing N N 41  
ASN CA  C    sing N N 42  
ASN CA  CB   sing N N 43  
ASN CA  HA   sing N N 44  
ASN C   O    doub N N 45  
ASN C   OXT  sing N N 46  
ASN CB  CG   sing N N 47  
ASN CB  HB2  sing N N 48  
ASN CB  HB3  sing N N 49  
ASN CG  OD1  doub N N 50  
ASN CG  ND2  sing N N 51  
ASN ND2 HD21 sing N N 52  
ASN ND2 HD22 sing N N 53  
ASN OXT HXT  sing N N 54  
ASP N   CA   sing N N 55  
ASP N   H    sing N N 56  
ASP N   H2   sing N N 57  
ASP CA  C    sing N N 58  
ASP CA  CB   sing N N 59  
ASP CA  HA   sing N N 60  
ASP C   O    doub N N 61  
ASP C   OXT  sing N N 62  
ASP CB  CG   sing N N 63  
ASP CB  HB2  sing N N 64  
ASP CB  HB3  sing N N 65  
ASP CG  OD1  doub N N 66  
ASP CG  OD2  sing N N 67  
ASP OD2 HD2  sing N N 68  
ASP OXT HXT  sing N N 69  
CYS N   CA   sing N N 70  
CYS N   H    sing N N 71  
CYS N   H2   sing N N 72  
CYS CA  C    sing N N 73  
CYS CA  CB   sing N N 74  
CYS CA  HA   sing N N 75  
CYS C   O    doub N N 76  
CYS C   OXT  sing N N 77  
CYS CB  SG   sing N N 78  
CYS CB  HB2  sing N N 79  
CYS CB  HB3  sing N N 80  
CYS SG  HG   sing N N 81  
CYS OXT HXT  sing N N 82  
GLN N   CA   sing N N 83  
GLN N   H    sing N N 84  
GLN N   H2   sing N N 85  
GLN CA  C    sing N N 86  
GLN CA  CB   sing N N 87  
GLN CA  HA   sing N N 88  
GLN C   O    doub N N 89  
GLN C   OXT  sing N N 90  
GLN CB  CG   sing N N 91  
GLN CB  HB2  sing N N 92  
GLN CB  HB3  sing N N 93  
GLN CG  CD   sing N N 94  
GLN CG  HG2  sing N N 95  
GLN CG  HG3  sing N N 96  
GLN CD  OE1  doub N N 97  
GLN CD  NE2  sing N N 98  
GLN NE2 HE21 sing N N 99  
GLN NE2 HE22 sing N N 100 
GLN OXT HXT  sing N N 101 
GLU N   CA   sing N N 102 
GLU N   H    sing N N 103 
GLU N   H2   sing N N 104 
GLU CA  C    sing N N 105 
GLU CA  CB   sing N N 106 
GLU CA  HA   sing N N 107 
GLU C   O    doub N N 108 
GLU C   OXT  sing N N 109 
GLU CB  CG   sing N N 110 
GLU CB  HB2  sing N N 111 
GLU CB  HB3  sing N N 112 
GLU CG  CD   sing N N 113 
GLU CG  HG2  sing N N 114 
GLU CG  HG3  sing N N 115 
GLU CD  OE1  doub N N 116 
GLU CD  OE2  sing N N 117 
GLU OE2 HE2  sing N N 118 
GLU OXT HXT  sing N N 119 
GLY N   CA   sing N N 120 
GLY N   H    sing N N 121 
GLY N   H2   sing N N 122 
GLY CA  C    sing N N 123 
GLY CA  HA2  sing N N 124 
GLY CA  HA3  sing N N 125 
GLY C   O    doub N N 126 
GLY C   OXT  sing N N 127 
GLY OXT HXT  sing N N 128 
HOH O   H1   sing N N 129 
HOH O   H2   sing N N 130 
ILE N   CA   sing N N 131 
ILE N   H    sing N N 132 
ILE N   H2   sing N N 133 
ILE CA  C    sing N N 134 
ILE CA  CB   sing N N 135 
ILE CA  HA   sing N N 136 
ILE C   O    doub N N 137 
ILE C   OXT  sing N N 138 
ILE CB  CG1  sing N N 139 
ILE CB  CG2  sing N N 140 
ILE CB  HB   sing N N 141 
ILE CG1 CD1  sing N N 142 
ILE CG1 HG12 sing N N 143 
ILE CG1 HG13 sing N N 144 
ILE CG2 HG21 sing N N 145 
ILE CG2 HG22 sing N N 146 
ILE CG2 HG23 sing N N 147 
ILE CD1 HD11 sing N N 148 
ILE CD1 HD12 sing N N 149 
ILE CD1 HD13 sing N N 150 
ILE OXT HXT  sing N N 151 
LEU N   CA   sing N N 152 
LEU N   H    sing N N 153 
LEU N   H2   sing N N 154 
LEU CA  C    sing N N 155 
LEU CA  CB   sing N N 156 
LEU CA  HA   sing N N 157 
LEU C   O    doub N N 158 
LEU C   OXT  sing N N 159 
LEU CB  CG   sing N N 160 
LEU CB  HB2  sing N N 161 
LEU CB  HB3  sing N N 162 
LEU CG  CD1  sing N N 163 
LEU CG  CD2  sing N N 164 
LEU CG  HG   sing N N 165 
LEU CD1 HD11 sing N N 166 
LEU CD1 HD12 sing N N 167 
LEU CD1 HD13 sing N N 168 
LEU CD2 HD21 sing N N 169 
LEU CD2 HD22 sing N N 170 
LEU CD2 HD23 sing N N 171 
LEU OXT HXT  sing N N 172 
LYS N   CA   sing N N 173 
LYS N   H    sing N N 174 
LYS N   H2   sing N N 175 
LYS CA  C    sing N N 176 
LYS CA  CB   sing N N 177 
LYS CA  HA   sing N N 178 
LYS C   O    doub N N 179 
LYS C   OXT  sing N N 180 
LYS CB  CG   sing N N 181 
LYS CB  HB2  sing N N 182 
LYS CB  HB3  sing N N 183 
LYS CG  CD   sing N N 184 
LYS CG  HG2  sing N N 185 
LYS CG  HG3  sing N N 186 
LYS CD  CE   sing N N 187 
LYS CD  HD2  sing N N 188 
LYS CD  HD3  sing N N 189 
LYS CE  NZ   sing N N 190 
LYS CE  HE2  sing N N 191 
LYS CE  HE3  sing N N 192 
LYS NZ  HZ1  sing N N 193 
LYS NZ  HZ2  sing N N 194 
LYS NZ  HZ3  sing N N 195 
LYS OXT HXT  sing N N 196 
MET N   CA   sing N N 197 
MET N   H    sing N N 198 
MET N   H2   sing N N 199 
MET CA  C    sing N N 200 
MET CA  CB   sing N N 201 
MET CA  HA   sing N N 202 
MET C   O    doub N N 203 
MET C   OXT  sing N N 204 
MET CB  CG   sing N N 205 
MET CB  HB2  sing N N 206 
MET CB  HB3  sing N N 207 
MET CG  SD   sing N N 208 
MET CG  HG2  sing N N 209 
MET CG  HG3  sing N N 210 
MET SD  CE   sing N N 211 
MET CE  HE1  sing N N 212 
MET CE  HE2  sing N N 213 
MET CE  HE3  sing N N 214 
MET OXT HXT  sing N N 215 
PHE N   CA   sing N N 216 
PHE N   H    sing N N 217 
PHE N   H2   sing N N 218 
PHE CA  C    sing N N 219 
PHE CA  CB   sing N N 220 
PHE CA  HA   sing N N 221 
PHE C   O    doub N N 222 
PHE C   OXT  sing N N 223 
PHE CB  CG   sing N N 224 
PHE CB  HB2  sing N N 225 
PHE CB  HB3  sing N N 226 
PHE CG  CD1  doub Y N 227 
PHE CG  CD2  sing Y N 228 
PHE CD1 CE1  sing Y N 229 
PHE CD1 HD1  sing N N 230 
PHE CD2 CE2  doub Y N 231 
PHE CD2 HD2  sing N N 232 
PHE CE1 CZ   doub Y N 233 
PHE CE1 HE1  sing N N 234 
PHE CE2 CZ   sing Y N 235 
PHE CE2 HE2  sing N N 236 
PHE CZ  HZ   sing N N 237 
PHE OXT HXT  sing N N 238 
PRO N   CA   sing N N 239 
PRO N   CD   sing N N 240 
PRO N   H    sing N N 241 
PRO CA  C    sing N N 242 
PRO CA  CB   sing N N 243 
PRO CA  HA   sing N N 244 
PRO C   O    doub N N 245 
PRO C   OXT  sing N N 246 
PRO CB  CG   sing N N 247 
PRO CB  HB2  sing N N 248 
PRO CB  HB3  sing N N 249 
PRO CG  CD   sing N N 250 
PRO CG  HG2  sing N N 251 
PRO CG  HG3  sing N N 252 
PRO CD  HD2  sing N N 253 
PRO CD  HD3  sing N N 254 
PRO OXT HXT  sing N N 255 
SER N   CA   sing N N 256 
SER N   H    sing N N 257 
SER N   H2   sing N N 258 
SER CA  C    sing N N 259 
SER CA  CB   sing N N 260 
SER CA  HA   sing N N 261 
SER C   O    doub N N 262 
SER C   OXT  sing N N 263 
SER CB  OG   sing N N 264 
SER CB  HB2  sing N N 265 
SER CB  HB3  sing N N 266 
SER OG  HG   sing N N 267 
SER OXT HXT  sing N N 268 
THR N   CA   sing N N 269 
THR N   H    sing N N 270 
THR N   H2   sing N N 271 
THR CA  C    sing N N 272 
THR CA  CB   sing N N 273 
THR CA  HA   sing N N 274 
THR C   O    doub N N 275 
THR C   OXT  sing N N 276 
THR CB  OG1  sing N N 277 
THR CB  CG2  sing N N 278 
THR CB  HB   sing N N 279 
THR OG1 HG1  sing N N 280 
THR CG2 HG21 sing N N 281 
THR CG2 HG22 sing N N 282 
THR CG2 HG23 sing N N 283 
THR OXT HXT  sing N N 284 
TRP N   CA   sing N N 285 
TRP N   H    sing N N 286 
TRP N   H2   sing N N 287 
TRP CA  C    sing N N 288 
TRP CA  CB   sing N N 289 
TRP CA  HA   sing N N 290 
TRP C   O    doub N N 291 
TRP C   OXT  sing N N 292 
TRP CB  CG   sing N N 293 
TRP CB  HB2  sing N N 294 
TRP CB  HB3  sing N N 295 
TRP CG  CD1  doub Y N 296 
TRP CG  CD2  sing Y N 297 
TRP CD1 NE1  sing Y N 298 
TRP CD1 HD1  sing N N 299 
TRP CD2 CE2  doub Y N 300 
TRP CD2 CE3  sing Y N 301 
TRP NE1 CE2  sing Y N 302 
TRP NE1 HE1  sing N N 303 
TRP CE2 CZ2  sing Y N 304 
TRP CE3 CZ3  doub Y N 305 
TRP CE3 HE3  sing N N 306 
TRP CZ2 CH2  doub Y N 307 
TRP CZ2 HZ2  sing N N 308 
TRP CZ3 CH2  sing Y N 309 
TRP CZ3 HZ3  sing N N 310 
TRP CH2 HH2  sing N N 311 
TRP OXT HXT  sing N N 312 
TYR N   CA   sing N N 313 
TYR N   H    sing N N 314 
TYR N   H2   sing N N 315 
TYR CA  C    sing N N 316 
TYR CA  CB   sing N N 317 
TYR CA  HA   sing N N 318 
TYR C   O    doub N N 319 
TYR C   OXT  sing N N 320 
TYR CB  CG   sing N N 321 
TYR CB  HB2  sing N N 322 
TYR CB  HB3  sing N N 323 
TYR CG  CD1  doub Y N 324 
TYR CG  CD2  sing Y N 325 
TYR CD1 CE1  sing Y N 326 
TYR CD1 HD1  sing N N 327 
TYR CD2 CE2  doub Y N 328 
TYR CD2 HD2  sing N N 329 
TYR CE1 CZ   doub Y N 330 
TYR CE1 HE1  sing N N 331 
TYR CE2 CZ   sing Y N 332 
TYR CE2 HE2  sing N N 333 
TYR CZ  OH   sing N N 334 
TYR OH  HH   sing N N 335 
TYR OXT HXT  sing N N 336 
VAL N   CA   sing N N 337 
VAL N   H    sing N N 338 
VAL N   H2   sing N N 339 
VAL CA  C    sing N N 340 
VAL CA  CB   sing N N 341 
VAL CA  HA   sing N N 342 
VAL C   O    doub N N 343 
VAL C   OXT  sing N N 344 
VAL CB  CG1  sing N N 345 
VAL CB  CG2  sing N N 346 
VAL CB  HB   sing N N 347 
VAL CG1 HG11 sing N N 348 
VAL CG1 HG12 sing N N 349 
VAL CG1 HG13 sing N N 350 
VAL CG2 HG21 sing N N 351 
VAL CG2 HG22 sing N N 352 
VAL CG2 HG23 sing N N 353 
VAL OXT HXT  sing N N 354 
# 
_atom_sites.entry_id                    3KGK 
_atom_sites.fract_transf_matrix[1][1]   -0.01025307 
_atom_sites.fract_transf_matrix[1][2]   0.01781044 
_atom_sites.fract_transf_matrix[1][3]   0.01695468 
_atom_sites.fract_transf_matrix[2][1]   -0.00671349 
_atom_sites.fract_transf_matrix[2][2]   -0.00991399 
_atom_sites.fract_transf_matrix[2][3]   0.00635452 
_atom_sites.fract_transf_matrix[3][1]   0.01768660 
_atom_sites.fract_transf_matrix[3][2]   -0.00119081 
_atom_sites.fract_transf_matrix[3][3]   0.01682788 
_atom_sites.fract_transf_vector[1]      0.433417 
_atom_sites.fract_transf_vector[2]      0.116274 
_atom_sites.fract_transf_vector[3]      0.267434 
# 
loop_
_atom_type.symbol 
C 
N 
O 
S 
# 
loop_
_atom_site.group_PDB 
_atom_site.id 
_atom_site.type_symbol 
_atom_site.label_atom_id 
_atom_site.label_alt_id 
_atom_site.label_comp_id 
_atom_site.label_asym_id 
_atom_site.label_entity_id 
_atom_site.label_seq_id 
_atom_site.pdbx_PDB_ins_code 
_atom_site.Cartn_x 
_atom_site.Cartn_y 
_atom_site.Cartn_z 
_atom_site.occupancy 
_atom_site.B_iso_or_equiv 
_atom_site.pdbx_formal_charge 
_atom_site.auth_seq_id 
_atom_site.auth_comp_id 
_atom_site.auth_asym_id 
_atom_site.auth_atom_id 
_atom_site.pdbx_PDB_model_num 
ATOM   1    N N   . MET A 1 1   ? 18.747  13.502  2.752   1.00 11.77 ? 1   MET A N   1 
ATOM   2    C CA  . MET A 1 1   ? 17.697  13.019  1.827   1.00 12.29 ? 1   MET A CA  1 
ATOM   3    C C   . MET A 1 1   ? 17.450  11.549  2.117   1.00 11.32 ? 1   MET A C   1 
ATOM   4    O O   . MET A 1 1   ? 18.397  10.769  2.255   1.00 10.54 ? 1   MET A O   1 
ATOM   5    C CB  . MET A 1 1   ? 18.167  13.213  0.381   1.00 13.77 ? 1   MET A CB  1 
ATOM   6    C CG  . MET A 1 1   ? 17.078  13.083  -0.655  1.00 16.62 ? 1   MET A CG  1 
ATOM   7    S SD  . MET A 1 1   ? 15.828  14.390  -0.584  1.00 20.51 ? 1   MET A SD  1 
ATOM   8    C CE  . MET A 1 1   ? 16.711  15.773  -1.285  1.00 20.71 ? 1   MET A CE  1 
ATOM   9    N N   . LYS A 1 2   ? 16.180  11.175  2.236   1.00 11.21 ? 2   LYS A N   1 
ATOM   10   C CA  . LYS A 1 2   ? 15.816  9.772   2.381   1.00 10.94 ? 2   LYS A CA  1 
ATOM   11   C C   . LYS A 1 2   ? 16.075  9.016   1.079   1.00 11.25 ? 2   LYS A C   1 
ATOM   12   O O   . LYS A 1 2   ? 16.139  9.599   -0.003  1.00 11.14 ? 2   LYS A O   1 
ATOM   13   C CB  . LYS A 1 2   ? 14.355  9.646   2.824   1.00 11.56 ? 2   LYS A CB  1 
ATOM   14   C CG  . LYS A 1 2   ? 14.076  10.358  4.139   1.00 12.51 ? 2   LYS A CG  1 
ATOM   15   C CD  . LYS A 1 2   ? 12.602  10.401  4.464   1.00 14.75 ? 2   LYS A CD  1 
ATOM   16   C CE  . LYS A 1 2   ? 12.359  11.228  5.728   1.00 16.75 ? 2   LYS A CE  1 
ATOM   17   N NZ  . LYS A 1 2   ? 10.935  11.201  6.166   1.00 19.05 ? 2   LYS A NZ  1 
ATOM   18   N N   . THR A 1 3   ? 16.244  7.706   1.187   1.00 11.40 ? 3   THR A N   1 
ATOM   19   C CA  . THR A 1 3   ? 16.466  6.881   0.004   1.00 12.27 ? 3   THR A CA  1 
ATOM   20   C C   . THR A 1 3   ? 15.198  6.079   -0.295  1.00 11.68 ? 3   THR A C   1 
ATOM   21   O O   . THR A 1 3   ? 14.426  5.753   0.606   1.00 12.99 ? 3   THR A O   1 
ATOM   22   C CB  . THR A 1 3   ? 17.642  5.916   0.193   1.00 12.60 ? 3   THR A CB  1 
ATOM   23   O OG1 . THR A 1 3   ? 17.344  5.040   1.282   1.00 15.99 ? 3   THR A OG1 1 
ATOM   24   C CG2 . THR A 1 3   ? 18.929  6.684   0.479   1.00 13.24 ? 3   THR A CG2 1 
ATOM   25   N N   . LEU A 1 4   ? 14.995  5.773   -1.568  1.00 11.07 ? 4   LEU A N   1 
ATOM   26   C CA  . LEU A 1 4   ? 13.815  5.032   -2.001  1.00 10.52 ? 4   LEU A CA  1 
ATOM   27   C C   . LEU A 1 4   ? 14.204  3.702   -2.630  1.00 10.13 ? 4   LEU A C   1 
ATOM   28   O O   . LEU A 1 4   ? 15.091  3.644   -3.471  1.00 10.45 ? 4   LEU A O   1 
ATOM   29   C CB  . LEU A 1 4   ? 13.020  5.865   -3.007  1.00 11.00 ? 4   LEU A CB  1 
ATOM   30   C CG  . LEU A 1 4   ? 11.626  5.367   -3.406  1.00 10.52 ? 4   LEU A CG  1 
ATOM   31   C CD1 . LEU A 1 4   ? 10.655  5.450   -2.254  1.00 11.92 ? 4   LEU A CD1 1 
ATOM   32   C CD2 . LEU A 1 4   ? 11.102  6.155   -4.612  1.00 11.71 ? 4   LEU A CD2 1 
ATOM   33   N N   . MET A 1 5   ? 13.521  2.630   -2.211  1.00 10.05 ? 5   MET A N   1 
ATOM   34   C CA  . MET A 1 5   ? 13.633  1.326   -2.875  1.00 10.44 ? 5   MET A CA  1 
ATOM   35   C C   . MET A 1 5   ? 12.262  0.970   -3.405  1.00 9.37  ? 5   MET A C   1 
ATOM   36   O O   . MET A 1 5   ? 11.257  1.079   -2.683  1.00 9.60  ? 5   MET A O   1 
ATOM   37   C CB  . MET A 1 5   ? 14.101  0.235   -1.913  1.00 10.84 ? 5   MET A CB  1 
ATOM   38   C CG  . MET A 1 5   ? 15.559  0.339   -1.533  1.00 12.60 ? 5   MET A CG  1 
ATOM   39   S SD  . MET A 1 5   ? 16.109  -1.135  -0.640  1.00 18.55 ? 5   MET A SD  1 
ATOM   40   C CE  . MET A 1 5   ? 15.406  -0.795  0.967   1.00 18.08 ? 5   MET A CE  1 
ATOM   41   N N   . VAL A 1 6   ? 12.213  0.579   -4.671  1.00 8.93  ? 6   VAL A N   1 
ATOM   42   C CA  . VAL A 1 6   ? 10.967  0.244   -5.362  1.00 8.49  ? 6   VAL A CA  1 
ATOM   43   C C   . VAL A 1 6   ? 11.021  -1.204  -5.794  1.00 7.84  ? 6   VAL A C   1 
ATOM   44   O O   . VAL A 1 6   ? 11.913  -1.592  -6.541  1.00 8.08  ? 6   VAL A O   1 
ATOM   45   C CB  . VAL A 1 6   ? 10.748  1.131   -6.619  1.00 8.21  ? 6   VAL A CB  1 
ATOM   46   C CG1 . VAL A 1 6   ? 9.352   0.911   -7.214  1.00 9.02  ? 6   VAL A CG1 1 
ATOM   47   C CG2 . VAL A 1 6   ? 10.954  2.613   -6.279  1.00 9.45  ? 6   VAL A CG2 1 
ATOM   48   N N   . PHE A 1 7   ? 10.056  -1.996  -5.339  1.00 7.79  ? 7   PHE A N   1 
ATOM   49   C CA  . PHE A 1 7   ? 9.952   -3.395  -5.737  1.00 7.56  ? 7   PHE A CA  1 
ATOM   50   C C   . PHE A 1 7   ? 8.789   -3.494  -6.705  1.00 7.96  ? 7   PHE A C   1 
ATOM   51   O O   . PHE A 1 7   ? 7.624   -3.380  -6.317  1.00 8.06  ? 7   PHE A O   1 
ATOM   52   C CB  . PHE A 1 7   ? 9.844   -4.305  -4.503  1.00 7.75  ? 7   PHE A CB  1 
ATOM   53   C CG  . PHE A 1 7   ? 11.089  -4.291  -3.677  1.00 8.72  ? 7   PHE A CG  1 
ATOM   54   C CD1 . PHE A 1 7   ? 11.306  -3.285  -2.732  1.00 9.61  ? 7   PHE A CD1 1 
ATOM   55   C CD2 . PHE A 1 7   ? 12.089  -5.228  -3.907  1.00 8.19  ? 7   PHE A CD2 1 
ATOM   56   C CE1 . PHE A 1 7   ? 12.499  -3.236  -1.991  1.00 10.07 ? 7   PHE A CE1 1 
ATOM   57   C CE2 . PHE A 1 7   ? 13.272  -5.190  -3.179  1.00 9.81  ? 7   PHE A CE2 1 
ATOM   58   C CZ  . PHE A 1 7   ? 13.473  -4.189  -2.216  1.00 10.62 ? 7   PHE A CZ  1 
ATOM   59   N N   . ASP A 1 8   ? 9.145   -3.659  -7.978  1.00 8.63  ? 8   ASP A N   1 
ATOM   60   C CA  . ASP A 1 8   ? 8.220   -3.624  -9.102  1.00 8.72  ? 8   ASP A CA  1 
ATOM   61   C C   . ASP A 1 8   ? 7.709   -5.011  -9.452  1.00 10.06 ? 8   ASP A C   1 
ATOM   62   O O   . ASP A 1 8   ? 8.426   -6.008  -9.302  1.00 11.08 ? 8   ASP A O   1 
ATOM   63   C CB  . ASP A 1 8   ? 8.951   -3.078  -10.341 1.00 8.79  ? 8   ASP A CB  1 
ATOM   64   C CG  . ASP A 1 8   ? 9.339   -1.621  -10.207 1.00 8.37  ? 8   ASP A CG  1 
ATOM   65   O OD1 . ASP A 1 8   ? 8.455   -0.765  -9.967  1.00 8.94  ? 8   ASP A OD1 1 
ATOM   66   O OD2 . ASP A 1 8   ? 10.538  -1.311  -10.376 1.00 8.78  ? 8   ASP A OD2 1 
ATOM   67   N N   . PRO A 1 9   ? 6.485   -5.082  -9.987  1.00 10.77 ? 9   PRO A N   1 
ATOM   68   C CA  . PRO A 1 9   ? 6.070   -6.334  -10.628 1.00 12.01 ? 9   PRO A CA  1 
ATOM   69   C C   . PRO A 1 9   ? 6.983   -6.680  -11.823 1.00 12.87 ? 9   PRO A C   1 
ATOM   70   O O   . PRO A 1 9   ? 7.642   -5.789  -12.380 1.00 13.35 ? 9   PRO A O   1 
ATOM   71   C CB  . PRO A 1 9   ? 4.641   -6.040  -11.103 1.00 12.56 ? 9   PRO A CB  1 
ATOM   72   C CG  . PRO A 1 9   ? 4.460   -4.604  -11.030 1.00 12.47 ? 9   PRO A CG  1 
ATOM   73   C CD  . PRO A 1 9   ? 5.499   -4.001  -10.139 1.00 10.49 ? 9   PRO A CD  1 
ATOM   74   N N   . ALA A 1 10  ? 7.025   -7.964  -12.191 1.00 14.25 ? 10  ALA A N   1 
ATOM   75   C CA  . ALA A 1 10  ? 7.837   -8.455  -13.312 1.00 15.26 ? 10  ALA A CA  1 
ATOM   76   C C   . ALA A 1 10  ? 7.431   -7.834  -14.653 1.00 16.09 ? 10  ALA A C   1 
ATOM   77   O O   . ALA A 1 10  ? 6.322   -7.305  -14.797 1.00 17.05 ? 10  ALA A O   1 
ATOM   78   C CB  . ALA A 1 10  ? 7.757   -9.976  -13.386 1.00 15.33 ? 10  ALA A CB  1 
ATOM   79   N N   . GLN A 1 24  ? 0.021   3.674   -17.989 1.00 27.51 ? 24  GLN A N   1 
ATOM   80   C CA  . GLN A 1 24  ? 0.303   5.140   -17.930 1.00 27.51 ? 24  GLN A CA  1 
ATOM   81   C C   . GLN A 1 24  ? 0.925   5.537   -16.591 1.00 27.07 ? 24  GLN A C   1 
ATOM   82   O O   . GLN A 1 24  ? 1.786   6.427   -16.536 1.00 26.81 ? 24  GLN A O   1 
ATOM   83   C CB  . GLN A 1 24  ? -0.973  5.949   -18.180 1.00 27.79 ? 24  GLN A CB  1 
ATOM   84   C CG  . GLN A 1 24  ? -0.736  7.446   -18.412 1.00 28.66 ? 24  GLN A CG  1 
ATOM   85   C CD  . GLN A 1 24  ? 0.098   7.727   -19.654 1.00 30.17 ? 24  GLN A CD  1 
ATOM   86   O OE1 . GLN A 1 24  ? -0.307  7.412   -20.773 1.00 30.54 ? 24  GLN A OE1 1 
ATOM   87   N NE2 . GLN A 1 24  ? 1.268   8.332   -19.459 1.00 30.56 ? 24  GLN A NE2 1 
ATOM   88   N N   . ALA A 1 25  ? 0.478   4.882   -15.520 1.00 26.73 ? 25  ALA A N   1 
ATOM   89   C CA  . ALA A 1 25  ? 1.020   5.104   -14.178 1.00 26.28 ? 25  ALA A CA  1 
ATOM   90   C C   . ALA A 1 25  ? 2.506   4.763   -14.103 1.00 25.83 ? 25  ALA A C   1 
ATOM   91   O O   . ALA A 1 25  ? 3.278   5.495   -13.478 1.00 25.42 ? 25  ALA A O   1 
ATOM   92   C CB  . ALA A 1 25  ? 0.230   4.307   -13.134 1.00 26.59 ? 25  ALA A CB  1 
ATOM   93   N N   . LEU A 1 26  ? 2.899   3.654   -14.735 1.00 24.86 ? 26  LEU A N   1 
ATOM   94   C CA  . LEU A 1 26  ? 4.307   3.260   -14.832 1.00 24.03 ? 26  LEU A CA  1 
ATOM   95   C C   . LEU A 1 26  ? 5.124   4.296   -15.603 1.00 22.96 ? 26  LEU A C   1 
ATOM   96   O O   . LEU A 1 26  ? 6.243   4.634   -15.205 1.00 22.66 ? 26  LEU A O   1 
ATOM   97   C CB  . LEU A 1 26  ? 4.462   1.881   -15.492 1.00 24.61 ? 26  LEU A CB  1 
ATOM   98   C CG  . LEU A 1 26  ? 4.524   0.629   -14.607 1.00 25.43 ? 26  LEU A CG  1 
ATOM   99   C CD1 . LEU A 1 26  ? 4.270   -0.625  -15.437 1.00 27.51 ? 26  LEU A CD1 1 
ATOM   100  C CD2 . LEU A 1 26  ? 5.863   0.519   -13.877 1.00 26.76 ? 26  LEU A CD2 1 
ATOM   101  N N   . VAL A 1 27  ? 4.558   4.792   -16.703 1.00 21.58 ? 27  VAL A N   1 
ATOM   102  C CA  . VAL A 1 27  ? 5.230   5.782   -17.543 1.00 19.88 ? 27  VAL A CA  1 
ATOM   103  C C   . VAL A 1 27  ? 5.480   7.072   -16.753 1.00 18.27 ? 27  VAL A C   1 
ATOM   104  O O   . VAL A 1 27  ? 6.612   7.565   -16.703 1.00 17.95 ? 27  VAL A O   1 
ATOM   105  C CB  . VAL A 1 27  ? 4.436   6.072   -18.855 1.00 20.09 ? 27  VAL A CB  1 
ATOM   106  C CG1 . VAL A 1 27  ? 5.200   7.048   -19.738 1.00 20.29 ? 27  VAL A CG1 1 
ATOM   107  C CG2 . VAL A 1 27  ? 4.175   4.782   -19.627 1.00 20.98 ? 27  VAL A CG2 1 
ATOM   108  N N   . ASP A 1 28  ? 4.425   7.590   -16.123 1.00 16.63 ? 28  ASP A N   1 
ATOM   109  C CA  . ASP A 1 28  ? 4.511   8.787   -15.284 1.00 15.42 ? 28  ASP A CA  1 
ATOM   110  C C   . ASP A 1 28  ? 5.512   8.593   -14.149 1.00 13.32 ? 28  ASP A C   1 
ATOM   111  O O   . ASP A 1 28  ? 6.288   9.499   -13.842 1.00 12.32 ? 28  ASP A O   1 
ATOM   112  C CB  . ASP A 1 28  ? 3.147   9.154   -14.687 1.00 16.02 ? 28  ASP A CB  1 
ATOM   113  C CG  . ASP A 1 28  ? 2.196   9.770   -15.695 1.00 18.64 ? 28  ASP A CG  1 
ATOM   114  O OD1 . ASP A 1 28  ? 2.579   9.957   -16.870 1.00 20.30 ? 28  ASP A OD1 1 
ATOM   115  O OD2 . ASP A 1 28  ? 1.054   10.083  -15.289 1.00 21.42 ? 28  ASP A OD2 1 
ATOM   116  N N   . PHE A 1 29  ? 5.493   7.412   -13.527 1.00 12.13 ? 29  PHE A N   1 
ATOM   117  C CA  . PHE A 1 29  ? 6.420   7.132   -12.434 1.00 10.89 ? 29  PHE A CA  1 
ATOM   118  C C   . PHE A 1 29  ? 7.878   7.150   -12.901 1.00 10.92 ? 29  PHE A C   1 
ATOM   119  O O   . PHE A 1 29  ? 8.736   7.733   -12.235 1.00 9.61  ? 29  PHE A O   1 
ATOM   120  C CB  . PHE A 1 29  ? 6.076   5.816   -11.718 1.00 10.86 ? 29  PHE A CB  1 
ATOM   121  C CG  . PHE A 1 29  ? 6.966   5.529   -10.539 1.00 9.47  ? 29  PHE A CG  1 
ATOM   122  C CD1 . PHE A 1 29  ? 7.898   4.490   -10.592 1.00 9.29  ? 29  PHE A CD1 1 
ATOM   123  C CD2 . PHE A 1 29  ? 6.899   6.319   -9.390  1.00 9.06  ? 29  PHE A CD2 1 
ATOM   124  C CE1 . PHE A 1 29  ? 8.733   4.229   -9.507  1.00 9.09  ? 29  PHE A CE1 1 
ATOM   125  C CE2 . PHE A 1 29  ? 7.748   6.084   -8.298  1.00 9.14  ? 29  PHE A CE2 1 
ATOM   126  C CZ  . PHE A 1 29  ? 8.662   5.022   -8.355  1.00 10.28 ? 29  PHE A CZ  1 
ATOM   127  N N   . SER A 1 30  ? 8.154   6.529   -14.045 1.00 11.15 ? 30  SER A N   1 
ATOM   128  C CA  . SER A 1 30  ? 9.497   6.564   -14.624 1.00 12.00 ? 30  SER A CA  1 
ATOM   129  C C   . SER A 1 30  ? 9.989   8.006   -14.832 1.00 11.13 ? 30  SER A C   1 
ATOM   130  O O   . SER A 1 30  ? 11.139  8.336   -14.520 1.00 11.23 ? 30  SER A O   1 
ATOM   131  C CB  . SER A 1 30  ? 9.537   5.787   -15.941 1.00 12.45 ? 30  SER A CB  1 
ATOM   132  O OG  . SER A 1 30  ? 10.830  5.823   -16.518 1.00 17.52 ? 30  SER A OG  1 
ATOM   133  N N   . THR A 1 31  ? 9.111   8.865   -15.350 1.00 11.08 ? 31  THR A N   1 
ATOM   134  C CA  . THR A 1 31  ? 9.432   10.281  -15.533 1.00 10.87 ? 31  THR A CA  1 
ATOM   135  C C   . THR A 1 31  ? 9.767   10.955  -14.200 1.00 9.85  ? 31  THR A C   1 
ATOM   136  O O   . THR A 1 31  ? 10.757  11.704  -14.092 1.00 9.72  ? 31  THR A O   1 
ATOM   137  C CB  . THR A 1 31  ? 8.275   10.997  -16.272 1.00 10.75 ? 31  THR A CB  1 
ATOM   138  O OG1 . THR A 1 31  ? 8.172   10.438  -17.586 1.00 12.84 ? 31  THR A OG1 1 
ATOM   139  C CG2 . THR A 1 31  ? 8.499   12.504  -16.373 1.00 11.22 ? 31  THR A CG2 1 
ATOM   140  N N   . ASP A 1 32  ? 8.971   10.646  -13.179 1.00 9.70  ? 32  ASP A N   1 
ATOM   141  C CA  . ASP A 1 32  ? 9.165   11.210  -11.856 1.00 9.76  ? 32  ASP A CA  1 
ATOM   142  C C   . ASP A 1 32  ? 10.451  10.704  -11.203 1.00 10.04 ? 32  ASP A C   1 
ATOM   143  O O   . ASP A 1 32  ? 11.130  11.464  -10.518 1.00 9.67  ? 32  ASP A O   1 
ATOM   144  C CB  . ASP A 1 32  ? 7.942   10.965  -10.961 1.00 9.95  ? 32  ASP A CB  1 
ATOM   145  C CG  . ASP A 1 32  ? 6.725   11.789  -11.398 1.00 9.92  ? 32  ASP A CG  1 
ATOM   146  O OD1 . ASP A 1 32  ? 6.893   12.811  -12.118 1.00 11.25 ? 32  ASP A OD1 1 
ATOM   147  O OD2 . ASP A 1 32  ? 5.605   11.394  -11.016 1.00 11.67 ? 32  ASP A OD2 1 
ATOM   148  N N   . VAL A 1 33  ? 10.784  9.433   -11.425 1.00 10.01 ? 33  VAL A N   1 
ATOM   149  C CA  . VAL A 1 33  ? 12.056  8.885   -10.934 1.00 10.31 ? 33  VAL A CA  1 
ATOM   150  C C   . VAL A 1 33  ? 13.237  9.665   -11.537 1.00 10.49 ? 33  VAL A C   1 
ATOM   151  O O   . VAL A 1 33  ? 14.162  10.037  -10.813 1.00 10.35 ? 33  VAL A O   1 
ATOM   152  C CB  . VAL A 1 33  ? 12.167  7.365   -11.214 1.00 9.96  ? 33  VAL A CB  1 
ATOM   153  C CG1 . VAL A 1 33  ? 13.600  6.868   -11.022 1.00 11.02 ? 33  VAL A CG1 1 
ATOM   154  C CG2 . VAL A 1 33  ? 11.225  6.603   -10.294 1.00 10.57 ? 33  VAL A CG2 1 
ATOM   155  N N   . GLN A 1 34  ? 13.187  9.930   -12.844 1.00 10.12 ? 34  GLN A N   1 
ATOM   156  C CA  . GLN A 1 34  ? 14.271  10.667  -13.513 1.00 11.41 ? 34  GLN A CA  1 
ATOM   157  C C   . GLN A 1 34  ? 14.411  12.065  -12.956 1.00 11.50 ? 34  GLN A C   1 
ATOM   158  O O   . GLN A 1 34  ? 15.528  12.536  -12.733 1.00 11.35 ? 34  GLN A O   1 
ATOM   159  C CB  . GLN A 1 34  ? 14.066  10.682  -15.027 1.00 11.63 ? 34  GLN A CB  1 
ATOM   160  C CG  . GLN A 1 34  ? 14.516  9.393   -15.703 1.00 15.81 ? 34  GLN A CG  1 
ATOM   161  C CD  . GLN A 1 34  ? 15.803  8.821   -15.090 1.00 18.90 ? 34  GLN A CD  1 
ATOM   162  O OE1 . GLN A 1 34  ? 15.783  7.767   -14.430 1.00 21.20 ? 34  GLN A OE1 1 
ATOM   163  N NE2 . GLN A 1 34  ? 16.920  9.531   -15.282 1.00 20.14 ? 34  GLN A NE2 1 
ATOM   164  N N   . TRP A 1 35  ? 13.281  12.718  -12.712 1.00 11.95 ? 35  TRP A N   1 
ATOM   165  C CA  . TRP A 1 35  ? 13.262  14.033  -12.094 1.00 12.66 ? 35  TRP A CA  1 
ATOM   166  C C   . TRP A 1 35  ? 13.971  14.009  -10.735 1.00 12.80 ? 35  TRP A C   1 
ATOM   167  O O   . TRP A 1 35  ? 14.875  14.817  -10.490 1.00 12.46 ? 35  TRP A O   1 
ATOM   168  C CB  . TRP A 1 35  ? 11.824  14.521  -11.979 1.00 13.18 ? 35  TRP A CB  1 
ATOM   169  C CG  . TRP A 1 35  ? 11.658  15.707  -11.120 1.00 14.55 ? 35  TRP A CG  1 
ATOM   170  C CD1 . TRP A 1 35  ? 12.217  16.945  -11.308 1.00 16.84 ? 35  TRP A CD1 1 
ATOM   171  C CD2 . TRP A 1 35  ? 10.866  15.798  -9.933  1.00 15.25 ? 35  TRP A CD2 1 
ATOM   172  N NE1 . TRP A 1 35  ? 11.827  17.795  -10.305 1.00 17.63 ? 35  TRP A NE1 1 
ATOM   173  C CE2 . TRP A 1 35  ? 10.991  17.123  -9.451  1.00 17.66 ? 35  TRP A CE2 1 
ATOM   174  C CE3 . TRP A 1 35  ? 10.063  14.892  -9.226  1.00 18.20 ? 35  TRP A CE3 1 
ATOM   175  C CZ2 . TRP A 1 35  ? 10.346  17.560  -8.290  1.00 19.35 ? 35  TRP A CZ2 1 
ATOM   176  C CZ3 . TRP A 1 35  ? 9.419   15.332  -8.071  1.00 19.82 ? 35  TRP A CZ3 1 
ATOM   177  C CH2 . TRP A 1 35  ? 9.564   16.658  -7.620  1.00 18.53 ? 35  TRP A CH2 1 
ATOM   178  N N   . LEU A 1 36  ? 13.605  13.052  -9.882  1.00 12.64 ? 36  LEU A N   1 
ATOM   179  C CA  . LEU A 1 36  ? 14.217  12.904  -8.563  1.00 13.44 ? 36  LEU A CA  1 
ATOM   180  C C   . LEU A 1 36  ? 15.715  12.585  -8.651  1.00 13.12 ? 36  LEU A C   1 
ATOM   181  O O   . LEU A 1 36  ? 16.524  13.158  -7.911  1.00 13.40 ? 36  LEU A O   1 
ATOM   182  C CB  . LEU A 1 36  ? 13.475  11.843  -7.737  1.00 13.53 ? 36  LEU A CB  1 
ATOM   183  C CG  . LEU A 1 36  ? 12.043  12.187  -7.305  1.00 15.00 ? 36  LEU A CG  1 
ATOM   184  C CD1 . LEU A 1 36  ? 11.337  10.959  -6.773  1.00 18.21 ? 36  LEU A CD1 1 
ATOM   185  C CD2 . LEU A 1 36  ? 12.019  13.321  -6.290  1.00 17.12 ? 36  LEU A CD2 1 
ATOM   186  N N   . LYS A 1 37  ? 16.091  11.702  -9.575  1.00 13.77 ? 37  LYS A N   1 
ATOM   187  C CA  . LYS A 1 37  ? 17.513  11.379  -9.795  1.00 13.80 ? 37  LYS A CA  1 
ATOM   188  C C   . LYS A 1 37  ? 18.346  12.605  -10.181 1.00 14.30 ? 37  LYS A C   1 
ATOM   189  O O   . LYS A 1 37  ? 19.458  12.780  -9.676  1.00 14.21 ? 37  LYS A O   1 
ATOM   190  C CB  . LYS A 1 37  ? 17.672  10.272  -10.842 1.00 14.49 ? 37  LYS A CB  1 
ATOM   191  C CG  . LYS A 1 37  ? 17.379  8.868   -10.335 1.00 16.51 ? 37  LYS A CG  1 
ATOM   192  C CD  . LYS A 1 37  ? 17.558  7.858   -11.461 1.00 19.16 ? 37  LYS A CD  1 
ATOM   193  C CE  . LYS A 1 37  ? 17.300  6.437   -11.000 1.00 20.58 ? 37  LYS A CE  1 
ATOM   194  N NZ  . LYS A 1 37  ? 18.351  5.914   -10.074 1.00 22.07 ? 37  LYS A NZ  1 
ATOM   195  N N   . GLN A 1 38  ? 17.806  13.453  -11.056 1.00 14.35 ? 38  GLN A N   1 
ATOM   196  C CA  . GLN A 1 38  ? 18.493  14.687  -11.467 1.00 15.59 ? 38  GLN A CA  1 
ATOM   197  C C   . GLN A 1 38  ? 18.664  15.655  -10.299 1.00 15.90 ? 38  GLN A C   1 
ATOM   198  O O   . GLN A 1 38  ? 19.611  16.460  -10.272 1.00 15.16 ? 38  GLN A O   1 
ATOM   199  C CB  . GLN A 1 38  ? 17.738  15.364  -12.612 1.00 15.73 ? 38  GLN A CB  1 
ATOM   200  C CG  . GLN A 1 38  ? 17.838  14.606  -13.932 1.00 18.37 ? 38  GLN A CG  1 
ATOM   201  C CD  . GLN A 1 38  ? 16.768  14.999  -14.938 1.00 21.77 ? 38  GLN A CD  1 
ATOM   202  O OE1 . GLN A 1 38  ? 15.983  15.923  -14.710 1.00 25.22 ? 38  GLN A OE1 1 
ATOM   203  N NE2 . GLN A 1 38  ? 16.731  14.291  -16.062 1.00 23.45 ? 38  GLN A NE2 1 
ATOM   204  N N   . SER A 1 39  ? 17.734  15.561  -9.348  1.00 17.34 ? 39  SER A N   1 
ATOM   205  C CA  . SER A 1 39  ? 17.731  16.351  -8.119  1.00 18.53 ? 39  SER A CA  1 
ATOM   206  C C   . SER A 1 39  ? 18.706  15.804  -7.062  1.00 18.73 ? 39  SER A C   1 
ATOM   207  O O   . SER A 1 39  ? 18.994  16.487  -6.078  1.00 20.30 ? 39  SER A O   1 
ATOM   208  C CB  . SER A 1 39  ? 16.312  16.400  -7.539  1.00 18.90 ? 39  SER A CB  1 
ATOM   209  O OG  . SER A 1 39  ? 15.334  16.670  -8.541  1.00 21.27 ? 39  SER A OG  1 
ATOM   210  N N   . GLY A 1 40  ? 19.212  14.584  -7.264  1.00 18.40 ? 40  GLY A N   1 
ATOM   211  C CA  . GLY A 1 40  ? 20.183  13.963  -6.347  1.00 17.55 ? 40  GLY A CA  1 
ATOM   212  C C   . GLY A 1 40  ? 19.645  12.886  -5.411  1.00 16.95 ? 40  GLY A C   1 
ATOM   213  O O   . GLY A 1 40  ? 20.353  12.410  -4.520  1.00 17.46 ? 40  GLY A O   1 
ATOM   214  N N   . VAL A 1 41  ? 18.396  12.482  -5.612  1.00 16.11 ? 41  VAL A N   1 
ATOM   215  C CA  . VAL A 1 41  ? 17.772  11.465  -4.761  1.00 15.48 ? 41  VAL A CA  1 
ATOM   216  C C   . VAL A 1 41  ? 18.261  10.069  -5.149  1.00 14.51 ? 41  VAL A C   1 
ATOM   217  O O   . VAL A 1 41  ? 18.386  9.769   -6.333  1.00 14.34 ? 41  VAL A O   1 
ATOM   218  C CB  . VAL A 1 41  ? 16.230  11.542  -4.865  1.00 15.48 ? 41  VAL A CB  1 
ATOM   219  C CG1 . VAL A 1 41  ? 15.553  10.457  -4.024  1.00 15.20 ? 41  VAL A CG1 1 
ATOM   220  C CG2 . VAL A 1 41  ? 15.747  12.932  -4.471  1.00 16.50 ? 41  VAL A CG2 1 
ATOM   221  N N   . GLN A 1 42  ? 18.554  9.234   -4.149  1.00 13.92 ? 42  GLN A N   1 
ATOM   222  C CA  . GLN A 1 42  ? 18.951  7.842   -4.380  1.00 14.28 ? 42  GLN A CA  1 
ATOM   223  C C   . GLN A 1 42  ? 17.706  6.974   -4.511  1.00 13.90 ? 42  GLN A C   1 
ATOM   224  O O   . GLN A 1 42  ? 16.919  6.856   -3.563  1.00 13.58 ? 42  GLN A O   1 
ATOM   225  C CB  . GLN A 1 42  ? 19.817  7.314   -3.235  1.00 14.68 ? 42  GLN A CB  1 
ATOM   226  C CG  . GLN A 1 42  ? 20.190  5.838   -3.368  1.00 17.32 ? 42  GLN A CG  1 
ATOM   227  C CD  . GLN A 1 42  ? 20.937  5.294   -2.159  1.00 19.64 ? 42  GLN A CD  1 
ATOM   228  O OE1 . GLN A 1 42  ? 21.943  5.862   -1.723  1.00 22.59 ? 42  GLN A OE1 1 
ATOM   229  N NE2 . GLN A 1 42  ? 20.454  4.182   -1.619  1.00 21.86 ? 42  GLN A NE2 1 
ATOM   230  N N   . ILE A 1 43  ? 17.529  6.384   -5.692  1.00 13.51 ? 43  ILE A N   1 
ATOM   231  C CA  . ILE A 1 43  ? 16.403  5.493   -5.978  1.00 13.08 ? 43  ILE A CA  1 
ATOM   232  C C   . ILE A 1 43  ? 16.937  4.218   -6.610  1.00 13.22 ? 43  ILE A C   1 
ATOM   233  O O   . ILE A 1 43  ? 17.712  4.263   -7.571  1.00 13.73 ? 43  ILE A O   1 
ATOM   234  C CB  . ILE A 1 43  ? 15.347  6.130   -6.927  1.00 13.22 ? 43  ILE A CB  1 
ATOM   235  C CG1 . ILE A 1 43  ? 14.767  7.400   -6.296  1.00 14.32 ? 43  ILE A CG1 1 
ATOM   236  C CG2 . ILE A 1 43  ? 14.231  5.122   -7.258  1.00 13.57 ? 43  ILE A CG2 1 
ATOM   237  C CD1 . ILE A 1 43  ? 14.007  8.291   -7.254  1.00 17.29 ? 43  ILE A CD1 1 
ATOM   238  N N   . GLU A 1 44  ? 16.540  3.086   -6.051  1.00 12.28 ? 44  GLU A N   1 
ATOM   239  C CA  . GLU A 1 44  ? 16.906  1.781   -6.587  1.00 12.39 ? 44  GLU A CA  1 
ATOM   240  C C   . GLU A 1 44  ? 15.612  1.051   -6.900  1.00 11.17 ? 44  GLU A C   1 
ATOM   241  O O   . GLU A 1 44  ? 14.684  1.084   -6.095  1.00 11.16 ? 44  GLU A O   1 
ATOM   242  C CB  . GLU A 1 44  ? 17.652  0.950   -5.546  1.00 13.15 ? 44  GLU A CB  1 
ATOM   243  C CG  . GLU A 1 44  ? 18.952  1.516   -5.006  1.00 16.63 ? 44  GLU A CG  1 
ATOM   244  C CD  . GLU A 1 44  ? 19.559  0.560   -4.004  1.00 20.91 ? 44  GLU A CD  1 
ATOM   245  O OE1 . GLU A 1 44  ? 19.259  0.686   -2.798  1.00 22.38 ? 44  GLU A OE1 1 
ATOM   246  O OE2 . GLU A 1 44  ? 20.294  -0.356  -4.431  1.00 22.32 ? 44  GLU A OE2 1 
ATOM   247  N N   . ARG A 1 45  ? 15.547  0.394   -8.054  1.00 10.73 ? 45  ARG A N   1 
ATOM   248  C CA  . ARG A 1 45  ? 14.400  -0.438  -8.441  1.00 9.86  ? 45  ARG A CA  1 
ATOM   249  C C   . ARG A 1 45  ? 14.796  -1.907  -8.612  1.00 9.68  ? 45  ARG A C   1 
ATOM   250  O O   . ARG A 1 45  ? 15.907  -2.220  -9.051  1.00 9.59  ? 45  ARG A O   1 
ATOM   251  C CB  . ARG A 1 45  ? 13.741  0.087   -9.720  1.00 10.42 ? 45  ARG A CB  1 
ATOM   252  C CG  . ARG A 1 45  ? 13.357  1.579   -9.675  1.00 10.74 ? 45  ARG A CG  1 
ATOM   253  C CD  . ARG A 1 45  ? 12.623  2.024   -10.920 1.00 11.44 ? 45  ARG A CD  1 
ATOM   254  N NE  . ARG A 1 45  ? 11.272  1.471   -11.016 1.00 10.89 ? 45  ARG A NE  1 
ATOM   255  C CZ  . ARG A 1 45  ? 10.344  1.888   -11.876 1.00 11.70 ? 45  ARG A CZ  1 
ATOM   256  N NH1 . ARG A 1 45  ? 9.142   1.322   -11.892 1.00 12.30 ? 45  ARG A NH1 1 
ATOM   257  N NH2 . ARG A 1 45  ? 10.604  2.891   -12.708 1.00 13.15 ? 45  ARG A NH2 1 
ATOM   258  N N   . PHE A 1 46  ? 13.877  -2.799  -8.271  1.00 9.21  ? 46  PHE A N   1 
ATOM   259  C CA  . PHE A 1 46  ? 14.095  -4.250  -8.336  1.00 9.88  ? 46  PHE A CA  1 
ATOM   260  C C   . PHE A 1 46  ? 12.839  -4.882  -8.899  1.00 10.08 ? 46  PHE A C   1 
ATOM   261  O O   . PHE A 1 46  ? 11.732  -4.501  -8.492  1.00 10.17 ? 46  PHE A O   1 
ATOM   262  C CB  . PHE A 1 46  ? 14.325  -4.811  -6.926  1.00 10.54 ? 46  PHE A CB  1 
ATOM   263  C CG  . PHE A 1 46  ? 15.385  -4.082  -6.150  1.00 11.58 ? 46  PHE A CG  1 
ATOM   264  C CD1 . PHE A 1 46  ? 16.703  -4.504  -6.183  1.00 12.72 ? 46  PHE A CD1 1 
ATOM   265  C CD2 . PHE A 1 46  ? 15.054  -2.955  -5.388  1.00 13.00 ? 46  PHE A CD2 1 
ATOM   266  C CE1 . PHE A 1 46  ? 17.696  -3.816  -5.471  1.00 15.25 ? 46  PHE A CE1 1 
ATOM   267  C CE2 . PHE A 1 46  ? 16.041  -2.262  -4.679  1.00 14.83 ? 46  PHE A CE2 1 
ATOM   268  C CZ  . PHE A 1 46  ? 17.355  -2.700  -4.715  1.00 14.52 ? 46  PHE A CZ  1 
ATOM   269  N N   . ASN A 1 47  ? 12.983  -5.855  -9.801  1.00 11.05 ? 47  ASN A N   1 
ATOM   270  C CA  . ASN A 1 47  ? 11.815  -6.619  -10.256 1.00 12.49 ? 47  ASN A CA  1 
ATOM   271  C C   . ASN A 1 47  ? 12.052  -8.124  -10.258 1.00 13.27 ? 47  ASN A C   1 
ATOM   272  O O   . ASN A 1 47  ? 13.193  -8.565  -10.197 1.00 12.57 ? 47  ASN A O   1 
ATOM   273  C CB  . ASN A 1 47  ? 11.287  -6.101  -11.604 1.00 12.68 ? 47  ASN A CB  1 
ATOM   274  C CG  . ASN A 1 47  ? 12.255  -6.322  -12.745 1.00 13.37 ? 47  ASN A CG  1 
ATOM   275  O OD1 . ASN A 1 47  ? 12.807  -5.373  -13.307 1.00 16.01 ? 47  ASN A OD1 1 
ATOM   276  N ND2 . ASN A 1 47  ? 12.452  -7.578  -13.103 1.00 11.72 ? 47  ASN A ND2 1 
ATOM   277  N N   . LEU A 1 48  ? 10.959  -8.894  -10.304 1.00 14.87 ? 48  LEU A N   1 
ATOM   278  C CA  . LEU A 1 48  ? 11.002  -10.347 -10.183 1.00 15.97 ? 48  LEU A CA  1 
ATOM   279  C C   . LEU A 1 48  ? 11.596  -11.063 -11.389 1.00 15.57 ? 48  LEU A C   1 
ATOM   280  O O   . LEU A 1 48  ? 12.035  -12.216 -11.284 1.00 16.89 ? 48  LEU A O   1 
ATOM   281  C CB  . LEU A 1 48  ? 9.602   -10.885 -9.880  1.00 16.45 ? 48  LEU A CB  1 
ATOM   282  C CG  . LEU A 1 48  ? 9.181   -10.677 -8.423  1.00 17.28 ? 48  LEU A CG  1 
ATOM   283  C CD1 . LEU A 1 48  ? 7.684   -10.935 -8.213  1.00 20.48 ? 48  LEU A CD1 1 
ATOM   284  C CD2 . LEU A 1 48  ? 10.032  -11.574 -7.532  1.00 17.83 ? 48  LEU A CD2 1 
ATOM   285  N N   . ALA A 1 49  ? 11.626  -10.369 -12.527 1.00 15.59 ? 49  ALA A N   1 
ATOM   286  C CA  . ALA A 1 49  ? 12.188  -10.923 -13.764 1.00 15.47 ? 49  ALA A CA  1 
ATOM   287  C C   . ALA A 1 49  ? 13.716  -10.825 -13.809 1.00 15.28 ? 49  ALA A C   1 
ATOM   288  O O   . ALA A 1 49  ? 14.387  -11.685 -14.384 1.00 15.86 ? 49  ALA A O   1 
ATOM   289  C CB  . ALA A 1 49  ? 11.578  -10.220 -14.973 1.00 15.50 ? 49  ALA A CB  1 
ATOM   290  N N   . GLN A 1 50  ? 14.255  -9.778  -13.189 1.00 15.42 ? 50  GLN A N   1 
ATOM   291  C CA  . GLN A 1 50  ? 15.674  -9.446  -13.300 1.00 15.74 ? 50  GLN A CA  1 
ATOM   292  C C   . GLN A 1 50  ? 16.454  -9.495  -11.988 1.00 15.93 ? 50  GLN A C   1 
ATOM   293  O O   . GLN A 1 50  ? 17.620  -9.886  -11.985 1.00 16.33 ? 50  GLN A O   1 
ATOM   294  C CB  . GLN A 1 50  ? 15.840  -8.070  -13.949 1.00 15.67 ? 50  GLN A CB  1 
ATOM   295  C CG  . GLN A 1 50  ? 15.339  -7.996  -15.381 1.00 16.17 ? 50  GLN A CG  1 
ATOM   296  C CD  . GLN A 1 50  ? 15.386  -6.595  -15.947 1.00 16.59 ? 50  GLN A CD  1 
ATOM   297  O OE1 . GLN A 1 50  ? 14.931  -5.639  -15.315 1.00 18.24 ? 50  GLN A OE1 1 
ATOM   298  N NE2 . GLN A 1 50  ? 15.936  -6.464  -17.148 1.00 18.99 ? 50  GLN A NE2 1 
ATOM   299  N N   . GLN A 1 51  ? 15.813  -9.101  -10.888 1.00 15.61 ? 51  GLN A N   1 
ATOM   300  C CA  . GLN A 1 51  ? 16.435  -9.093  -9.557  1.00 15.97 ? 51  GLN A CA  1 
ATOM   301  C C   . GLN A 1 51  ? 15.596  -9.884  -8.528  1.00 16.22 ? 51  GLN A C   1 
ATOM   302  O O   . GLN A 1 51  ? 15.340  -9.385  -7.433  1.00 15.88 ? 51  GLN A O   1 
ATOM   303  C CB  . GLN A 1 51  ? 16.627  -7.649  -9.051  1.00 15.55 ? 51  GLN A CB  1 
ATOM   304  C CG  . GLN A 1 51  ? 17.598  -6.778  -9.860  1.00 15.68 ? 51  GLN A CG  1 
ATOM   305  C CD  . GLN A 1 51  ? 16.953  -6.021  -11.023 1.00 14.32 ? 51  GLN A CD  1 
ATOM   306  O OE1 . GLN A 1 51  ? 17.629  -5.668  -11.987 1.00 16.21 ? 51  GLN A OE1 1 
ATOM   307  N NE2 . GLN A 1 51  ? 15.662  -5.772  -10.939 1.00 10.82 ? 51  GLN A NE2 1 
ATOM   308  N N   . PRO A 1 52  ? 15.180  -11.126 -8.853  1.00 16.61 ? 52  PRO A N   1 
ATOM   309  C CA  . PRO A 1 52  ? 14.200  -11.761 -7.955  1.00 16.67 ? 52  PRO A CA  1 
ATOM   310  C C   . PRO A 1 52  ? 14.741  -12.109 -6.567  1.00 17.49 ? 52  PRO A C   1 
ATOM   311  O O   . PRO A 1 52  ? 13.953  -12.209 -5.629  1.00 16.89 ? 52  PRO A O   1 
ATOM   312  C CB  . PRO A 1 52  ? 13.828  -13.051 -8.697  1.00 17.05 ? 52  PRO A CB  1 
ATOM   313  C CG  . PRO A 1 52  ? 15.036  -13.376 -9.478  1.00 16.50 ? 52  PRO A CG  1 
ATOM   314  C CD  . PRO A 1 52  ? 15.621  -12.054 -9.912  1.00 16.73 ? 52  PRO A CD  1 
ATOM   315  N N   . MET A 1 53  ? 16.056  -12.293 -6.437  1.00 17.77 ? 53  MET A N   1 
ATOM   316  C CA  . MET A 1 53  ? 16.649  -12.637 -5.136  1.00 18.60 ? 53  MET A CA  1 
ATOM   317  C C   . MET A 1 53  ? 16.657  -11.475 -4.135  1.00 18.19 ? 53  MET A C   1 
ATOM   318  O O   . MET A 1 53  ? 16.740  -11.685 -2.920  1.00 18.04 ? 53  MET A O   1 
ATOM   319  C CB  . MET A 1 53  ? 18.037  -13.267 -5.290  1.00 19.16 ? 53  MET A CB  1 
ATOM   320  C CG  . MET A 1 53  ? 18.059  -14.615 -6.032  1.00 21.16 ? 53  MET A CG  1 
ATOM   321  S SD  . MET A 1 53  ? 16.974  -15.898 -5.343  1.00 24.57 ? 53  MET A SD  1 
ATOM   322  C CE  . MET A 1 53  ? 17.642  -17.369 -6.115  1.00 24.23 ? 53  MET A CE  1 
ATOM   323  N N   . SER A 1 54  ? 16.549  -10.249 -4.648  1.00 17.32 ? 54  SER A N   1 
ATOM   324  C CA  . SER A 1 54  ? 16.330  -9.083  -3.797  1.00 17.31 ? 54  SER A CA  1 
ATOM   325  C C   . SER A 1 54  ? 15.013  -9.202  -3.032  1.00 16.70 ? 54  SER A C   1 
ATOM   326  O O   . SER A 1 54  ? 14.863  -8.640  -1.943  1.00 16.93 ? 54  SER A O   1 
ATOM   327  C CB  . SER A 1 54  ? 16.338  -7.807  -4.638  1.00 17.09 ? 54  SER A CB  1 
ATOM   328  O OG  . SER A 1 54  ? 17.592  -7.636  -5.277  1.00 17.88 ? 54  SER A OG  1 
ATOM   329  N N   . PHE A 1 55  ? 14.065  -9.944  -3.602  1.00 16.11 ? 55  PHE A N   1 
ATOM   330  C CA  . PHE A 1 55  ? 12.738  -10.099 -3.009  1.00 15.65 ? 55  PHE A CA  1 
ATOM   331  C C   . PHE A 1 55  ? 12.701  -11.091 -1.850  1.00 16.50 ? 55  PHE A C   1 
ATOM   332  O O   . PHE A 1 55  ? 11.720  -11.142 -1.118  1.00 16.85 ? 55  PHE A O   1 
ATOM   333  C CB  . PHE A 1 55  ? 11.707  -10.506 -4.068  1.00 15.58 ? 55  PHE A CB  1 
ATOM   334  C CG  . PHE A 1 55  ? 11.342  -9.401  -5.018  1.00 12.72 ? 55  PHE A CG  1 
ATOM   335  C CD1 . PHE A 1 55  ? 12.243  -8.970  -5.993  1.00 11.47 ? 55  PHE A CD1 1 
ATOM   336  C CD2 . PHE A 1 55  ? 10.084  -8.805  -4.950  1.00 11.84 ? 55  PHE A CD2 1 
ATOM   337  C CE1 . PHE A 1 55  ? 11.898  -7.947  -6.872  1.00 10.54 ? 55  PHE A CE1 1 
ATOM   338  C CE2 . PHE A 1 55  ? 9.726   -7.779  -5.819  1.00 10.90 ? 55  PHE A CE2 1 
ATOM   339  C CZ  . PHE A 1 55  ? 10.630  -7.351  -6.783  1.00 11.04 ? 55  PHE A CZ  1 
ATOM   340  N N   . VAL A 1 56  ? 13.751  -11.890 -1.702  1.00 17.18 ? 56  VAL A N   1 
ATOM   341  C CA  . VAL A 1 56  ? 13.871  -12.775 -0.536  1.00 18.37 ? 56  VAL A CA  1 
ATOM   342  C C   . VAL A 1 56  ? 14.910  -12.294 0.479   1.00 19.17 ? 56  VAL A C   1 
ATOM   343  O O   . VAL A 1 56  ? 14.820  -12.629 1.663   1.00 20.18 ? 56  VAL A O   1 
ATOM   344  C CB  . VAL A 1 56  ? 14.123  -14.259 -0.927  1.00 18.52 ? 56  VAL A CB  1 
ATOM   345  C CG1 . VAL A 1 56  ? 12.864  -14.857 -1.525  1.00 18.77 ? 56  VAL A CG1 1 
ATOM   346  C CG2 . VAL A 1 56  ? 15.298  -14.400 -1.878  1.00 18.87 ? 56  VAL A CG2 1 
ATOM   347  N N   . GLN A 1 57  ? 15.883  -11.512 0.010   1.00 19.50 ? 57  GLN A N   1 
ATOM   348  C CA  . GLN A 1 57  ? 16.918  -10.939 0.879   1.00 19.85 ? 57  GLN A CA  1 
ATOM   349  C C   . GLN A 1 57  ? 16.454  -9.743  1.724   1.00 19.54 ? 57  GLN A C   1 
ATOM   350  O O   . GLN A 1 57  ? 16.962  -9.530  2.830   1.00 20.21 ? 57  GLN A O   1 
ATOM   351  C CB  . GLN A 1 57  ? 18.163  -10.570 0.068   1.00 20.24 ? 57  GLN A CB  1 
ATOM   352  C CG  . GLN A 1 57  ? 18.983  -11.772 -0.386  1.00 22.46 ? 57  GLN A CG  1 
ATOM   353  C CD  . GLN A 1 57  ? 20.186  -11.373 -1.215  1.00 24.33 ? 57  GLN A CD  1 
ATOM   354  O OE1 . GLN A 1 57  ? 21.295  -11.858 -0.991  1.00 26.69 ? 57  GLN A OE1 1 
ATOM   355  N NE2 . GLN A 1 57  ? 19.977  -10.479 -2.178  1.00 25.14 ? 57  GLN A NE2 1 
ATOM   356  N N   . ASN A 1 58  ? 15.514  -8.952  1.206   1.00 18.22 ? 58  ASN A N   1 
ATOM   357  C CA  . ASN A 1 58  ? 14.894  -7.893  2.000   1.00 17.33 ? 58  ASN A CA  1 
ATOM   358  C C   . ASN A 1 58  ? 13.715  -8.508  2.747   1.00 16.90 ? 58  ASN A C   1 
ATOM   359  O O   . ASN A 1 58  ? 12.768  -8.995  2.120   1.00 15.47 ? 58  ASN A O   1 
ATOM   360  C CB  . ASN A 1 58  ? 14.454  -6.723  1.112   1.00 17.36 ? 58  ASN A CB  1 
ATOM   361  C CG  . ASN A 1 58  ? 13.815  -5.590  1.904   1.00 17.97 ? 58  ASN A CG  1 
ATOM   362  O OD1 . ASN A 1 58  ? 12.692  -5.719  2.402   1.00 19.60 ? 58  ASN A OD1 1 
ATOM   363  N ND2 . ASN A 1 58  ? 14.519  -4.465  2.008   1.00 17.67 ? 58  ASN A ND2 1 
ATOM   364  N N   . GLU A 1 59  ? 13.776  -8.509  4.079   1.00 16.70 ? 59  GLU A N   1 
ATOM   365  C CA  . GLU A 1 59  ? 12.762  -9.210  4.880   1.00 16.81 ? 59  GLU A CA  1 
ATOM   366  C C   . GLU A 1 59  ? 11.374  -8.579  4.793   1.00 15.56 ? 59  GLU A C   1 
ATOM   367  O O   . GLU A 1 59  ? 10.373  -9.294  4.865   1.00 15.02 ? 59  GLU A O   1 
ATOM   368  C CB  . GLU A 1 59  ? 13.190  -9.382  6.347   1.00 17.75 ? 59  GLU A CB  1 
ATOM   369  C CG  . GLU A 1 59  ? 14.339  -10.375 6.582   1.00 20.74 ? 59  GLU A CG  1 
ATOM   370  C CD  . GLU A 1 59  ? 14.065  -11.791 6.062   1.00 23.64 ? 59  GLU A CD  1 
ATOM   371  O OE1 . GLU A 1 59  ? 13.052  -12.417 6.457   1.00 25.16 ? 59  GLU A OE1 1 
ATOM   372  O OE2 . GLU A 1 59  ? 14.883  -12.290 5.259   1.00 27.34 ? 59  GLU A OE2 1 
ATOM   373  N N   . LYS A 1 60  ? 11.305  -7.258  4.625   1.00 15.10 ? 60  LYS A N   1 
ATOM   374  C CA  . LYS A 1 60  ? 10.011  -6.603  4.460   1.00 14.31 ? 60  LYS A CA  1 
ATOM   375  C C   . LYS A 1 60  ? 9.360   -6.986  3.136   1.00 12.95 ? 60  LYS A C   1 
ATOM   376  O O   . LYS A 1 60  ? 8.161   -7.239  3.087   1.00 12.17 ? 60  LYS A O   1 
ATOM   377  C CB  . LYS A 1 60  ? 10.093  -5.080  4.611   1.00 15.01 ? 60  LYS A CB  1 
ATOM   378  C CG  . LYS A 1 60  ? 10.225  -4.640  6.060   1.00 16.96 ? 60  LYS A CG  1 
ATOM   379  C CD  . LYS A 1 60  ? 10.193  -3.137  6.218   1.00 19.27 ? 60  LYS A CD  1 
ATOM   380  C CE  . LYS A 1 60  ? 10.444  -2.762  7.664   1.00 21.02 ? 60  LYS A CE  1 
ATOM   381  N NZ  . LYS A 1 60  ? 10.646  -1.308  7.833   1.00 24.55 ? 60  LYS A NZ  1 
ATOM   382  N N   . VAL A 1 61  ? 10.156  -7.069  2.070   1.00 11.79 ? 61  VAL A N   1 
ATOM   383  C CA  . VAL A 1 61  ? 9.610   -7.494  0.775   1.00 11.41 ? 61  VAL A CA  1 
ATOM   384  C C   . VAL A 1 61  ? 9.154   -8.961  0.817   1.00 10.18 ? 61  VAL A C   1 
ATOM   385  O O   . VAL A 1 61  ? 8.070   -9.313  0.320   1.00 9.21  ? 61  VAL A O   1 
ATOM   386  C CB  . VAL A 1 61  ? 10.625  -7.286  -0.353  1.00 11.68 ? 61  VAL A CB  1 
ATOM   387  C CG1 . VAL A 1 61  ? 10.020  -7.673  -1.688  1.00 14.19 ? 61  VAL A CG1 1 
ATOM   388  C CG2 . VAL A 1 61  ? 11.059  -5.840  -0.375  1.00 13.29 ? 61  VAL A CG2 1 
ATOM   389  N N   . LYS A 1 62  ? 9.982   -9.816  1.424   1.00 9.84  ? 62  LYS A N   1 
ATOM   390  C CA  . LYS A 1 62  ? 9.652   -11.226 1.566   1.00 10.32 ? 62  LYS A CA  1 
ATOM   391  C C   . LYS A 1 62  ? 8.328   -11.410 2.304   1.00 9.73  ? 62  LYS A C   1 
ATOM   392  O O   . LYS A 1 62  ? 7.471   -12.178 1.870   1.00 9.77  ? 62  LYS A O   1 
ATOM   393  C CB  . LYS A 1 62  ? 10.783  -11.944 2.299   1.00 10.91 ? 62  LYS A CB  1 
ATOM   394  C CG  . LYS A 1 62  ? 10.624  -13.449 2.356   1.00 12.85 ? 62  LYS A CG  1 
ATOM   395  C CD  . LYS A 1 62  ? 11.756  -14.099 3.143   1.00 15.86 ? 62  LYS A CD  1 
ATOM   396  C CE  . LYS A 1 62  ? 11.646  -15.613 3.123   1.00 18.36 ? 62  LYS A CE  1 
ATOM   397  N NZ  . LYS A 1 62  ? 10.408  -16.108 3.775   1.00 21.16 ? 62  LYS A NZ  1 
ATOM   398  N N   . ALA A 1 63  ? 8.153   -10.682 3.407   1.00 10.03 ? 63  ALA A N   1 
ATOM   399  C CA  . ALA A 1 63  ? 6.931   -10.776 4.199   1.00 10.55 ? 63  ALA A CA  1 
ATOM   400  C C   . ALA A 1 63  ? 5.737   -10.240 3.418   1.00 10.28 ? 63  ALA A C   1 
ATOM   401  O O   . ALA A 1 63  ? 4.635   -10.790 3.505   1.00 10.58 ? 63  ALA A O   1 
ATOM   402  C CB  . ALA A 1 63  ? 7.084   -10.003 5.505   1.00 11.14 ? 63  ALA A CB  1 
ATOM   403  N N   . PHE A 1 64  ? 5.959   -9.171  2.653   1.00 9.41  ? 64  PHE A N   1 
ATOM   404  C CA  . PHE A 1 64  ? 4.890   -8.572  1.870   1.00 9.74  ? 64  PHE A CA  1 
ATOM   405  C C   . PHE A 1 64  ? 4.387   -9.522  0.789   1.00 9.88  ? 64  PHE A C   1 
ATOM   406  O O   . PHE A 1 64  ? 3.178   -9.693  0.607   1.00 10.22 ? 64  PHE A O   1 
ATOM   407  C CB  . PHE A 1 64  ? 5.342   -7.247  1.243   1.00 9.22  ? 64  PHE A CB  1 
ATOM   408  C CG  . PHE A 1 64  ? 4.290   -6.622  0.372   1.00 8.17  ? 64  PHE A CG  1 
ATOM   409  C CD1 . PHE A 1 64  ? 4.311   -6.806  -1.009  1.00 9.57  ? 64  PHE A CD1 1 
ATOM   410  C CD2 . PHE A 1 64  ? 3.268   -5.857  0.932   1.00 8.67  ? 64  PHE A CD2 1 
ATOM   411  C CE1 . PHE A 1 64  ? 3.315   -6.246  -1.827  1.00 9.06  ? 64  PHE A CE1 1 
ATOM   412  C CE2 . PHE A 1 64  ? 2.270   -5.291  0.129   1.00 9.15  ? 64  PHE A CE2 1 
ATOM   413  C CZ  . PHE A 1 64  ? 2.305   -5.471  -1.250  1.00 8.76  ? 64  PHE A CZ  1 
ATOM   414  N N   . ILE A 1 65  ? 5.319   -10.140 0.067   1.00 10.18 ? 65  ILE A N   1 
ATOM   415  C CA  . ILE A 1 65  ? 4.957   -11.103 -0.966  1.00 11.20 ? 65  ILE A CA  1 
ATOM   416  C C   . ILE A 1 65  ? 4.178   -12.289 -0.374  1.00 10.92 ? 65  ILE A C   1 
ATOM   417  O O   . ILE A 1 65  ? 3.178   -12.724 -0.935  1.00 11.57 ? 65  ILE A O   1 
ATOM   418  C CB  . ILE A 1 65  ? 6.218   -11.595 -1.748  1.00 11.42 ? 65  ILE A CB  1 
ATOM   419  C CG1 . ILE A 1 65  ? 6.854   -10.451 -2.557  1.00 13.81 ? 65  ILE A CG1 1 
ATOM   420  C CG2 . ILE A 1 65  ? 5.882   -12.796 -2.641  1.00 12.68 ? 65  ILE A CG2 1 
ATOM   421  C CD1 . ILE A 1 65  ? 5.983   -9.868  -3.638  1.00 16.18 ? 65  ILE A CD1 1 
ATOM   422  N N   . GLU A 1 66  ? 4.621   -12.786 0.775   1.00 11.37 ? 66  GLU A N   1 
ATOM   423  C CA  . GLU A 1 66  ? 3.912   -13.873 1.449   1.00 11.93 ? 66  GLU A CA  1 
ATOM   424  C C   . GLU A 1 66  ? 2.491   -13.469 1.879   1.00 11.10 ? 66  GLU A C   1 
ATOM   425  O O   . GLU A 1 66  ? 1.545   -14.256 1.738   1.00 11.53 ? 66  GLU A O   1 
ATOM   426  C CB  . GLU A 1 66  ? 4.725   -14.312 2.661   1.00 12.47 ? 66  GLU A CB  1 
ATOM   427  C CG  . GLU A 1 66  ? 4.290   -15.588 3.333   1.00 17.18 ? 66  GLU A CG  1 
ATOM   428  C CD  . GLU A 1 66  ? 5.321   -16.002 4.358   1.00 22.12 ? 66  GLU A CD  1 
ATOM   429  O OE1 . GLU A 1 66  ? 5.438   -15.297 5.385   1.00 25.99 ? 66  GLU A OE1 1 
ATOM   430  O OE2 . GLU A 1 66  ? 6.034   -16.996 4.119   1.00 26.11 ? 66  GLU A OE2 1 
ATOM   431  N N   . ALA A 1 67  ? 2.337   -12.247 2.394   1.00 10.30 ? 67  ALA A N   1 
ATOM   432  C CA  . ALA A 1 67  ? 1.047   -11.793 2.932   1.00 9.85  ? 67  ALA A CA  1 
ATOM   433  C C   . ALA A 1 67  ? 0.075   -11.378 1.835   1.00 9.37  ? 67  ALA A C   1 
ATOM   434  O O   . ALA A 1 67  ? -1.102  -11.767 1.862   1.00 9.85  ? 67  ALA A O   1 
ATOM   435  C CB  . ALA A 1 67  ? 1.248   -10.663 3.924   1.00 10.55 ? 67  ALA A CB  1 
ATOM   436  N N   . SER A 1 68  ? 0.574   -10.573 0.892   1.00 9.30  ? 68  SER A N   1 
ATOM   437  C CA  . SER A 1 68  ? -0.262  -9.930  -0.124  1.00 9.57  ? 68  SER A CA  1 
ATOM   438  C C   . SER A 1 68  ? -0.340  -10.691 -1.437  1.00 10.48 ? 68  SER A C   1 
ATOM   439  O O   . SER A 1 68  ? -1.326  -10.563 -2.177  1.00 11.40 ? 68  SER A O   1 
ATOM   440  C CB  . SER A 1 68  ? 0.225   -8.499  -0.400  1.00 9.39  ? 68  SER A CB  1 
ATOM   441  O OG  . SER A 1 68  ? -0.724  -7.800  -1.202  1.00 9.65  ? 68  SER A OG  1 
ATOM   442  N N   . GLY A 1 69  ? 0.700   -11.472 -1.716  1.00 10.28 ? 69  GLY A N   1 
ATOM   443  C CA  . GLY A 1 69  ? 0.916   -12.032 -3.049  1.00 10.80 ? 69  GLY A CA  1 
ATOM   444  C C   . GLY A 1 69  ? 1.710   -11.058 -3.897  1.00 10.82 ? 69  GLY A C   1 
ATOM   445  O O   . GLY A 1 69  ? 1.701   -9.845  -3.645  1.00 10.71 ? 69  GLY A O   1 
ATOM   446  N N   . ALA A 1 70  ? 2.428   -11.560 -4.894  1.00 10.93 ? 70  ALA A N   1 
ATOM   447  C CA  . ALA A 1 70  ? 3.138   -10.713 -5.843  1.00 10.55 ? 70  ALA A CA  1 
ATOM   448  C C   . ALA A 1 70  ? 2.196   -9.766  -6.583  1.00 10.22 ? 70  ALA A C   1 
ATOM   449  O O   . ALA A 1 70  ? 2.607   -8.697  -7.060  1.00 10.84 ? 70  ALA A O   1 
ATOM   450  C CB  . ALA A 1 70  ? 3.925   -11.570 -6.835  1.00 10.77 ? 70  ALA A CB  1 
ATOM   451  N N   . GLU A 1 71  ? 0.916   -10.150 -6.626  1.00 9.87  ? 71  GLU A N   1 
ATOM   452  C CA  . GLU A 1 71  ? -0.114  -9.318  -7.228  1.00 9.77  ? 71  GLU A CA  1 
ATOM   453  C C   . GLU A 1 71  ? -0.277  -7.995  -6.471  1.00 9.11  ? 71  GLU A C   1 
ATOM   454  O O   . GLU A 1 71  ? -0.853  -7.054  -7.008  1.00 9.80  ? 71  GLU A O   1 
ATOM   455  C CB  . GLU A 1 71  ? -1.462  -10.044 -7.246  1.00 10.15 ? 71  GLU A CB  1 
ATOM   456  C CG  . GLU A 1 71  ? -1.511  -11.328 -8.086  1.00 12.02 ? 71  GLU A CG  1 
ATOM   457  C CD  . GLU A 1 71  ? -1.172  -12.589 -7.305  1.00 13.44 ? 71  GLU A CD  1 
ATOM   458  O OE1 . GLU A 1 71  ? -0.549  -12.518 -6.228  1.00 11.13 ? 71  GLU A OE1 1 
ATOM   459  O OE2 . GLU A 1 71  ? -1.538  -13.687 -7.790  1.00 16.98 ? 71  GLU A OE2 1 
ATOM   460  N N   . GLY A 1 72  ? 0.269   -7.930  -5.255  1.00 8.80  ? 72  GLY A N   1 
ATOM   461  C CA  . GLY A 1 72  ? 0.173   -6.733  -4.410  1.00 8.96  ? 72  GLY A CA  1 
ATOM   462  C C   . GLY A 1 72  ? 1.198   -5.647  -4.704  1.00 8.78  ? 72  GLY A C   1 
ATOM   463  O O   . GLY A 1 72  ? 1.117   -4.541  -4.173  1.00 8.38  ? 72  GLY A O   1 
ATOM   464  N N   . LEU A 1 73  ? 2.164   -5.955  -5.561  1.00 8.54  ? 73  LEU A N   1 
ATOM   465  C CA  . LEU A 1 73  ? 3.225   -5.019  -5.940  1.00 8.71  ? 73  LEU A CA  1 
ATOM   466  C C   . LEU A 1 73  ? 2.644   -3.850  -6.750  1.00 9.39  ? 73  LEU A C   1 
ATOM   467  O O   . LEU A 1 73  ? 1.583   -3.990  -7.346  1.00 9.64  ? 73  LEU A O   1 
ATOM   468  C CB  . LEU A 1 73  ? 4.316   -5.755  -6.726  1.00 9.23  ? 73  LEU A CB  1 
ATOM   469  C CG  . LEU A 1 73  ? 5.117   -6.802  -5.939  1.00 8.46  ? 73  LEU A CG  1 
ATOM   470  C CD1 . LEU A 1 73  ? 5.956   -7.617  -6.908  1.00 9.39  ? 73  LEU A CD1 1 
ATOM   471  C CD2 . LEU A 1 73  ? 6.016   -6.159  -4.882  1.00 10.14 ? 73  LEU A CD2 1 
ATOM   472  N N   . PRO A 1 74  ? 3.334   -2.697  -6.791  1.00 9.10  ? 74  PRO A N   1 
ATOM   473  C CA  . PRO A 1 74  ? 4.666   -2.405  -6.231  1.00 9.86  ? 74  PRO A CA  1 
ATOM   474  C C   . PRO A 1 74  ? 4.674   -2.180  -4.724  1.00 9.24  ? 74  PRO A C   1 
ATOM   475  O O   . PRO A 1 74  ? 3.622   -1.858  -4.125  1.00 9.68  ? 74  PRO A O   1 
ATOM   476  C CB  . PRO A 1 74  ? 5.058   -1.104  -6.930  1.00 10.10 ? 74  PRO A CB  1 
ATOM   477  C CG  . PRO A 1 74  ? 3.741   -0.433  -7.177  1.00 10.49 ? 74  PRO A CG  1 
ATOM   478  C CD  . PRO A 1 74  ? 2.808   -1.547  -7.551  1.00 10.10 ? 74  PRO A CD  1 
ATOM   479  N N   . LEU A 1 75  ? 5.848   -2.325  -4.114  1.00 9.36  ? 75  LEU A N   1 
ATOM   480  C CA  . LEU A 1 75  ? 6.069   -1.995  -2.715  1.00 8.75  ? 75  LEU A CA  1 
ATOM   481  C C   . LEU A 1 75  ? 7.168   -0.935  -2.713  1.00 8.80  ? 75  LEU A C   1 
ATOM   482  O O   . LEU A 1 75  ? 8.205   -1.126  -3.356  1.00 9.78  ? 75  LEU A O   1 
ATOM   483  C CB  . LEU A 1 75  ? 6.520   -3.227  -1.930  1.00 9.41  ? 75  LEU A CB  1 
ATOM   484  C CG  . LEU A 1 75  ? 6.925   -3.016  -0.476  1.00 9.72  ? 75  LEU A CG  1 
ATOM   485  C CD1 . LEU A 1 75  ? 5.720   -2.568  0.352   1.00 10.84 ? 75  LEU A CD1 1 
ATOM   486  C CD2 . LEU A 1 75  ? 7.540   -4.309  0.095   1.00 10.88 ? 75  LEU A CD2 1 
ATOM   487  N N   . LEU A 1 76  ? 6.936   0.172   -2.011  1.00 8.42  ? 76  LEU A N   1 
ATOM   488  C CA  . LEU A 1 76  ? 7.898   1.267   -1.931  1.00 8.62  ? 76  LEU A CA  1 
ATOM   489  C C   . LEU A 1 76  ? 8.351   1.460   -0.495  1.00 8.21  ? 76  LEU A C   1 
ATOM   490  O O   . LEU A 1 76  ? 7.528   1.595   0.414   1.00 8.52  ? 76  LEU A O   1 
ATOM   491  C CB  . LEU A 1 76  ? 7.291   2.568   -2.473  1.00 8.89  ? 76  LEU A CB  1 
ATOM   492  C CG  . LEU A 1 76  ? 7.076   2.551   -3.992  1.00 10.40 ? 76  LEU A CG  1 
ATOM   493  C CD1 . LEU A 1 76  ? 5.683   2.054   -4.398  1.00 10.40 ? 76  LEU A CD1 1 
ATOM   494  C CD2 . LEU A 1 76  ? 7.351   3.887   -4.607  1.00 11.24 ? 76  LEU A CD2 1 
ATOM   495  N N   . LEU A 1 77  ? 9.670   1.461   -0.309  1.00 8.80  ? 77  LEU A N   1 
ATOM   496  C CA  . LEU A 1 77  ? 10.306  1.645   0.995   1.00 9.48  ? 77  LEU A CA  1 
ATOM   497  C C   . LEU A 1 77  ? 11.103  2.946   1.003   1.00 9.73  ? 77  LEU A C   1 
ATOM   498  O O   . LEU A 1 77  ? 11.896  3.217   0.082   1.00 10.70 ? 77  LEU A O   1 
ATOM   499  C CB  . LEU A 1 77  ? 11.234  0.467   1.320   1.00 10.68 ? 77  LEU A CB  1 
ATOM   500  C CG  . LEU A 1 77  ? 10.707  -0.956  1.143   1.00 10.10 ? 77  LEU A CG  1 
ATOM   501  C CD1 . LEU A 1 77  ? 11.772  -1.998  1.541   1.00 13.09 ? 77  LEU A CD1 1 
ATOM   502  C CD2 . LEU A 1 77  ? 9.462   -1.167  1.950   1.00 11.84 ? 77  LEU A CD2 1 
ATOM   503  N N   . LEU A 1 78  ? 10.879  3.743   2.039   1.00 8.97  ? 78  LEU A N   1 
ATOM   504  C CA  . LEU A 1 78  ? 11.532  5.035   2.240   1.00 9.92  ? 78  LEU A CA  1 
ATOM   505  C C   . LEU A 1 78  ? 12.388  4.914   3.491   1.00 10.47 ? 78  LEU A C   1 
ATOM   506  O O   . LEU A 1 78  ? 11.878  4.687   4.590   1.00 10.66 ? 78  LEU A O   1 
ATOM   507  C CB  . LEU A 1 78  ? 10.456  6.113   2.397   1.00 10.04 ? 78  LEU A CB  1 
ATOM   508  C CG  . LEU A 1 78  ? 10.909  7.568   2.392   1.00 10.66 ? 78  LEU A CG  1 
ATOM   509  C CD1 . LEU A 1 78  ? 11.436  7.965   1.014   1.00 11.97 ? 78  LEU A CD1 1 
ATOM   510  C CD2 . LEU A 1 78  ? 9.732   8.437   2.758   1.00 11.01 ? 78  LEU A CD2 1 
ATOM   511  N N   . ASP A 1 79  ? 13.708  5.043   3.320   1.00 10.95 ? 79  ASP A N   1 
ATOM   512  C CA  . ASP A 1 79  ? 14.666  4.678   4.377   1.00 12.19 ? 79  ASP A CA  1 
ATOM   513  C C   . ASP A 1 79  ? 14.311  3.319   5.003   1.00 12.23 ? 79  ASP A C   1 
ATOM   514  O O   . ASP A 1 79  ? 14.353  3.141   6.226   1.00 12.87 ? 79  ASP A O   1 
ATOM   515  C CB  . ASP A 1 79  ? 14.795  5.788   5.440   1.00 12.57 ? 79  ASP A CB  1 
ATOM   516  C CG  . ASP A 1 79  ? 15.730  6.913   5.017   1.00 15.35 ? 79  ASP A CG  1 
ATOM   517  O OD1 . ASP A 1 79  ? 15.779  7.927   5.743   1.00 18.46 ? 79  ASP A OD1 1 
ATOM   518  O OD2 . ASP A 1 79  ? 16.414  6.798   3.971   1.00 16.39 ? 79  ASP A OD2 1 
ATOM   519  N N   . GLY A 1 80  ? 13.939  2.369   4.143   1.00 12.06 ? 80  GLY A N   1 
ATOM   520  C CA  . GLY A 1 80  ? 13.636  1.009   4.580   1.00 12.31 ? 80  GLY A CA  1 
ATOM   521  C C   . GLY A 1 80  ? 12.255  0.773   5.173   1.00 12.23 ? 80  GLY A C   1 
ATOM   522  O O   . GLY A 1 80  ? 11.944  -0.345  5.567   1.00 13.31 ? 80  GLY A O   1 
ATOM   523  N N   . GLU A 1 81  ? 11.434  1.822   5.238   1.00 12.15 ? 81  GLU A N   1 
ATOM   524  C CA  . GLU A 1 81  ? 10.101  1.765   5.844   1.00 11.94 ? 81  GLU A CA  1 
ATOM   525  C C   . GLU A 1 81  ? 9.031   1.770   4.756   1.00 10.31 ? 81  GLU A C   1 
ATOM   526  O O   . GLU A 1 81  ? 9.065   2.599   3.836   1.00 10.04 ? 81  GLU A O   1 
ATOM   527  C CB  . GLU A 1 81  ? 9.871   2.975   6.762   1.00 12.51 ? 81  GLU A CB  1 
ATOM   528  C CG  . GLU A 1 81  ? 10.829  3.059   7.960   1.00 17.23 ? 81  GLU A CG  1 
ATOM   529  C CD  . GLU A 1 81  ? 10.685  1.888   8.906   1.00 22.93 ? 81  GLU A CD  1 
ATOM   530  O OE1 . GLU A 1 81  ? 11.663  1.121   9.069   1.00 25.90 ? 81  GLU A OE1 1 
ATOM   531  O OE2 . GLU A 1 81  ? 9.588   1.729   9.483   1.00 26.65 ? 81  GLU A OE2 1 
ATOM   532  N N   . THR A 1 82  ? 8.040   0.891   4.867   1.00 9.45  ? 82  THR A N   1 
ATOM   533  C CA  . THR A 1 82  ? 6.957   0.863   3.871   1.00 9.13  ? 82  THR A CA  1 
ATOM   534  C C   . THR A 1 82  ? 6.159   2.169   3.886   1.00 8.37  ? 82  THR A C   1 
ATOM   535  O O   . THR A 1 82  ? 5.706   2.607   4.941   1.00 9.18  ? 82  THR A O   1 
ATOM   536  C CB  . THR A 1 82  ? 6.026   -0.329  4.135   1.00 9.45  ? 82  THR A CB  1 
ATOM   537  O OG1 . THR A 1 82  ? 6.780   -1.523  3.943   1.00 11.52 ? 82  THR A OG1 1 
ATOM   538  C CG2 . THR A 1 82  ? 4.831   -0.325  3.177   1.00 11.08 ? 82  THR A CG2 1 
ATOM   539  N N   . VAL A 1 83  ? 5.996   2.784   2.708   1.00 7.65  ? 83  VAL A N   1 
ATOM   540  C CA  . VAL A 1 83  ? 5.225   4.016   2.590   1.00 8.04  ? 83  VAL A CA  1 
ATOM   541  C C   . VAL A 1 83  ? 4.077   3.907   1.579   1.00 7.33  ? 83  VAL A C   1 
ATOM   542  O O   . VAL A 1 83  ? 3.191   4.758   1.562   1.00 8.03  ? 83  VAL A O   1 
ATOM   543  C CB  . VAL A 1 83  ? 6.108   5.247   2.266   1.00 7.68  ? 83  VAL A CB  1 
ATOM   544  C CG1 . VAL A 1 83  ? 6.992   5.579   3.472   1.00 8.39  ? 83  VAL A CG1 1 
ATOM   545  C CG2 . VAL A 1 83  ? 6.955   5.008   1.002   1.00 9.09  ? 83  VAL A CG2 1 
ATOM   546  N N   . MET A 1 84  ? 4.083   2.862   0.759   1.00 7.10  ? 84  MET A N   1 
ATOM   547  C CA  . MET A 1 84  ? 3.029   2.664   -0.242  1.00 7.03  ? 84  MET A CA  1 
ATOM   548  C C   . MET A 1 84  ? 3.141   1.233   -0.755  1.00 7.15  ? 84  MET A C   1 
ATOM   549  O O   . MET A 1 84  ? 4.246   0.689   -0.871  1.00 8.23  ? 84  MET A O   1 
ATOM   550  C CB  . MET A 1 84  ? 3.202   3.654   -1.405  1.00 6.67  ? 84  MET A CB  1 
ATOM   551  C CG  . MET A 1 84  ? 2.113   3.561   -2.496  1.00 7.35  ? 84  MET A CG  1 
ATOM   552  S SD  . MET A 1 84  ? 2.168   4.897   -3.723  1.00 8.01  ? 84  MET A SD  1 
ATOM   553  C CE  . MET A 1 84  ? 1.611   6.287   -2.721  1.00 9.55  ? 84  MET A CE  1 
ATOM   554  N N   . ALA A 1 85  ? 1.994   0.623   -1.051  1.00 7.08  ? 85  ALA A N   1 
ATOM   555  C CA  . ALA A 1 85  ? 1.970   -0.733  -1.593  1.00 7.12  ? 85  ALA A CA  1 
ATOM   556  C C   . ALA A 1 85  ? 0.711   -0.917  -2.428  1.00 7.17  ? 85  ALA A C   1 
ATOM   557  O O   . ALA A 1 85  ? -0.402  -0.650  -1.961  1.00 7.56  ? 85  ALA A O   1 
ATOM   558  C CB  . ALA A 1 85  ? 2.046   -1.764  -0.467  1.00 7.99  ? 85  ALA A CB  1 
ATOM   559  N N   . GLY A 1 86  ? 0.883   -1.363  -3.671  1.00 7.98  ? 86  GLY A N   1 
ATOM   560  C CA  . GLY A 1 86  ? -0.255  -1.637  -4.543  1.00 7.90  ? 86  GLY A CA  1 
ATOM   561  C C   . GLY A 1 86  ? -0.475  -0.624  -5.655  1.00 7.62  ? 86  GLY A C   1 
ATOM   562  O O   . GLY A 1 86  ? -1.344  -0.812  -6.488  1.00 7.62  ? 86  GLY A O   1 
ATOM   563  N N   . ARG A 1 87  ? 0.276   0.472   -5.634  1.00 7.44  ? 87  ARG A N   1 
ATOM   564  C CA  . ARG A 1 87  ? 0.244   1.474   -6.714  1.00 7.90  ? 87  ARG A CA  1 
ATOM   565  C C   . ARG A 1 87  ? 1.507   2.304   -6.605  1.00 7.98  ? 87  ARG A C   1 
ATOM   566  O O   . ARG A 1 87  ? 2.248   2.211   -5.625  1.00 8.25  ? 87  ARG A O   1 
ATOM   567  C CB  . ARG A 1 87  ? -0.994  2.390   -6.649  1.00 8.21  ? 87  ARG A CB  1 
ATOM   568  C CG  . ARG A 1 87  ? -1.070  3.279   -5.413  1.00 8.26  ? 87  ARG A CG  1 
ATOM   569  C CD  . ARG A 1 87  ? -2.055  4.413   -5.645  1.00 8.48  ? 87  ARG A CD  1 
ATOM   570  N NE  . ARG A 1 87  ? -2.208  5.274   -4.476  1.00 8.03  ? 87  ARG A NE  1 
ATOM   571  C CZ  . ARG A 1 87  ? -1.578  6.437   -4.292  1.00 7.90  ? 87  ARG A CZ  1 
ATOM   572  N NH1 . ARG A 1 87  ? -1.829  7.152   -3.196  1.00 8.69  ? 87  ARG A NH1 1 
ATOM   573  N NH2 . ARG A 1 87  ? -0.710  6.909   -5.201  1.00 8.21  ? 87  ARG A NH2 1 
ATOM   574  N N   . TYR A 1 88  ? 1.740   3.131   -7.622  1.00 8.45  ? 88  TYR A N   1 
ATOM   575  C CA  . TYR A 1 88  ? 2.852   4.083   -7.615  1.00 8.34  ? 88  TYR A CA  1 
ATOM   576  C C   . TYR A 1 88  ? 2.430   5.462   -7.120  1.00 8.44  ? 88  TYR A C   1 
ATOM   577  O O   . TYR A 1 88  ? 1.265   5.841   -7.263  1.00 8.90  ? 88  TYR A O   1 
ATOM   578  C CB  . TYR A 1 88  ? 3.449   4.209   -9.028  1.00 8.71  ? 88  TYR A CB  1 
ATOM   579  C CG  . TYR A 1 88  ? 4.129   2.939   -9.477  1.00 8.64  ? 88  TYR A CG  1 
ATOM   580  C CD1 . TYR A 1 88  ? 5.427   2.631   -9.051  1.00 9.34  ? 88  TYR A CD1 1 
ATOM   581  C CD2 . TYR A 1 88  ? 3.452   2.019   -10.279 1.00 10.63 ? 88  TYR A CD2 1 
ATOM   582  C CE1 . TYR A 1 88  ? 6.047   1.432   -9.439  1.00 9.57  ? 88  TYR A CE1 1 
ATOM   583  C CE2 . TYR A 1 88  ? 4.061   0.824   -10.670 1.00 11.26 ? 88  TYR A CE2 1 
ATOM   584  C CZ  . TYR A 1 88  ? 5.353   0.545   -10.258 1.00 11.02 ? 88  TYR A CZ  1 
ATOM   585  O OH  . TYR A 1 88  ? 5.931   -0.654  -10.659 1.00 12.35 ? 88  TYR A OH  1 
ATOM   586  N N   . PRO A 1 89  ? 3.370   6.209   -6.523  1.00 8.26  ? 89  PRO A N   1 
ATOM   587  C CA  . PRO A 1 89  ? 3.082   7.557   -6.018  1.00 8.16  ? 89  PRO A CA  1 
ATOM   588  C C   . PRO A 1 89  ? 3.090   8.596   -7.122  1.00 9.32  ? 89  PRO A C   1 
ATOM   589  O O   . PRO A 1 89  ? 3.854   8.487   -8.093  1.00 10.23 ? 89  PRO A O   1 
ATOM   590  C CB  . PRO A 1 89  ? 4.252   7.824   -5.064  1.00 8.30  ? 89  PRO A CB  1 
ATOM   591  C CG  . PRO A 1 89  ? 5.368   7.034   -5.641  1.00 8.34  ? 89  PRO A CG  1 
ATOM   592  C CD  . PRO A 1 89  ? 4.733   5.780   -6.176  1.00 8.85  ? 89  PRO A CD  1 
ATOM   593  N N   . LYS A 1 90  ? 2.250   9.600   -6.935  1.00 9.27  ? 90  LYS A N   1 
ATOM   594  C CA  . LYS A 1 90  ? 2.238   10.781  -7.794  1.00 9.89  ? 90  LYS A CA  1 
ATOM   595  C C   . LYS A 1 90  ? 3.376   11.716  -7.401  1.00 9.46  ? 90  LYS A C   1 
ATOM   596  O O   . LYS A 1 90  ? 3.924   11.638  -6.303  1.00 9.35  ? 90  LYS A O   1 
ATOM   597  C CB  . LYS A 1 90  ? 0.898   11.503  -7.679  1.00 10.55 ? 90  LYS A CB  1 
ATOM   598  C CG  . LYS A 1 90  ? -0.305  10.641  -8.028  1.00 14.11 ? 90  LYS A CG  1 
ATOM   599  C CD  . LYS A 1 90  ? -1.402  11.444  -8.654  1.00 20.19 ? 90  LYS A CD  1 
ATOM   600  C CE  . LYS A 1 90  ? -2.537  10.549  -9.119  1.00 21.74 ? 90  LYS A CE  1 
ATOM   601  N NZ  . LYS A 1 90  ? -3.474  11.310  -9.980  1.00 23.68 ? 90  LYS A NZ  1 
ATOM   602  N N   . ARG A 1 91  ? 3.726   12.613  -8.312  1.00 9.04  ? 91  ARG A N   1 
ATOM   603  C CA  . ARG A 1 91  ? 4.784   13.575  -8.064  1.00 9.35  ? 91  ARG A CA  1 
ATOM   604  C C   . ARG A 1 91  ? 4.600   14.363  -6.758  1.00 8.99  ? 91  ARG A C   1 
ATOM   605  O O   . ARG A 1 91  ? 5.562   14.569  -6.017  1.00 9.46  ? 91  ARG A O   1 
ATOM   606  C CB  . ARG A 1 91  ? 4.898   14.536  -9.249  1.00 9.76  ? 91  ARG A CB  1 
ATOM   607  C CG  . ARG A 1 91  ? 6.136   15.359  -9.206  1.00 10.92 ? 91  ARG A CG  1 
ATOM   608  C CD  . ARG A 1 91  ? 6.286   16.153  -10.501 1.00 12.70 ? 91  ARG A CD  1 
ATOM   609  N NE  . ARG A 1 91  ? 6.975   15.382  -11.532 1.00 15.40 ? 91  ARG A NE  1 
ATOM   610  C CZ  . ARG A 1 91  ? 7.967   15.839  -12.305 1.00 13.85 ? 91  ARG A CZ  1 
ATOM   611  N NH1 . ARG A 1 91  ? 8.499   15.033  -13.202 1.00 15.77 ? 91  ARG A NH1 1 
ATOM   612  N NH2 . ARG A 1 91  ? 8.427   17.086  -12.193 1.00 16.65 ? 91  ARG A NH2 1 
ATOM   613  N N   . ALA A 1 92  ? 3.371   14.781  -6.460  1.00 8.92  ? 92  ALA A N   1 
ATOM   614  C CA  . ALA A 1 92  ? 3.103   15.516  -5.217  1.00 9.09  ? 92  ALA A CA  1 
ATOM   615  C C   . ALA A 1 92  ? 3.347   14.653  -3.972  1.00 9.21  ? 92  ALA A C   1 
ATOM   616  O O   . ALA A 1 92  ? 3.743   15.175  -2.926  1.00 10.05 ? 92  ALA A O   1 
ATOM   617  C CB  . ALA A 1 92  ? 1.688   16.094  -5.203  1.00 9.20  ? 92  ALA A CB  1 
ATOM   618  N N   . GLU A 1 93  ? 3.107   13.347  -4.082  1.00 8.89  ? 93  GLU A N   1 
ATOM   619  C CA  . GLU A 1 93  ? 3.387   12.438  -2.964  1.00 9.69  ? 93  GLU A CA  1 
ATOM   620  C C   . GLU A 1 93  ? 4.888   12.264  -2.774  1.00 10.68 ? 93  GLU A C   1 
ATOM   621  O O   . GLU A 1 93  ? 5.385   12.336  -1.643  1.00 10.74 ? 93  GLU A O   1 
ATOM   622  C CB  . GLU A 1 93  ? 2.679   11.101  -3.159  1.00 9.55  ? 93  GLU A CB  1 
ATOM   623  C CG  . GLU A 1 93  ? 1.168   11.240  -3.212  1.00 9.07  ? 93  GLU A CG  1 
ATOM   624  C CD  . GLU A 1 93  ? 0.474   9.924   -3.470  1.00 10.54 ? 93  GLU A CD  1 
ATOM   625  O OE1 . GLU A 1 93  ? 0.638   9.340   -4.567  1.00 10.76 ? 93  GLU A OE1 1 
ATOM   626  O OE2 . GLU A 1 93  ? -0.256  9.470   -2.558  1.00 10.19 ? 93  GLU A OE2 1 
ATOM   627  N N   . LEU A 1 94  ? 5.610   12.062  -3.880  1.00 10.15 ? 94  LEU A N   1 
ATOM   628  C CA  . LEU A 1 94  ? 7.071   12.024  -3.851  1.00 10.39 ? 94  LEU A CA  1 
ATOM   629  C C   . LEU A 1 94  ? 7.645   13.288  -3.232  1.00 11.70 ? 94  LEU A C   1 
ATOM   630  O O   . LEU A 1 94  ? 8.563   13.220  -2.400  1.00 12.11 ? 94  LEU A O   1 
ATOM   631  C CB  . LEU A 1 94  ? 7.615   11.806  -5.262  1.00 10.67 ? 94  LEU A CB  1 
ATOM   632  C CG  . LEU A 1 94  ? 7.326   10.413  -5.827  1.00 9.83  ? 94  LEU A CG  1 
ATOM   633  C CD1 . LEU A 1 94  ? 7.510   10.359  -7.331  1.00 12.18 ? 94  LEU A CD1 1 
ATOM   634  C CD2 . LEU A 1 94  ? 8.180   9.344   -5.154  1.00 10.43 ? 94  LEU A CD2 1 
ATOM   635  N N   . ALA A 1 95  ? 7.100   14.438  -3.622  1.00 11.94 ? 95  ALA A N   1 
ATOM   636  C CA  . ALA A 1 95  ? 7.553   15.713  -3.070  1.00 12.90 ? 95  ALA A CA  1 
ATOM   637  C C   . ALA A 1 95  ? 7.360   15.774  -1.547  1.00 12.97 ? 95  ALA A C   1 
ATOM   638  O O   . ALA A 1 95  ? 8.236   16.277  -0.821  1.00 13.91 ? 95  ALA A O   1 
ATOM   639  C CB  . ALA A 1 95  ? 6.851   16.871  -3.756  1.00 13.06 ? 95  ALA A CB  1 
ATOM   640  N N   . ARG A 1 96  ? 6.230   15.261  -1.065  1.00 13.21 ? 96  ARG A N   1 
ATOM   641  C CA  . ARG A 1 96  ? 5.970   15.150  0.377   1.00 13.61 ? 96  ARG A CA  1 
ATOM   642  C C   . ARG A 1 96  ? 7.020   14.272  1.067   1.00 13.39 ? 96  ARG A C   1 
ATOM   643  O O   . ARG A 1 96  ? 7.584   14.664  2.103   1.00 13.92 ? 96  ARG A O   1 
ATOM   644  C CB  . ARG A 1 96  ? 4.549   14.608  0.652   1.00 14.58 ? 96  ARG A CB  1 
ATOM   645  C CG  . ARG A 1 96  ? 4.189   14.437  2.142   1.00 15.18 ? 96  ARG A CG  1 
ATOM   646  C CD  . ARG A 1 96  ? 2.756   13.897  2.330   1.00 16.67 ? 96  ARG A CD  1 
ATOM   647  N NE  . ARG A 1 96  ? 2.653   12.433  2.366   1.00 14.95 ? 96  ARG A NE  1 
ATOM   648  C CZ  . ARG A 1 96  ? 1.974   11.691  1.481   1.00 14.99 ? 96  ARG A CZ  1 
ATOM   649  N NH1 . ARG A 1 96  ? 1.908   10.365  1.622   1.00 16.75 ? 96  ARG A NH1 1 
ATOM   650  N NH2 . ARG A 1 96  ? 1.345   12.272  0.467   1.00 14.94 ? 96  ARG A NH2 1 
ATOM   651  N N   . TRP A 1 97  ? 7.290   13.100  0.490   1.00 12.83 ? 97  TRP A N   1 
ATOM   652  C CA  . TRP A 1 97  ? 8.260   12.171  1.096   1.00 12.70 ? 97  TRP A CA  1 
ATOM   653  C C   . TRP A 1 97  ? 9.669   12.747  1.182   1.00 13.18 ? 97  TRP A C   1 
ATOM   654  O O   . TRP A 1 97  ? 10.354  12.543  2.194   1.00 14.19 ? 97  TRP A O   1 
ATOM   655  C CB  . TRP A 1 97  ? 8.322   10.842  0.349   1.00 12.50 ? 97  TRP A CB  1 
ATOM   656  C CG  . TRP A 1 97  ? 7.063   10.042  0.382   1.00 12.29 ? 97  TRP A CG  1 
ATOM   657  C CD1 . TRP A 1 97  ? 5.996   10.191  1.233   1.00 14.34 ? 97  TRP A CD1 1 
ATOM   658  C CD2 . TRP A 1 97  ? 6.759   8.924   -0.454  1.00 10.54 ? 97  TRP A CD2 1 
ATOM   659  N NE1 . TRP A 1 97  ? 5.036   9.245   0.949   1.00 14.21 ? 97  TRP A NE1 1 
ATOM   660  C CE2 . TRP A 1 97  ? 5.484   8.458   -0.082  1.00 11.30 ? 97  TRP A CE2 1 
ATOM   661  C CE3 . TRP A 1 97  ? 7.447   8.278   -1.491  1.00 10.32 ? 97  TRP A CE3 1 
ATOM   662  C CZ2 . TRP A 1 97  ? 4.873   7.375   -0.715  1.00 10.04 ? 97  TRP A CZ2 1 
ATOM   663  C CZ3 . TRP A 1 97  ? 6.842   7.205   -2.119  1.00 10.25 ? 97  TRP A CZ3 1 
ATOM   664  C CH2 . TRP A 1 97  ? 5.565   6.769   -1.728  1.00 10.40 ? 97  TRP A CH2 1 
ATOM   665  N N   . PHE A 1 98  ? 10.105  13.438  0.127   1.00 13.22 ? 98  PHE A N   1 
ATOM   666  C CA  . PHE A 1 98  ? 11.492  13.925  0.045   1.00 13.21 ? 98  PHE A CA  1 
ATOM   667  C C   . PHE A 1 98  ? 11.682  15.366  0.524   1.00 13.72 ? 98  PHE A C   1 
ATOM   668  O O   . PHE A 1 98  ? 12.803  15.885  0.513   1.00 14.75 ? 98  PHE A O   1 
ATOM   669  C CB  . PHE A 1 98  ? 12.068  13.728  -1.368  1.00 13.30 ? 98  PHE A CB  1 
ATOM   670  C CG  . PHE A 1 98  ? 12.180  12.288  -1.773  1.00 12.38 ? 98  PHE A CG  1 
ATOM   671  C CD1 . PHE A 1 98  ? 13.116  11.455  -1.160  1.00 11.59 ? 98  PHE A CD1 1 
ATOM   672  C CD2 . PHE A 1 98  ? 11.343  11.757  -2.748  1.00 14.51 ? 98  PHE A CD2 1 
ATOM   673  C CE1 . PHE A 1 98  ? 13.211  10.116  -1.501  1.00 13.65 ? 98  PHE A CE1 1 
ATOM   674  C CE2 . PHE A 1 98  ? 11.430  10.417  -3.098  1.00 15.35 ? 98  PHE A CE2 1 
ATOM   675  C CZ  . PHE A 1 98  ? 12.368  9.590   -2.475  1.00 15.70 ? 98  PHE A CZ  1 
ATOM   676  N N   . GLY A 1 99  ? 10.590  15.998  0.955   1.00 13.59 ? 99  GLY A N   1 
ATOM   677  C CA  . GLY A 1 99  ? 10.641  17.364  1.476   1.00 13.68 ? 99  GLY A CA  1 
ATOM   678  C C   . GLY A 1 99  ? 10.978  18.379  0.402   1.00 14.12 ? 99  GLY A C   1 
ATOM   679  O O   . GLY A 1 99  ? 11.662  19.376  0.675   1.00 14.33 ? 99  GLY A O   1 
ATOM   680  N N   . ILE A 1 100 ? 10.501  18.140  -0.818  1.00 14.47 ? 100 ILE A N   1 
ATOM   681  C CA  . ILE A 1 100 ? 10.750  19.045  -1.938  1.00 15.74 ? 100 ILE A CA  1 
ATOM   682  C C   . ILE A 1 100 ? 9.795   20.229  -1.803  1.00 15.86 ? 100 ILE A C   1 
ATOM   683  O O   . ILE A 1 100 ? 8.576   20.040  -1.786  1.00 15.86 ? 100 ILE A O   1 
ATOM   684  C CB  . ILE A 1 100 ? 10.581  18.340  -3.309  1.00 15.88 ? 100 ILE A CB  1 
ATOM   685  C CG1 . ILE A 1 100 ? 11.545  17.160  -3.407  1.00 17.16 ? 100 ILE A CG1 1 
ATOM   686  C CG2 . ILE A 1 100 ? 10.816  19.327  -4.463  1.00 16.60 ? 100 ILE A CG2 1 
ATOM   687  C CD1 . ILE A 1 100 ? 11.230  16.188  -4.497  1.00 19.76 ? 100 ILE A CD1 1 
ATOM   688  N N   . PRO A 1 101 ? 10.343  21.445  -1.660  1.00 16.86 ? 101 PRO A N   1 
ATOM   689  C CA  . PRO A 1 101 ? 9.494   22.610  -1.424  1.00 17.15 ? 101 PRO A CA  1 
ATOM   690  C C   . PRO A 1 101 ? 8.660   22.997  -2.643  1.00 17.93 ? 101 PRO A C   1 
ATOM   691  O O   . PRO A 1 101 ? 9.023   22.671  -3.779  1.00 17.69 ? 101 PRO A O   1 
ATOM   692  C CB  . PRO A 1 101 ? 10.494  23.736  -1.097  1.00 17.10 ? 101 PRO A CB  1 
ATOM   693  C CG  . PRO A 1 101 ? 11.841  23.107  -1.044  1.00 17.44 ? 101 PRO A CG  1 
ATOM   694  C CD  . PRO A 1 101 ? 11.767  21.803  -1.765  1.00 16.93 ? 101 PRO A CD  1 
ATOM   695  N N   . LEU A 1 102 ? 7.549   23.683  -2.394  1.00 18.59 ? 102 LEU A N   1 
ATOM   696  C CA  . LEU A 1 102 ? 6.735   24.259  -3.466  1.00 19.36 ? 102 LEU A CA  1 
ATOM   697  C C   . LEU A 1 102 ? 7.518   25.354  -4.204  1.00 20.09 ? 102 LEU A C   1 
ATOM   698  O O   . LEU A 1 102 ? 8.297   26.091  -3.586  1.00 19.78 ? 102 LEU A O   1 
ATOM   699  C CB  . LEU A 1 102 ? 5.421   24.816  -2.899  1.00 19.59 ? 102 LEU A CB  1 
ATOM   700  C CG  . LEU A 1 102 ? 4.492   23.883  -2.106  1.00 19.80 ? 102 LEU A CG  1 
ATOM   701  C CD1 . LEU A 1 102 ? 3.382   24.677  -1.439  1.00 20.66 ? 102 LEU A CD1 1 
ATOM   702  C CD2 . LEU A 1 102 ? 3.906   22.769  -2.972  1.00 20.02 ? 102 LEU A CD2 1 
ATOM   703  N N   . ASP A 1 103 ? 7.334   25.430  -5.523  1.00 20.69 ? 103 ASP A N   1 
ATOM   704  C CA  . ASP A 1 103 ? 7.956   26.473  -6.356  1.00 21.60 ? 103 ASP A CA  1 
ATOM   705  C C   . ASP A 1 103 ? 7.153   27.774  -6.255  1.00 22.07 ? 103 ASP A C   1 
ATOM   706  O O   . ASP A 1 103 ? 5.925   27.748  -6.248  1.00 21.95 ? 103 ASP A O   1 
ATOM   707  C CB  . ASP A 1 103 ? 8.031   26.036  -7.828  1.00 21.87 ? 103 ASP A CB  1 
ATOM   708  C CG  . ASP A 1 103 ? 8.823   24.750  -8.033  1.00 22.54 ? 103 ASP A CG  1 
ATOM   709  O OD1 . ASP A 1 103 ? 10.019  24.724  -7.678  1.00 23.09 ? 103 ASP A OD1 1 
ATOM   710  O OD2 . ASP A 1 103 ? 8.253   23.771  -8.573  1.00 24.03 ? 103 ASP A OD2 1 
ATOM   711  N N   . LYS A 1 104 ? 7.845   28.906  -6.183  1.00 22.96 ? 104 LYS A N   1 
ATOM   712  C CA  . LYS A 1 104 ? 7.164   30.198  -6.018  1.00 23.67 ? 104 LYS A CA  1 
ATOM   713  C C   . LYS A 1 104 ? 6.573   30.738  -7.325  1.00 23.91 ? 104 LYS A C   1 
ATOM   714  O O   . LYS A 1 104 ? 7.116   30.502  -8.408  1.00 23.94 ? 104 LYS A O   1 
ATOM   715  C CB  . LYS A 1 104 ? 8.086   31.255  -5.386  1.00 24.01 ? 104 LYS A CB  1 
ATOM   716  C CG  . LYS A 1 104 ? 9.151   30.736  -4.419  1.00 25.22 ? 104 LYS A CG  1 
ATOM   717  C CD  . LYS A 1 104 ? 8.581   30.061  -3.171  1.00 27.70 ? 104 LYS A CD  1 
ATOM   718  C CE  . LYS A 1 104 ? 9.710   29.481  -2.324  1.00 28.64 ? 104 LYS A CE  1 
ATOM   719  N NZ  . LYS A 1 104 ? 9.243   28.459  -1.347  1.00 30.00 ? 104 LYS A NZ  1 
ATOM   720  N N   . VAL A 1 105 ? 5.460   31.465  -7.190  1.00 24.07 ? 105 VAL A N   1 
ATOM   721  C CA  . VAL A 1 105 ? 4.763   32.179  -8.282  1.00 24.34 ? 105 VAL A CA  1 
ATOM   722  C C   . VAL A 1 105 ? 3.813   31.266  -9.074  1.00 24.27 ? 105 VAL A C   1 
ATOM   723  O O   . VAL A 1 105 ? 3.062   30.465  -8.423  1.00 24.71 ? 105 VAL A O   1 
ATOM   724  C CB  . VAL A 1 105 ? 5.730   32.945  -9.249  1.00 24.28 ? 105 VAL A CB  1 
ATOM   725  C CG1 . VAL A 1 105 ? 4.950   33.626  -10.362 1.00 24.50 ? 105 VAL A CG1 1 
ATOM   726  C CG2 . VAL A 1 105 ? 6.566   33.966  -8.493  1.00 24.59 ? 105 VAL A CG2 1 
ATOM   727  N N   . MET B 1 1   ? -9.416  -17.936 11.385  1.00 19.41 ? 1   MET B N   1 
ATOM   728  C CA  . MET B 1 1   ? -9.611  -17.182 10.117  1.00 18.54 ? 1   MET B CA  1 
ATOM   729  C C   . MET B 1 1   ? -8.670  -15.972 10.109  1.00 17.17 ? 1   MET B C   1 
ATOM   730  O O   . MET B 1 1   ? -8.288  -15.470 11.174  1.00 16.69 ? 1   MET B O   1 
ATOM   731  C CB  . MET B 1 1   ? -11.082 -16.748 9.970   1.00 19.25 ? 1   MET B CB  1 
ATOM   732  C CG  . MET B 1 1   ? -11.439 -16.012 8.660   1.00 22.13 ? 1   MET B CG  1 
ATOM   733  S SD  . MET B 1 1   ? -12.032 -17.088 7.325   1.00 29.64 ? 1   MET B SD  1 
ATOM   734  C CE  . MET B 1 1   ? -11.447 -16.191 5.882   1.00 26.49 ? 1   MET B CE  1 
ATOM   735  N N   . LYS B 1 2   ? -8.278  -15.523 8.919   1.00 16.33 ? 2   LYS B N   1 
ATOM   736  C CA  . LYS B 1 2   ? -7.500  -14.291 8.783   1.00 15.04 ? 2   LYS B CA  1 
ATOM   737  C C   . LYS B 1 2   ? -8.352  -13.083 9.175   1.00 14.37 ? 2   LYS B C   1 
ATOM   738  O O   . LYS B 1 2   ? -9.584  -13.114 9.093   1.00 13.77 ? 2   LYS B O   1 
ATOM   739  C CB  . LYS B 1 2   ? -6.981  -14.122 7.349   1.00 15.46 ? 2   LYS B CB  1 
ATOM   740  C CG  . LYS B 1 2   ? -5.985  -15.198 6.873   1.00 15.59 ? 2   LYS B CG  1 
ATOM   741  C CD  . LYS B 1 2   ? -5.301  -14.738 5.589   1.00 17.44 ? 2   LYS B CD  1 
ATOM   742  C CE  . LYS B 1 2   ? -4.560  -15.867 4.904   1.00 18.09 ? 2   LYS B CE  1 
ATOM   743  N NZ  . LYS B 1 2   ? -4.013  -15.408 3.590   1.00 20.60 ? 2   LYS B NZ  1 
ATOM   744  N N   . THR B 1 3   ? -7.690  -12.029 9.630   1.00 12.73 ? 3   THR B N   1 
ATOM   745  C CA  . THR B 1 3   ? -8.375  -10.776 9.926   1.00 12.85 ? 3   THR B CA  1 
ATOM   746  C C   . THR B 1 3   ? -7.763  -9.646  9.114   1.00 12.27 ? 3   THR B C   1 
ATOM   747  O O   . THR B 1 3   ? -6.538  -9.475  9.109   1.00 12.25 ? 3   THR B O   1 
ATOM   748  C CB  . THR B 1 3   ? -8.280  -10.413 11.436  1.00 12.87 ? 3   THR B CB  1 
ATOM   749  O OG1 . THR B 1 3   ? -8.905  -11.425 12.218  1.00 14.81 ? 3   THR B OG1 1 
ATOM   750  C CG2 . THR B 1 3   ? -8.958  -9.067  11.732  1.00 13.30 ? 3   THR B CG2 1 
ATOM   751  N N   . LEU B 1 4   ? -8.612  -8.864  8.448   1.00 10.81 ? 4   LEU B N   1 
ATOM   752  C CA  . LEU B 1 4   ? -8.155  -7.651  7.780   1.00 10.44 ? 4   LEU B CA  1 
ATOM   753  C C   . LEU B 1 4   ? -8.504  -6.450  8.643   1.00 10.27 ? 4   LEU B C   1 
ATOM   754  O O   . LEU B 1 4   ? -9.668  -6.246  8.979   1.00 11.13 ? 4   LEU B O   1 
ATOM   755  C CB  . LEU B 1 4   ? -8.796  -7.510  6.402   1.00 10.61 ? 4   LEU B CB  1 
ATOM   756  C CG  . LEU B 1 4   ? -8.324  -6.330  5.546   1.00 10.45 ? 4   LEU B CG  1 
ATOM   757  C CD1 . LEU B 1 4   ? -6.894  -6.553  5.073   1.00 12.07 ? 4   LEU B CD1 1 
ATOM   758  C CD2 . LEU B 1 4   ? -9.247  -6.157  4.355   1.00 10.93 ? 4   LEU B CD2 1 
ATOM   759  N N   . MET B 1 5   ? -7.485  -5.685  9.022   1.00 9.75  ? 5   MET B N   1 
ATOM   760  C CA  . MET B 1 5   ? -7.684  -4.394  9.690   1.00 10.30 ? 5   MET B CA  1 
ATOM   761  C C   . MET B 1 5   ? -7.405  -3.270  8.715   1.00 9.87  ? 5   MET B C   1 
ATOM   762  O O   . MET B 1 5   ? -6.341  -3.226  8.094   1.00 10.72 ? 5   MET B O   1 
ATOM   763  C CB  . MET B 1 5   ? -6.765  -4.263  10.892  1.00 11.33 ? 5   MET B CB  1 
ATOM   764  C CG  . MET B 1 5   ? -7.093  -5.235  11.994  1.00 13.08 ? 5   MET B CG  1 
ATOM   765  S SD  . MET B 1 5   ? -6.272  -4.798  13.538  1.00 18.13 ? 5   MET B SD  1 
ATOM   766  C CE  . MET B 1 5   ? -4.574  -5.204  13.146  1.00 18.15 ? 5   MET B CE  1 
ATOM   767  N N   . VAL B 1 6   ? -8.355  -2.354  8.603   1.00 9.41  ? 6   VAL B N   1 
ATOM   768  C CA  . VAL B 1 6   ? -8.301  -1.264  7.643   1.00 9.31  ? 6   VAL B CA  1 
ATOM   769  C C   . VAL B 1 6   ? -8.183  0.040   8.407   1.00 9.35  ? 6   VAL B C   1 
ATOM   770  O O   . VAL B 1 6   ? -9.056  0.362   9.209   1.00 9.20  ? 6   VAL B O   1 
ATOM   771  C CB  . VAL B 1 6   ? -9.577  -1.227  6.769   1.00 9.72  ? 6   VAL B CB  1 
ATOM   772  C CG1 . VAL B 1 6   ? -9.472  -0.140  5.690   1.00 10.03 ? 6   VAL B CG1 1 
ATOM   773  C CG2 . VAL B 1 6   ? -9.839  -2.592  6.128   1.00 10.45 ? 6   VAL B CG2 1 
ATOM   774  N N   . PHE B 1 7   ? -7.082  0.750   8.190   1.00 9.06  ? 7   PHE B N   1 
ATOM   775  C CA  . PHE B 1 7   ? -6.842  2.038   8.827   1.00 8.89  ? 7   PHE B CA  1 
ATOM   776  C C   . PHE B 1 7   ? -7.128  3.131   7.817   1.00 9.13  ? 7   PHE B C   1 
ATOM   777  O O   . PHE B 1 7   ? -6.322  3.390   6.902   1.00 9.33  ? 7   PHE B O   1 
ATOM   778  C CB  . PHE B 1 7   ? -5.428  2.063   9.429   1.00 9.25  ? 7   PHE B CB  1 
ATOM   779  C CG  . PHE B 1 7   ? -5.272  1.086   10.547  1.00 8.93  ? 7   PHE B CG  1 
ATOM   780  C CD1 . PHE B 1 7   ? -4.917  -0.234  10.285  1.00 9.91  ? 7   PHE B CD1 1 
ATOM   781  C CD2 . PHE B 1 7   ? -5.585  1.452   11.857  1.00 9.46  ? 7   PHE B CD2 1 
ATOM   782  C CE1 . PHE B 1 7   ? -4.814  -1.159  11.319  1.00 11.33 ? 7   PHE B CE1 1 
ATOM   783  C CE2 . PHE B 1 7   ? -5.485  0.521   12.900  1.00 9.32  ? 7   PHE B CE2 1 
ATOM   784  C CZ  . PHE B 1 7   ? -5.104  -0.782  12.624  1.00 10.90 ? 7   PHE B CZ  1 
ATOM   785  N N   . ASP B 1 8   ? -8.317  3.717   7.961   1.00 9.55  ? 8   ASP B N   1 
ATOM   786  C CA  . ASP B 1 8   ? -8.840  4.723   7.051   1.00 10.04 ? 8   ASP B CA  1 
ATOM   787  C C   . ASP B 1 8   ? -8.410  6.138   7.430   1.00 10.87 ? 8   ASP B C   1 
ATOM   788  O O   . ASP B 1 8   ? -8.289  6.466   8.615   1.00 10.99 ? 8   ASP B O   1 
ATOM   789  C CB  . ASP B 1 8   ? -10.382 4.723   7.091   1.00 10.02 ? 8   ASP B CB  1 
ATOM   790  C CG  . ASP B 1 8   ? -10.997 3.441   6.586   1.00 10.67 ? 8   ASP B CG  1 
ATOM   791  O OD1 . ASP B 1 8   ? -11.705 2.767   7.371   1.00 11.88 ? 8   ASP B OD1 1 
ATOM   792  O OD2 . ASP B 1 8   ? -10.805 3.105   5.401   1.00 10.39 ? 8   ASP B OD2 1 
ATOM   793  N N   . PRO B 1 9   ? -8.263  7.015   6.423   1.00 11.52 ? 9   PRO B N   1 
ATOM   794  C CA  . PRO B 1 9   ? -8.122  8.435   6.721   1.00 12.95 ? 9   PRO B CA  1 
ATOM   795  C C   . PRO B 1 9   ? -9.393  8.984   7.379   1.00 15.07 ? 9   PRO B C   1 
ATOM   796  O O   . PRO B 1 9   ? -10.470 8.380   7.262   1.00 15.01 ? 9   PRO B O   1 
ATOM   797  C CB  . PRO B 1 9   ? -7.914  9.074   5.341   1.00 13.28 ? 9   PRO B CB  1 
ATOM   798  C CG  . PRO B 1 9   ? -8.291  8.064   4.347   1.00 12.74 ? 9   PRO B CG  1 
ATOM   799  C CD  . PRO B 1 9   ? -8.232  6.724   4.976   1.00 11.66 ? 9   PRO B CD  1 
ATOM   800  N N   . ALA B 1 10  ? -9.258  10.122  8.061   1.00 17.53 ? 10  ALA B N   1 
ATOM   801  C CA  . ALA B 1 10  ? -10.391 10.792  8.721   1.00 20.74 ? 10  ALA B CA  1 
ATOM   802  C C   . ALA B 1 10  ? -11.619 10.946  7.818   1.00 23.07 ? 10  ALA B C   1 
ATOM   803  O O   . ALA B 1 10  ? -12.751 10.933  8.311   1.00 23.47 ? 10  ALA B O   1 
ATOM   804  C CB  . ALA B 1 10  ? -9.956  12.140  9.262   1.00 20.47 ? 10  ALA B CB  1 
ATOM   805  N N   . MET B 1 11  ? -11.367 11.126  6.517   1.00 26.30 ? 11  MET B N   1 
ATOM   806  C CA  . MET B 1 11  ? -12.338 10.987  5.400   1.00 29.10 ? 11  MET B CA  1 
ATOM   807  C C   . MET B 1 11  ? -12.169 12.087  4.353   1.00 29.55 ? 11  MET B C   1 
ATOM   808  O O   . MET B 1 11  ? -12.599 13.228  4.552   1.00 31.35 ? 11  MET B O   1 
ATOM   809  C CB  . MET B 1 11  ? -13.810 10.863  5.843   1.00 30.02 ? 11  MET B CB  1 
ATOM   810  C CG  . MET B 1 11  ? -14.214 9.492   6.423   1.00 33.57 ? 11  MET B CG  1 
ATOM   811  S SD  . MET B 1 11  ? -13.715 8.050   5.461   1.00 39.51 ? 11  MET B SD  1 
ATOM   812  C CE  . MET B 1 11  ? -13.785 6.748   6.697   1.00 38.63 ? 11  MET B CE  1 
ATOM   813  N N   . ASP B 1 23  ? -16.520 10.135  -2.564  1.00 27.42 ? 23  ASP B N   1 
ATOM   814  C CA  . ASP B 1 23  ? -15.840 9.601   -3.783  1.00 27.15 ? 23  ASP B CA  1 
ATOM   815  C C   . ASP B 1 23  ? -16.140 8.124   -4.001  1.00 26.20 ? 23  ASP B C   1 
ATOM   816  O O   . ASP B 1 23  ? -16.378 7.374   -3.045  1.00 26.29 ? 23  ASP B O   1 
ATOM   817  C CB  . ASP B 1 23  ? -14.326 9.838   -3.729  1.00 27.81 ? 23  ASP B CB  1 
ATOM   818  C CG  . ASP B 1 23  ? -13.668 9.146   -2.555  1.00 29.31 ? 23  ASP B CG  1 
ATOM   819  O OD1 . ASP B 1 23  ? -13.032 8.089   -2.762  1.00 31.30 ? 23  ASP B OD1 1 
ATOM   820  O OD2 . ASP B 1 23  ? -13.795 9.656   -1.423  1.00 32.36 ? 23  ASP B OD2 1 
ATOM   821  N N   . GLN B 1 24  ? -16.103 7.720   -5.268  1.00 25.12 ? 24  GLN B N   1 
ATOM   822  C CA  . GLN B 1 24  ? -16.530 6.391   -5.694  1.00 23.85 ? 24  GLN B CA  1 
ATOM   823  C C   . GLN B 1 24  ? -15.706 5.258   -5.087  1.00 22.80 ? 24  GLN B C   1 
ATOM   824  O O   . GLN B 1 24  ? -16.252 4.201   -4.786  1.00 22.36 ? 24  GLN B O   1 
ATOM   825  C CB  . GLN B 1 24  ? -16.535 6.293   -7.227  1.00 24.14 ? 24  GLN B CB  1 
ATOM   826  C CG  . GLN B 1 24  ? -17.347 5.114   -7.792  1.00 24.88 ? 24  GLN B CG  1 
ATOM   827  C CD  . GLN B 1 24  ? -18.805 5.109   -7.349  1.00 26.11 ? 24  GLN B CD  1 
ATOM   828  O OE1 . GLN B 1 24  ? -19.333 4.075   -6.935  1.00 26.49 ? 24  GLN B OE1 1 
ATOM   829  N NE2 . GLN B 1 24  ? -19.464 6.264   -7.441  1.00 26.47 ? 24  GLN B NE2 1 
ATOM   830  N N   . ALA B 1 25  ? -14.407 5.483   -4.901  1.00 21.42 ? 25  ALA B N   1 
ATOM   831  C CA  . ALA B 1 25  ? -13.528 4.466   -4.313  1.00 20.18 ? 25  ALA B CA  1 
ATOM   832  C C   . ALA B 1 25  ? -13.984 4.026   -2.921  1.00 19.41 ? 25  ALA B C   1 
ATOM   833  O O   . ALA B 1 25  ? -13.948 2.833   -2.610  1.00 18.46 ? 25  ALA B O   1 
ATOM   834  C CB  . ALA B 1 25  ? -12.080 4.952   -4.276  1.00 20.59 ? 25  ALA B CB  1 
ATOM   835  N N   . LEU B 1 26  ? -14.411 4.981   -2.094  1.00 18.15 ? 26  LEU B N   1 
ATOM   836  C CA  . LEU B 1 26  ? -14.911 4.678   -0.750  1.00 17.60 ? 26  LEU B CA  1 
ATOM   837  C C   . LEU B 1 26  ? -16.248 3.954   -0.798  1.00 16.39 ? 26  LEU B C   1 
ATOM   838  O O   . LEU B 1 26  ? -16.464 3.002   -0.046  1.00 15.79 ? 26  LEU B O   1 
ATOM   839  C CB  . LEU B 1 26  ? -15.037 5.942   0.109   1.00 18.06 ? 26  LEU B CB  1 
ATOM   840  C CG  . LEU B 1 26  ? -13.775 6.587   0.695   1.00 20.06 ? 26  LEU B CG  1 
ATOM   841  C CD1 . LEU B 1 26  ? -14.127 7.956   1.247   1.00 21.70 ? 26  LEU B CD1 1 
ATOM   842  C CD2 . LEU B 1 26  ? -13.166 5.715   1.785   1.00 21.86 ? 26  LEU B CD2 1 
ATOM   843  N N   . VAL B 1 27  ? -17.147 4.419   -1.666  1.00 15.14 ? 27  VAL B N   1 
ATOM   844  C CA  . VAL B 1 27  ? -18.436 3.756   -1.874  1.00 14.51 ? 27  VAL B CA  1 
ATOM   845  C C   . VAL B 1 27  ? -18.228 2.306   -2.317  1.00 13.56 ? 27  VAL B C   1 
ATOM   846  O O   . VAL B 1 27  ? -18.819 1.387   -1.739  1.00 12.96 ? 27  VAL B O   1 
ATOM   847  C CB  . VAL B 1 27  ? -19.319 4.517   -2.907  1.00 14.62 ? 27  VAL B CB  1 
ATOM   848  C CG1 . VAL B 1 27  ? -20.613 3.745   -3.193  1.00 15.08 ? 27  VAL B CG1 1 
ATOM   849  C CG2 . VAL B 1 27  ? -19.654 5.918   -2.412  1.00 15.74 ? 27  VAL B CG2 1 
ATOM   850  N N   . ASP B 1 28  ? -17.375 2.101   -3.319  1.00 13.10 ? 28  ASP B N   1 
ATOM   851  C CA  . ASP B 1 28  ? -17.116 0.760   -3.845  1.00 12.42 ? 28  ASP B CA  1 
ATOM   852  C C   . ASP B 1 28  ? -16.503 -0.122  -2.768  1.00 11.37 ? 28  ASP B C   1 
ATOM   853  O O   . ASP B 1 28  ? -16.855 -1.293  -2.644  1.00 10.60 ? 28  ASP B O   1 
ATOM   854  C CB  . ASP B 1 28  ? -16.177 0.794   -5.060  1.00 13.31 ? 28  ASP B CB  1 
ATOM   855  C CG  . ASP B 1 28  ? -16.833 1.377   -6.305  1.00 15.92 ? 28  ASP B CG  1 
ATOM   856  O OD1 . ASP B 1 28  ? -16.082 1.677   -7.257  1.00 20.33 ? 28  ASP B OD1 1 
ATOM   857  O OD2 . ASP B 1 28  ? -18.073 1.539   -6.337  1.00 17.81 ? 28  ASP B OD2 1 
ATOM   858  N N   . PHE B 1 29  ? -15.582 0.429   -1.983  1.00 10.36 ? 29  PHE B N   1 
ATOM   859  C CA  . PHE B 1 29  ? -14.957 -0.362  -0.932  1.00 10.00 ? 29  PHE B CA  1 
ATOM   860  C C   . PHE B 1 29  ? -15.989 -0.781  0.128   1.00 9.72  ? 29  PHE B C   1 
ATOM   861  O O   . PHE B 1 29  ? -15.958 -1.916  0.629   1.00 9.40  ? 29  PHE B O   1 
ATOM   862  C CB  . PHE B 1 29  ? -13.759 0.366   -0.306  1.00 9.94  ? 29  PHE B CB  1 
ATOM   863  C CG  . PHE B 1 29  ? -13.055 -0.446  0.747   1.00 9.09  ? 29  PHE B CG  1 
ATOM   864  C CD1 . PHE B 1 29  ? -13.100 -0.066  2.085   1.00 9.62  ? 29  PHE B CD1 1 
ATOM   865  C CD2 . PHE B 1 29  ? -12.378 -1.613  0.403   1.00 8.61  ? 29  PHE B CD2 1 
ATOM   866  C CE1 . PHE B 1 29  ? -12.472 -0.823  3.067   1.00 10.31 ? 29  PHE B CE1 1 
ATOM   867  C CE2 . PHE B 1 29  ? -11.739 -2.377  1.382   1.00 9.00  ? 29  PHE B CE2 1 
ATOM   868  C CZ  . PHE B 1 29  ? -11.783 -1.976  2.714   1.00 10.27 ? 29  PHE B CZ  1 
ATOM   869  N N   . SER B 1 30  ? -16.919 0.109   0.455   1.00 10.79 ? 30  SER B N   1 
ATOM   870  C CA  . SER B 1 30  ? -17.983 -0.252  1.395   1.00 10.79 ? 30  SER B CA  1 
ATOM   871  C C   . SER B 1 30  ? -18.852 -1.395  0.868   1.00 10.58 ? 30  SER B C   1 
ATOM   872  O O   . SER B 1 30  ? -19.159 -2.338  1.602   1.00 10.71 ? 30  SER B O   1 
ATOM   873  C CB  . SER B 1 30  ? -18.807 0.968   1.789   1.00 12.04 ? 30  SER B CB  1 
ATOM   874  O OG  . SER B 1 30  ? -18.055 1.758   2.697   1.00 15.62 ? 30  SER B OG  1 
ATOM   875  N N   . THR B 1 31  ? -19.194 -1.327  -0.418  1.00 10.05 ? 31  THR B N   1 
ATOM   876  C CA  . THR B 1 31  ? -19.931 -2.407  -1.083  1.00 10.36 ? 31  THR B CA  1 
ATOM   877  C C   . THR B 1 31  ? -19.142 -3.718  -1.003  1.00 9.88  ? 31  THR B C   1 
ATOM   878  O O   . THR B 1 31  ? -19.692 -4.773  -0.657  1.00 9.74  ? 31  THR B O   1 
ATOM   879  C CB  . THR B 1 31  ? -20.190 -2.056  -2.557  1.00 10.54 ? 31  THR B CB  1 
ATOM   880  O OG1 . THR B 1 31  ? -21.116 -0.966  -2.627  1.00 12.08 ? 31  THR B OG1 1 
ATOM   881  C CG2 . THR B 1 31  ? -20.752 -3.252  -3.337  1.00 11.33 ? 31  THR B CG2 1 
ATOM   882  N N   . ASP B 1 32  ? -17.846 -3.639  -1.301  1.00 9.58  ? 32  ASP B N   1 
ATOM   883  C CA  . ASP B 1 32  ? -16.998 -4.827  -1.332  1.00 9.66  ? 32  ASP B CA  1 
ATOM   884  C C   . ASP B 1 32  ? -16.835 -5.461  0.054   1.00 9.81  ? 32  ASP B C   1 
ATOM   885  O O   . ASP B 1 32  ? -16.836 -6.685  0.188   1.00 10.04 ? 32  ASP B O   1 
ATOM   886  C CB  . ASP B 1 32  ? -15.638 -4.513  -1.979  1.00 9.49  ? 32  ASP B CB  1 
ATOM   887  C CG  . ASP B 1 32  ? -15.775 -4.081  -3.431  1.00 10.29 ? 32  ASP B CG  1 
ATOM   888  O OD1 . ASP B 1 32  ? -16.802 -4.415  -4.080  1.00 11.00 ? 32  ASP B OD1 1 
ATOM   889  O OD2 . ASP B 1 32  ? -14.863 -3.393  -3.934  1.00 12.31 ? 32  ASP B OD2 1 
ATOM   890  N N   . VAL B 1 33  ? -16.707 -4.630  1.080   1.00 10.29 ? 33  VAL B N   1 
ATOM   891  C CA  . VAL B 1 33  ? -16.634 -5.125  2.457   1.00 10.34 ? 33  VAL B CA  1 
ATOM   892  C C   . VAL B 1 33  ? -17.900 -5.907  2.819   1.00 10.75 ? 33  VAL B C   1 
ATOM   893  O O   . VAL B 1 33  ? -17.818 -6.946  3.475   1.00 10.52 ? 33  VAL B O   1 
ATOM   894  C CB  . VAL B 1 33  ? -16.367 -3.966  3.459   1.00 10.53 ? 33  VAL B CB  1 
ATOM   895  C CG1 . VAL B 1 33  ? -16.611 -4.399  4.903   1.00 10.21 ? 33  VAL B CG1 1 
ATOM   896  C CG2 . VAL B 1 33  ? -14.932 -3.466  3.305   1.00 11.42 ? 33  VAL B CG2 1 
ATOM   897  N N   . GLN B 1 34  ? -19.061 -5.419  2.377   1.00 10.57 ? 34  GLN B N   1 
ATOM   898  C CA  . GLN B 1 34  ? -20.325 -6.115  2.628   1.00 10.76 ? 34  GLN B CA  1 
ATOM   899  C C   . GLN B 1 34  ? -20.364 -7.515  2.022   1.00 10.09 ? 34  GLN B C   1 
ATOM   900  O O   . GLN B 1 34  ? -20.730 -8.494  2.704   1.00 10.39 ? 34  GLN B O   1 
ATOM   901  C CB  . GLN B 1 34  ? -21.485 -5.269  2.127   1.00 11.29 ? 34  GLN B CB  1 
ATOM   902  C CG  . GLN B 1 34  ? -21.741 -4.049  2.997   1.00 14.45 ? 34  GLN B CG  1 
ATOM   903  C CD  . GLN B 1 34  ? -21.856 -4.418  4.460   1.00 17.73 ? 34  GLN B CD  1 
ATOM   904  O OE1 . GLN B 1 34  ? -22.869 -4.973  4.879   1.00 17.42 ? 34  GLN B OE1 1 
ATOM   905  N NE2 . GLN B 1 34  ? -20.802 -4.136  5.243   1.00 16.99 ? 34  GLN B NE2 1 
ATOM   906  N N   . TRP B 1 35  ? -19.964 -7.622  0.757   1.00 9.37  ? 35  TRP B N   1 
ATOM   907  C CA  . TRP B 1 35  ? -19.882 -8.931  0.121   1.00 9.04  ? 35  TRP B CA  1 
ATOM   908  C C   . TRP B 1 35  ? -18.933 -9.855  0.880   1.00 9.41  ? 35  TRP B C   1 
ATOM   909  O O   . TRP B 1 35  ? -19.236 -11.029 1.116   1.00 9.43  ? 35  TRP B O   1 
ATOM   910  C CB  . TRP B 1 35  ? -19.412 -8.801  -1.321  1.00 9.76  ? 35  TRP B CB  1 
ATOM   911  C CG  . TRP B 1 35  ? -20.453 -8.379  -2.339  1.00 8.78  ? 35  TRP B CG  1 
ATOM   912  C CD1 . TRP B 1 35  ? -20.581 -7.148  -2.912  1.00 10.04 ? 35  TRP B CD1 1 
ATOM   913  C CD2 . TRP B 1 35  ? -21.451 -9.210  -2.951  1.00 7.37  ? 35  TRP B CD2 1 
ATOM   914  N NE1 . TRP B 1 35  ? -21.594 -7.152  -3.834  1.00 10.51 ? 35  TRP B NE1 1 
ATOM   915  C CE2 . TRP B 1 35  ? -22.145 -8.405  -3.883  1.00 7.80  ? 35  TRP B CE2 1 
ATOM   916  C CE3 . TRP B 1 35  ? -21.819 -10.554 -2.813  1.00 7.18  ? 35  TRP B CE3 1 
ATOM   917  C CZ2 . TRP B 1 35  ? -23.211 -8.892  -4.654  1.00 7.17  ? 35  TRP B CZ2 1 
ATOM   918  C CZ3 . TRP B 1 35  ? -22.874 -11.037 -3.585  1.00 7.92  ? 35  TRP B CZ3 1 
ATOM   919  C CH2 . TRP B 1 35  ? -23.550 -10.203 -4.501  1.00 8.18  ? 35  TRP B CH2 1 
ATOM   920  N N   . LEU B 1 36  ? -17.769 -9.340  1.255   1.00 9.06  ? 36  LEU B N   1 
ATOM   921  C CA  . LEU B 1 36  ? -16.782 -10.197 1.906   1.00 9.17  ? 36  LEU B CA  1 
ATOM   922  C C   . LEU B 1 36  ? -17.207 -10.643 3.294   1.00 9.63  ? 36  LEU B C   1 
ATOM   923  O O   . LEU B 1 36  ? -17.083 -11.816 3.624   1.00 9.28  ? 36  LEU B O   1 
ATOM   924  C CB  . LEU B 1 36  ? -15.401 -9.524  1.949   1.00 8.89  ? 36  LEU B CB  1 
ATOM   925  C CG  . LEU B 1 36  ? -14.447 -9.806  0.778   1.00 9.07  ? 36  LEU B CG  1 
ATOM   926  C CD1 . LEU B 1 36  ? -13.951 -11.254 0.830   1.00 10.77 ? 36  LEU B CD1 1 
ATOM   927  C CD2 . LEU B 1 36  ? -15.033 -9.447  -0.597  1.00 10.00 ? 36  LEU B CD2 1 
ATOM   928  N N   . LYS B 1 37  ? -17.734 -9.724  4.099   1.00 10.47 ? 37  LYS B N   1 
ATOM   929  C CA  . LYS B 1 37  ? -18.181 -10.085 5.438   1.00 11.44 ? 37  LYS B CA  1 
ATOM   930  C C   . LYS B 1 37  ? -19.239 -11.185 5.402   1.00 12.07 ? 37  LYS B C   1 
ATOM   931  O O   . LYS B 1 37  ? -19.229 -12.101 6.233   1.00 11.56 ? 37  LYS B O   1 
ATOM   932  C CB  . LYS B 1 37  ? -18.714 -8.861  6.173   1.00 11.69 ? 37  LYS B CB  1 
ATOM   933  C CG  . LYS B 1 37  ? -17.635 -7.982  6.784   1.00 14.17 ? 37  LYS B CG  1 
ATOM   934  C CD  . LYS B 1 37  ? -18.284 -6.754  7.419   1.00 18.36 ? 37  LYS B CD  1 
ATOM   935  C CE  . LYS B 1 37  ? -17.301 -5.959  8.259   1.00 21.33 ? 37  LYS B CE  1 
ATOM   936  N NZ  . LYS B 1 37  ? -17.117 -6.551  9.617   1.00 24.51 ? 37  LYS B NZ  1 
ATOM   937  N N   . GLN B 1 38  ? -20.132 -11.116 4.421   1.00 11.63 ? 38  GLN B N   1 
ATOM   938  C CA  . GLN B 1 38  ? -21.211 -12.098 4.313   1.00 12.04 ? 38  GLN B CA  1 
ATOM   939  C C   . GLN B 1 38  ? -20.741 -13.455 3.804   1.00 12.65 ? 38  GLN B C   1 
ATOM   940  O O   . GLN B 1 38  ? -21.475 -14.445 3.871   1.00 13.36 ? 38  GLN B O   1 
ATOM   941  C CB  . GLN B 1 38  ? -22.326 -11.547 3.445   1.00 12.34 ? 38  GLN B CB  1 
ATOM   942  C CG  . GLN B 1 38  ? -23.045 -10.381 4.099   1.00 12.22 ? 38  GLN B CG  1 
ATOM   943  C CD  . GLN B 1 38  ? -24.267 -9.978  3.333   1.00 13.94 ? 38  GLN B CD  1 
ATOM   944  O OE1 . GLN B 1 38  ? -24.853 -8.919  3.568   1.00 17.18 ? 38  GLN B OE1 1 
ATOM   945  N NE2 . GLN B 1 38  ? -24.663 -10.820 2.405   1.00 13.07 ? 38  GLN B NE2 1 
ATOM   946  N N   . SER B 1 39  ? -19.517 -13.509 3.293   1.00 12.63 ? 39  SER B N   1 
ATOM   947  C CA  . SER B 1 39  ? -18.907 -14.796 2.968   1.00 13.32 ? 39  SER B CA  1 
ATOM   948  C C   . SER B 1 39  ? -18.198 -15.405 4.183   1.00 13.79 ? 39  SER B C   1 
ATOM   949  O O   . SER B 1 39  ? -17.645 -16.499 4.084   1.00 15.07 ? 39  SER B O   1 
ATOM   950  C CB  . SER B 1 39  ? -17.972 -14.701 1.749   1.00 13.34 ? 39  SER B CB  1 
ATOM   951  O OG  . SER B 1 39  ? -16.755 -14.035 2.059   1.00 13.05 ? 39  SER B OG  1 
ATOM   952  N N   . GLY B 1 40  ? -18.235 -14.701 5.318   1.00 14.14 ? 40  GLY B N   1 
ATOM   953  C CA  . GLY B 1 40  ? -17.774 -15.230 6.613   1.00 15.04 ? 40  GLY B CA  1 
ATOM   954  C C   . GLY B 1 40  ? -16.448 -14.684 7.110   1.00 15.41 ? 40  GLY B C   1 
ATOM   955  O O   . GLY B 1 40  ? -15.872 -15.187 8.071   1.00 16.24 ? 40  GLY B O   1 
ATOM   956  N N   . VAL B 1 41  ? -15.997 -13.619 6.470   1.00 15.71 ? 41  VAL B N   1 
ATOM   957  C CA  . VAL B 1 41  ? -14.663 -13.091 6.647   1.00 16.33 ? 41  VAL B CA  1 
ATOM   958  C C   . VAL B 1 41  ? -14.609 -12.012 7.729   1.00 15.62 ? 41  VAL B C   1 
ATOM   959  O O   . VAL B 1 41  ? -15.604 -11.334 7.970   1.00 15.30 ? 41  VAL B O   1 
ATOM   960  C CB  . VAL B 1 41  ? -14.236 -12.551 5.270   1.00 17.39 ? 41  VAL B CB  1 
ATOM   961  C CG1 . VAL B 1 41  ? -13.457 -11.281 5.351   1.00 19.51 ? 41  VAL B CG1 1 
ATOM   962  C CG2 . VAL B 1 41  ? -13.610 -13.662 4.454   1.00 17.76 ? 41  VAL B CG2 1 
ATOM   963  N N   . GLN B 1 42  ? -13.441 -11.839 8.353   1.00 14.89 ? 42  GLN B N   1 
ATOM   964  C CA  . GLN B 1 42  ? -13.275 -10.857 9.429   1.00 15.24 ? 42  GLN B CA  1 
ATOM   965  C C   . GLN B 1 42  ? -12.587 -9.581  8.929   1.00 14.38 ? 42  GLN B C   1 
ATOM   966  O O   . GLN B 1 42  ? -11.409 -9.598  8.573   1.00 13.79 ? 42  GLN B O   1 
ATOM   967  C CB  . GLN B 1 42  ? -12.495 -11.470 10.601  1.00 15.82 ? 42  GLN B CB  1 
ATOM   968  C CG  . GLN B 1 42  ? -13.126 -12.757 11.142  1.00 18.69 ? 42  GLN B CG  1 
ATOM   969  C CD  . GLN B 1 42  ? -12.498 -13.255 12.433  1.00 23.17 ? 42  GLN B CD  1 
ATOM   970  O OE1 . GLN B 1 42  ? -11.857 -12.498 13.169  1.00 27.35 ? 42  GLN B OE1 1 
ATOM   971  N NE2 . GLN B 1 42  ? -12.693 -14.535 12.723  1.00 22.74 ? 42  GLN B NE2 1 
ATOM   972  N N   . ILE B 1 43  ? -13.346 -8.488  8.896   1.00 13.20 ? 43  ILE B N   1 
ATOM   973  C CA  . ILE B 1 43  ? -12.829 -7.170  8.496   1.00 13.39 ? 43  ILE B CA  1 
ATOM   974  C C   . ILE B 1 43  ? -13.221 -6.137  9.538   1.00 13.61 ? 43  ILE B C   1 
ATOM   975  O O   . ILE B 1 43  ? -14.398 -6.005  9.876   1.00 14.72 ? 43  ILE B O   1 
ATOM   976  C CB  . ILE B 1 43  ? -13.368 -6.722  7.117   1.00 12.84 ? 43  ILE B CB  1 
ATOM   977  C CG1 . ILE B 1 43  ? -12.896 -7.678  6.013   1.00 13.26 ? 43  ILE B CG1 1 
ATOM   978  C CG2 . ILE B 1 43  ? -12.945 -5.269  6.806   1.00 14.39 ? 43  ILE B CG2 1 
ATOM   979  C CD1 . ILE B 1 43  ? -13.610 -7.492  4.690   1.00 13.60 ? 43  ILE B CD1 1 
ATOM   980  N N   . GLU B 1 44  ? -12.231 -5.399  10.040  1.00 13.05 ? 44  GLU B N   1 
ATOM   981  C CA  . GLU B 1 44  ? -12.484 -4.327  10.999  1.00 13.45 ? 44  GLU B CA  1 
ATOM   982  C C   . GLU B 1 44  ? -11.900 -3.040  10.441  1.00 12.27 ? 44  GLU B C   1 
ATOM   983  O O   . GLU B 1 44  ? -10.810 -3.061  9.869   1.00 12.32 ? 44  GLU B O   1 
ATOM   984  C CB  . GLU B 1 44  ? -11.810 -4.607  12.345  1.00 14.65 ? 44  GLU B CB  1 
ATOM   985  C CG  . GLU B 1 44  ? -12.006 -5.972  12.958  1.00 18.90 ? 44  GLU B CG  1 
ATOM   986  C CD  . GLU B 1 44  ? -11.228 -6.067  14.253  1.00 24.74 ? 44  GLU B CD  1 
ATOM   987  O OE1 . GLU B 1 44  ? -11.700 -5.501  15.268  1.00 27.23 ? 44  GLU B OE1 1 
ATOM   988  O OE2 . GLU B 1 44  ? -10.130 -6.665  14.248  1.00 27.44 ? 44  GLU B OE2 1 
ATOM   989  N N   . ARG B 1 45  ? -12.618 -1.934  10.608  1.00 11.70 ? 45  ARG B N   1 
ATOM   990  C CA  . ARG B 1 45  ? -12.161 -0.620  10.166  1.00 11.11 ? 45  ARG B CA  1 
ATOM   991  C C   . ARG B 1 45  ? -11.951 0.345   11.321  1.00 10.75 ? 45  ARG B C   1 
ATOM   992  O O   . ARG B 1 45  ? -12.671 0.298   12.322  1.00 10.74 ? 45  ARG B O   1 
ATOM   993  C CB  . ARG B 1 45  ? -13.127 -0.003  9.150   1.00 11.58 ? 45  ARG B CB  1 
ATOM   994  C CG  . ARG B 1 45  ? -13.418 -0.906  7.950   1.00 11.69 ? 45  ARG B CG  1 
ATOM   995  C CD  . ARG B 1 45  ? -14.327 -0.239  6.932   1.00 11.75 ? 45  ARG B CD  1 
ATOM   996  N NE  . ARG B 1 45  ? -13.675 0.879   6.233   1.00 11.87 ? 45  ARG B NE  1 
ATOM   997  C CZ  . ARG B 1 45  ? -14.196 1.508   5.184   1.00 12.87 ? 45  ARG B CZ  1 
ATOM   998  N NH1 . ARG B 1 45  ? -13.532 2.503   4.607   1.00 13.75 ? 45  ARG B NH1 1 
ATOM   999  N NH2 . ARG B 1 45  ? -15.380 1.135   4.698   1.00 13.47 ? 45  ARG B NH2 1 
ATOM   1000 N N   . PHE B 1 46  ? -10.986 1.241   11.145  1.00 10.20 ? 46  PHE B N   1 
ATOM   1001 C CA  . PHE B 1 46  ? -10.620 2.242   12.142  1.00 10.87 ? 46  PHE B CA  1 
ATOM   1002 C C   . PHE B 1 46  ? -10.316 3.519   11.400  1.00 10.95 ? 46  PHE B C   1 
ATOM   1003 O O   . PHE B 1 46  ? -9.618  3.503   10.388  1.00 11.00 ? 46  PHE B O   1 
ATOM   1004 C CB  . PHE B 1 46  ? -9.366  1.801   12.915  1.00 10.71 ? 46  PHE B CB  1 
ATOM   1005 C CG  . PHE B 1 46  ? -9.468  0.412   13.474  1.00 11.33 ? 46  PHE B CG  1 
ATOM   1006 C CD1 . PHE B 1 46  ? -9.057  -0.688  12.722  1.00 12.41 ? 46  PHE B CD1 1 
ATOM   1007 C CD2 . PHE B 1 46  ? -10.018 0.190   14.732  1.00 12.96 ? 46  PHE B CD2 1 
ATOM   1008 C CE1 . PHE B 1 46  ? -9.174  -1.986  13.225  1.00 12.89 ? 46  PHE B CE1 1 
ATOM   1009 C CE2 . PHE B 1 46  ? -10.136 -1.100  15.234  1.00 12.65 ? 46  PHE B CE2 1 
ATOM   1010 C CZ  . PHE B 1 46  ? -9.706  -2.189  14.475  1.00 13.39 ? 46  PHE B CZ  1 
ATOM   1011 N N   . ASN B 1 47  ? -10.822 4.648   11.872  1.00 11.71 ? 47  ASN B N   1 
ATOM   1012 C CA  . ASN B 1 47  ? -10.363 5.887   11.258  1.00 12.54 ? 47  ASN B CA  1 
ATOM   1013 C C   . ASN B 1 47  ? -9.864  6.887   12.278  1.00 12.64 ? 47  ASN B C   1 
ATOM   1014 O O   . ASN B 1 47  ? -10.190 6.782   13.461  1.00 11.28 ? 47  ASN B O   1 
ATOM   1015 C CB  . ASN B 1 47  ? -11.394 6.467   10.283  1.00 13.67 ? 47  ASN B CB  1 
ATOM   1016 C CG  . ASN B 1 47  ? -12.672 6.876   10.959  1.00 12.99 ? 47  ASN B CG  1 
ATOM   1017 O OD1 . ASN B 1 47  ? -13.705 6.221   10.810  1.00 17.43 ? 47  ASN B OD1 1 
ATOM   1018 N ND2 . ASN B 1 47  ? -12.617 7.964   11.705  1.00 11.48 ? 47  ASN B ND2 1 
ATOM   1019 N N   . LEU B 1 48  ? -9.052  7.840   11.815  1.00 12.86 ? 48  LEU B N   1 
ATOM   1020 C CA  . LEU B 1 48  ? -8.416  8.819   12.694  1.00 13.96 ? 48  LEU B CA  1 
ATOM   1021 C C   . LEU B 1 48  ? -9.399  9.736   13.439  1.00 14.27 ? 48  LEU B C   1 
ATOM   1022 O O   . LEU B 1 48  ? -9.087  10.259  14.508  1.00 15.03 ? 48  LEU B O   1 
ATOM   1023 C CB  . LEU B 1 48  ? -7.373  9.630   11.913  1.00 14.34 ? 48  LEU B CB  1 
ATOM   1024 C CG  . LEU B 1 48  ? -6.019  8.930   11.763  1.00 13.60 ? 48  LEU B CG  1 
ATOM   1025 C CD1 . LEU B 1 48  ? -5.173  9.531   10.641  1.00 14.36 ? 48  LEU B CD1 1 
ATOM   1026 C CD2 . LEU B 1 48  ? -5.268  8.955   13.080  1.00 13.70 ? 48  LEU B CD2 1 
ATOM   1027 N N   . ALA B 1 49  ? -10.600 9.898   12.893  1.00 14.04 ? 49  ALA B N   1 
ATOM   1028 C CA  . ALA B 1 49  ? -11.630 10.711  13.554  1.00 14.79 ? 49  ALA B CA  1 
ATOM   1029 C C   . ALA B 1 49  ? -12.354 9.972   14.692  1.00 14.93 ? 49  ALA B C   1 
ATOM   1030 O O   . ALA B 1 49  ? -12.631 10.557  15.743  1.00 15.55 ? 49  ALA B O   1 
ATOM   1031 C CB  . ALA B 1 49  ? -12.629 11.220  12.520  1.00 14.61 ? 49  ALA B CB  1 
ATOM   1032 N N   . GLN B 1 50  ? -12.671 8.696   14.479  1.00 15.51 ? 50  GLN B N   1 
ATOM   1033 C CA  . GLN B 1 50  ? -13.531 7.952   15.408  1.00 15.86 ? 50  GLN B CA  1 
ATOM   1034 C C   . GLN B 1 50  ? -12.804 6.916   16.280  1.00 15.54 ? 50  GLN B C   1 
ATOM   1035 O O   . GLN B 1 50  ? -13.292 6.566   17.361  1.00 15.78 ? 50  GLN B O   1 
ATOM   1036 C CB  . GLN B 1 50  ? -14.691 7.300   14.645  1.00 15.90 ? 50  GLN B CB  1 
ATOM   1037 C CG  . GLN B 1 50  ? -15.556 8.306   13.878  1.00 17.18 ? 50  GLN B CG  1 
ATOM   1038 C CD  . GLN B 1 50  ? -16.675 7.661   13.079  1.00 18.92 ? 50  GLN B CD  1 
ATOM   1039 O OE1 . GLN B 1 50  ? -17.840 8.055   13.202  1.00 22.05 ? 50  GLN B OE1 1 
ATOM   1040 N NE2 . GLN B 1 50  ? -16.335 6.671   12.260  1.00 19.03 ? 50  GLN B NE2 1 
ATOM   1041 N N   . GLN B 1 51  ? -11.653 6.433   15.813  1.00 15.11 ? 51  GLN B N   1 
ATOM   1042 C CA  . GLN B 1 51  ? -10.827 5.486   16.565  1.00 14.70 ? 51  GLN B CA  1 
ATOM   1043 C C   . GLN B 1 51  ? -9.344  5.932   16.621  1.00 14.61 ? 51  GLN B C   1 
ATOM   1044 O O   . GLN B 1 51  ? -8.454  5.159   16.281  1.00 13.64 ? 51  GLN B O   1 
ATOM   1045 C CB  . GLN B 1 51  ? -10.921 4.083   15.936  1.00 14.77 ? 51  GLN B CB  1 
ATOM   1046 C CG  . GLN B 1 51  ? -12.265 3.355   16.110  1.00 14.31 ? 51  GLN B CG  1 
ATOM   1047 C CD  . GLN B 1 51  ? -13.315 3.710   15.062  1.00 13.23 ? 51  GLN B CD  1 
ATOM   1048 O OE1 . GLN B 1 51  ? -14.516 3.669   15.339  1.00 16.57 ? 51  GLN B OE1 1 
ATOM   1049 N NE2 . GLN B 1 51  ? -12.879 4.043   13.864  1.00 9.86  ? 51  GLN B NE2 1 
ATOM   1050 N N   . PRO B 1 52  ? -9.064  7.178   17.056  1.00 14.39 ? 52  PRO B N   1 
ATOM   1051 C CA  . PRO B 1 52  ? -7.687  7.696   16.917  1.00 14.84 ? 52  PRO B CA  1 
ATOM   1052 C C   . PRO B 1 52  ? -6.588  6.908   17.666  1.00 15.21 ? 52  PRO B C   1 
ATOM   1053 O O   . PRO B 1 52  ? -5.450  6.814   17.178  1.00 15.29 ? 52  PRO B O   1 
ATOM   1054 C CB  . PRO B 1 52  ? -7.794  9.122   17.483  1.00 14.74 ? 52  PRO B CB  1 
ATOM   1055 C CG  . PRO B 1 52  ? -8.999  9.095   18.361  1.00 14.63 ? 52  PRO B CG  1 
ATOM   1056 C CD  . PRO B 1 52  ? -9.956  8.180   17.666  1.00 14.58 ? 52  PRO B CD  1 
ATOM   1057 N N   . MET B 1 53  ? -6.925  6.361   18.832  1.00 15.82 ? 53  MET B N   1 
ATOM   1058 C CA  . MET B 1 53  ? -5.933  5.650   19.650  1.00 16.40 ? 53  MET B CA  1 
ATOM   1059 C C   . MET B 1 53  ? -5.467  4.333   19.022  1.00 16.59 ? 53  MET B C   1 
ATOM   1060 O O   . MET B 1 53  ? -4.359  3.871   19.311  1.00 16.48 ? 53  MET B O   1 
ATOM   1061 C CB  . MET B 1 53  ? -6.437  5.425   21.081  1.00 16.60 ? 53  MET B CB  1 
ATOM   1062 C CG  . MET B 1 53  ? -6.448  6.686   21.964  1.00 17.59 ? 53  MET B CG  1 
ATOM   1063 S SD  . MET B 1 53  ? -4.904  7.640   21.943  1.00 20.06 ? 53  MET B SD  1 
ATOM   1064 C CE  . MET B 1 53  ? -3.785  6.543   22.824  1.00 21.14 ? 53  MET B CE  1 
ATOM   1065 N N   . SER B 1 54  ? -6.304  3.753   18.161  1.00 16.65 ? 54  SER B N   1 
ATOM   1066 C CA  . SER B 1 54  ? -5.946  2.540   17.409  1.00 17.29 ? 54  SER B CA  1 
ATOM   1067 C C   . SER B 1 54  ? -4.721  2.763   16.525  1.00 17.22 ? 54  SER B C   1 
ATOM   1068 O O   . SER B 1 54  ? -3.958  1.826   16.270  1.00 17.56 ? 54  SER B O   1 
ATOM   1069 C CB  . SER B 1 54  ? -7.121  2.067   16.545  1.00 17.20 ? 54  SER B CB  1 
ATOM   1070 O OG  . SER B 1 54  ? -8.242  1.724   17.330  1.00 19.62 ? 54  SER B OG  1 
ATOM   1071 N N   . PHE B 1 55  ? -4.533  4.004   16.071  1.00 16.73 ? 55  PHE B N   1 
ATOM   1072 C CA  . PHE B 1 55  ? -3.417  4.391   15.195  1.00 16.52 ? 55  PHE B CA  1 
ATOM   1073 C C   . PHE B 1 55  ? -2.118  4.655   15.953  1.00 17.42 ? 55  PHE B C   1 
ATOM   1074 O O   . PHE B 1 55  ? -1.053  4.837   15.344  1.00 17.63 ? 55  PHE B O   1 
ATOM   1075 C CB  . PHE B 1 55  ? -3.777  5.665   14.430  1.00 16.00 ? 55  PHE B CB  1 
ATOM   1076 C CG  . PHE B 1 55  ? -4.805  5.464   13.358  1.00 13.30 ? 55  PHE B CG  1 
ATOM   1077 C CD1 . PHE B 1 55  ? -6.155  5.290   13.686  1.00 10.64 ? 55  PHE B CD1 1 
ATOM   1078 C CD2 . PHE B 1 55  ? -4.429  5.494   12.017  1.00 11.29 ? 55  PHE B CD2 1 
ATOM   1079 C CE1 . PHE B 1 55  ? -7.112  5.105   12.692  1.00 9.47  ? 55  PHE B CE1 1 
ATOM   1080 C CE2 . PHE B 1 55  ? -5.372  5.325   11.009  1.00 10.39 ? 55  PHE B CE2 1 
ATOM   1081 C CZ  . PHE B 1 55  ? -6.710  5.132   11.344  1.00 9.14  ? 55  PHE B CZ  1 
ATOM   1082 N N   . VAL B 1 56  ? -2.226  4.717   17.274  1.00 17.80 ? 56  VAL B N   1 
ATOM   1083 C CA  . VAL B 1 56  ? -1.079  4.941   18.145  1.00 18.79 ? 56  VAL B CA  1 
ATOM   1084 C C   . VAL B 1 56  ? -0.703  3.608   18.789  1.00 18.64 ? 56  VAL B C   1 
ATOM   1085 O O   . VAL B 1 56  ? 0.481   3.309   18.968  1.00 19.25 ? 56  VAL B O   1 
ATOM   1086 C CB  . VAL B 1 56  ? -1.400  5.988   19.243  1.00 19.03 ? 56  VAL B CB  1 
ATOM   1087 C CG1 . VAL B 1 56  ? -0.151  6.342   20.039  1.00 19.70 ? 56  VAL B CG1 1 
ATOM   1088 C CG2 . VAL B 1 56  ? -2.009  7.251   18.627  1.00 19.93 ? 56  VAL B CG2 1 
ATOM   1089 N N   . GLN B 1 57  ? -1.719  2.809   19.106  1.00 18.42 ? 57  GLN B N   1 
ATOM   1090 C CA  . GLN B 1 57  ? -1.523  1.531   19.797  1.00 18.11 ? 57  GLN B CA  1 
ATOM   1091 C C   . GLN B 1 57  ? -1.017  0.396   18.898  1.00 17.85 ? 57  GLN B C   1 
ATOM   1092 O O   . GLN B 1 57  ? -0.375  -0.544  19.387  1.00 18.27 ? 57  GLN B O   1 
ATOM   1093 C CB  . GLN B 1 57  ? -2.803  1.126   20.528  1.00 18.28 ? 57  GLN B CB  1 
ATOM   1094 C CG  . GLN B 1 57  ? -3.124  2.033   21.717  1.00 19.30 ? 57  GLN B CG  1 
ATOM   1095 C CD  . GLN B 1 57  ? -4.578  1.975   22.148  1.00 20.72 ? 57  GLN B CD  1 
ATOM   1096 O OE1 . GLN B 1 57  ? -5.409  1.322   21.514  1.00 22.15 ? 57  GLN B OE1 1 
ATOM   1097 N NE2 . GLN B 1 57  ? -4.894  2.668   23.238  1.00 21.57 ? 57  GLN B NE2 1 
ATOM   1098 N N   . ASN B 1 58  ? -1.301  0.476   17.598  1.00 16.52 ? 58  ASN B N   1 
ATOM   1099 C CA  . ASN B 1 58  ? -0.746  -0.484  16.646  1.00 16.17 ? 58  ASN B CA  1 
ATOM   1100 C C   . ASN B 1 58  ? 0.614   -0.005  16.166  1.00 16.23 ? 58  ASN B C   1 
ATOM   1101 O O   . ASN B 1 58  ? 0.727   1.073   15.564  1.00 14.93 ? 58  ASN B O   1 
ATOM   1102 C CB  . ASN B 1 58  ? -1.690  -0.729  15.464  1.00 15.78 ? 58  ASN B CB  1 
ATOM   1103 C CG  . ASN B 1 58  ? -1.195  -1.836  14.542  1.00 15.90 ? 58  ASN B CG  1 
ATOM   1104 O OD1 . ASN B 1 58  ? -0.180  -1.683  13.851  1.00 17.70 ? 58  ASN B OD1 1 
ATOM   1105 N ND2 . ASN B 1 58  ? -1.915  -2.946  14.511  1.00 16.22 ? 58  ASN B ND2 1 
ATOM   1106 N N   . GLU B 1 59  ? 1.639   -0.809  16.430  1.00 16.17 ? 59  GLU B N   1 
ATOM   1107 C CA  . GLU B 1 59  ? 3.021   -0.412  16.163  1.00 17.09 ? 59  GLU B CA  1 
ATOM   1108 C C   . GLU B 1 59  ? 3.278   -0.109  14.690  1.00 16.30 ? 59  GLU B C   1 
ATOM   1109 O O   . GLU B 1 59  ? 3.928   0.887   14.367  1.00 16.68 ? 59  GLU B O   1 
ATOM   1110 C CB  . GLU B 1 59  ? 3.998   -1.485  16.651  1.00 17.96 ? 59  GLU B CB  1 
ATOM   1111 C CG  . GLU B 1 59  ? 5.327   -0.917  17.128  1.00 21.96 ? 59  GLU B CG  1 
ATOM   1112 C CD  . GLU B 1 59  ? 5.176   0.048   18.302  1.00 25.76 ? 59  GLU B CD  1 
ATOM   1113 O OE1 . GLU B 1 59  ? 5.761   1.152   18.245  1.00 27.96 ? 59  GLU B OE1 1 
ATOM   1114 O OE2 . GLU B 1 59  ? 4.474   -0.289  19.282  1.00 28.54 ? 59  GLU B OE2 1 
ATOM   1115 N N   . LYS B 1 60  ? 2.776   -0.965  13.808  1.00 16.07 ? 60  LYS B N   1 
ATOM   1116 C CA  . LYS B 1 60  ? 2.983   -0.782  12.373  1.00 15.54 ? 60  LYS B CA  1 
ATOM   1117 C C   . LYS B 1 60  ? 2.272   0.451   11.837  1.00 14.63 ? 60  LYS B C   1 
ATOM   1118 O O   . LYS B 1 60  ? 2.817   1.160   10.995  1.00 14.13 ? 60  LYS B O   1 
ATOM   1119 C CB  . LYS B 1 60  ? 2.596   -2.026  11.576  1.00 16.17 ? 60  LYS B CB  1 
ATOM   1120 C CG  . LYS B 1 60  ? 3.593   -3.159  11.763  1.00 18.74 ? 60  LYS B CG  1 
ATOM   1121 C CD  . LYS B 1 60  ? 3.290   -4.315  10.859  1.00 21.78 ? 60  LYS B CD  1 
ATOM   1122 C CE  . LYS B 1 60  ? 4.266   -5.447  11.113  1.00 23.43 ? 60  LYS B CE  1 
ATOM   1123 N NZ  . LYS B 1 60  ? 4.043   -6.578  10.192  1.00 26.10 ? 60  LYS B NZ  1 
ATOM   1124 N N   . VAL B 1 61  ? 1.065   0.713   12.332  1.00 13.35 ? 61  VAL B N   1 
ATOM   1125 C CA  . VAL B 1 61  ? 0.307   1.885   11.898  1.00 12.46 ? 61  VAL B CA  1 
ATOM   1126 C C   . VAL B 1 61  ? 1.002   3.173   12.315  1.00 12.40 ? 61  VAL B C   1 
ATOM   1127 O O   . VAL B 1 61  ? 1.134   4.105   11.511  1.00 11.05 ? 61  VAL B O   1 
ATOM   1128 C CB  . VAL B 1 61  ? -1.140  1.839   12.431  1.00 12.09 ? 61  VAL B CB  1 
ATOM   1129 C CG1 . VAL B 1 61  ? -1.908  3.067   11.975  1.00 12.94 ? 61  VAL B CG1 1 
ATOM   1130 C CG2 . VAL B 1 61  ? -1.834  0.572   11.961  1.00 13.03 ? 61  VAL B CG2 1 
ATOM   1131 N N   . LYS B 1 62  ? 1.448   3.232   13.568  1.00 12.54 ? 62  LYS B N   1 
ATOM   1132 C CA  . LYS B 1 62  ? 2.199   4.382   14.051  1.00 13.03 ? 62  LYS B CA  1 
ATOM   1133 C C   . LYS B 1 62  ? 3.444   4.631   13.196  1.00 12.92 ? 62  LYS B C   1 
ATOM   1134 O O   . LYS B 1 62  ? 3.695   5.772   12.801  1.00 12.79 ? 62  LYS B O   1 
ATOM   1135 C CB  . LYS B 1 62  ? 2.573   4.183   15.524  1.00 13.34 ? 62  LYS B CB  1 
ATOM   1136 C CG  . LYS B 1 62  ? 3.170   5.405   16.199  1.00 16.27 ? 62  LYS B CG  1 
ATOM   1137 C CD  . LYS B 1 62  ? 3.419   5.149   17.680  1.00 19.74 ? 62  LYS B CD  1 
ATOM   1138 C CE  . LYS B 1 62  ? 4.561   4.168   17.877  1.00 21.89 ? 62  LYS B CE  1 
ATOM   1139 N NZ  . LYS B 1 62  ? 4.595   3.610   19.251  1.00 24.27 ? 62  LYS B NZ  1 
ATOM   1140 N N   . ALA B 1 63  ? 4.183   3.564   12.883  1.00 12.92 ? 63  ALA B N   1 
ATOM   1141 C CA  . ALA B 1 63  ? 5.386   3.663   12.056  1.00 12.26 ? 63  ALA B CA  1 
ATOM   1142 C C   . ALA B 1 63  ? 5.046   4.138   10.645  1.00 12.20 ? 63  ALA B C   1 
ATOM   1143 O O   . ALA B 1 63  ? 5.776   4.937   10.063  1.00 12.29 ? 63  ALA B O   1 
ATOM   1144 C CB  . ALA B 1 63  ? 6.123   2.328   12.009  1.00 12.99 ? 63  ALA B CB  1 
ATOM   1145 N N   . PHE B 1 64  ? 3.932   3.639   10.111  1.00 11.21 ? 64  PHE B N   1 
ATOM   1146 C CA  . PHE B 1 64  ? 3.486   4.034   8.775   1.00 10.55 ? 64  PHE B CA  1 
ATOM   1147 C C   . PHE B 1 64  ? 3.132   5.518   8.696   1.00 10.76 ? 64  PHE B C   1 
ATOM   1148 O O   . PHE B 1 64  ? 3.535   6.212   7.756   1.00 11.15 ? 64  PHE B O   1 
ATOM   1149 C CB  . PHE B 1 64  ? 2.314   3.168   8.320   1.00 10.27 ? 64  PHE B CB  1 
ATOM   1150 C CG  . PHE B 1 64  ? 1.810   3.536   6.970   1.00 9.20  ? 64  PHE B CG  1 
ATOM   1151 C CD1 . PHE B 1 64  ? 0.738   4.417   6.827   1.00 8.60  ? 64  PHE B CD1 1 
ATOM   1152 C CD2 . PHE B 1 64  ? 2.436   3.039   5.838   1.00 7.99  ? 64  PHE B CD2 1 
ATOM   1153 C CE1 . PHE B 1 64  ? 0.289   4.773   5.562   1.00 8.57  ? 64  PHE B CE1 1 
ATOM   1154 C CE2 . PHE B 1 64  ? 1.988   3.397   4.570   1.00 8.16  ? 64  PHE B CE2 1 
ATOM   1155 C CZ  . PHE B 1 64  ? 0.923   4.269   4.439   1.00 7.98  ? 64  PHE B CZ  1 
ATOM   1156 N N   . ILE B 1 65  ? 2.358   6.008   9.660   1.00 10.76 ? 65  ILE B N   1 
ATOM   1157 C CA  . ILE B 1 65  ? 2.004   7.431   9.701   1.00 11.69 ? 65  ILE B CA  1 
ATOM   1158 C C   . ILE B 1 65  ? 3.264   8.300   9.766   1.00 11.47 ? 65  ILE B C   1 
ATOM   1159 O O   . ILE B 1 65  ? 3.355   9.320   9.080   1.00 11.35 ? 65  ILE B O   1 
ATOM   1160 C CB  . ILE B 1 65  ? 1.043   7.745   10.875  1.00 12.20 ? 65  ILE B CB  1 
ATOM   1161 C CG1 . ILE B 1 65  ? -0.279  6.989   10.698  1.00 14.93 ? 65  ILE B CG1 1 
ATOM   1162 C CG2 . ILE B 1 65  ? 0.779   9.247   11.007  1.00 12.95 ? 65  ILE B CG2 1 
ATOM   1163 C CD1 . ILE B 1 65  ? -1.026  7.336   9.454   1.00 17.88 ? 65  ILE B CD1 1 
ATOM   1164 N N   . GLU B 1 66  ? 4.230   7.877   10.576  1.00 11.68 ? 66  GLU B N   1 
ATOM   1165 C CA  . GLU B 1 66  ? 5.483   8.607   10.695  1.00 12.50 ? 66  GLU B CA  1 
ATOM   1166 C C   . GLU B 1 66  ? 6.247   8.651   9.369   1.00 11.95 ? 66  GLU B C   1 
ATOM   1167 O O   . GLU B 1 66  ? 6.764   9.706   8.987   1.00 12.52 ? 66  GLU B O   1 
ATOM   1168 C CB  . GLU B 1 66  ? 6.359   8.006   11.798  1.00 13.54 ? 66  GLU B CB  1 
ATOM   1169 C CG  . GLU B 1 66  ? 7.629   8.805   12.084  1.00 17.89 ? 66  GLU B CG  1 
ATOM   1170 C CD  . GLU B 1 66  ? 8.525   8.149   13.124  1.00 23.12 ? 66  GLU B CD  1 
ATOM   1171 O OE1 . GLU B 1 66  ? 9.692   8.585   13.260  1.00 26.60 ? 66  GLU B OE1 1 
ATOM   1172 O OE2 . GLU B 1 66  ? 8.068   7.200   13.806  1.00 26.18 ? 66  GLU B OE2 1 
ATOM   1173 N N   . ALA B 1 67  ? 6.320   7.512   8.680   1.00 10.90 ? 67  ALA B N   1 
ATOM   1174 C CA  . ALA B 1 67  ? 7.135   7.416   7.470   1.00 10.27 ? 67  ALA B CA  1 
ATOM   1175 C C   . ALA B 1 67  ? 6.460   8.039   6.249   1.00 9.69  ? 67  ALA B C   1 
ATOM   1176 O O   . ALA B 1 67  ? 7.098   8.780   5.491   1.00 10.35 ? 67  ALA B O   1 
ATOM   1177 C CB  . ALA B 1 67  ? 7.510   5.973   7.199   1.00 10.67 ? 67  ALA B CB  1 
ATOM   1178 N N   . SER B 1 68  ? 5.181   7.713   6.055   1.00 8.91  ? 68  SER B N   1 
ATOM   1179 C CA  . SER B 1 68  ? 4.460   8.098   4.845   1.00 8.98  ? 68  SER B CA  1 
ATOM   1180 C C   . SER B 1 68  ? 3.691   9.397   4.995   1.00 9.75  ? 68  SER B C   1 
ATOM   1181 O O   . SER B 1 68  ? 3.397   10.065  3.996   1.00 10.88 ? 68  SER B O   1 
ATOM   1182 C CB  . SER B 1 68  ? 3.483   6.978   4.472   1.00 8.77  ? 68  SER B CB  1 
ATOM   1183 O OG  . SER B 1 68  ? 2.986   7.156   3.149   1.00 8.48  ? 68  SER B OG  1 
ATOM   1184 N N   . GLY B 1 69  ? 3.335   9.718   6.238   1.00 10.12 ? 69  GLY B N   1 
ATOM   1185 C CA  . GLY B 1 69  ? 2.351   10.774  6.518   1.00 10.84 ? 69  GLY B CA  1 
ATOM   1186 C C   . GLY B 1 69  ? 0.961   10.178  6.570   1.00 10.72 ? 69  GLY B C   1 
ATOM   1187 O O   . GLY B 1 69  ? 0.705   9.123   5.981   1.00 11.54 ? 69  GLY B O   1 
ATOM   1188 N N   . ALA B 1 70  ? 0.047   10.822  7.298   1.00 10.84 ? 70  ALA B N   1 
ATOM   1189 C CA  . ALA B 1 70  ? -1.353  10.428  7.292   1.00 10.39 ? 70  ALA B CA  1 
ATOM   1190 C C   . ALA B 1 70  ? -1.967  10.433  5.883   1.00 9.88  ? 70  ALA B C   1 
ATOM   1191 O O   . ALA B 1 70  ? -2.919  9.699   5.590   1.00 10.69 ? 70  ALA B O   1 
ATOM   1192 C CB  . ALA B 1 70  ? -2.165  11.322  8.220   1.00 11.60 ? 70  ALA B CB  1 
ATOM   1193 N N   . GLU B 1 71  ? -1.403  11.261  5.012   1.00 9.34  ? 71  GLU B N   1 
ATOM   1194 C CA  . GLU B 1 71  ? -1.835  11.332  3.614   1.00 9.70  ? 71  GLU B CA  1 
ATOM   1195 C C   . GLU B 1 71  ? -1.584  10.026  2.854   1.00 8.86  ? 71  GLU B C   1 
ATOM   1196 O O   . GLU B 1 71  ? -2.131  9.822   1.773   1.00 9.47  ? 71  GLU B O   1 
ATOM   1197 C CB  . GLU B 1 71  ? -1.114  12.470  2.905   1.00 10.60 ? 71  GLU B CB  1 
ATOM   1198 C CG  . GLU B 1 71  ? -1.343  13.813  3.564   1.00 12.65 ? 71  GLU B CG  1 
ATOM   1199 C CD  . GLU B 1 71  ? -0.228  14.238  4.535   1.00 13.93 ? 71  GLU B CD  1 
ATOM   1200 O OE1 . GLU B 1 71  ? 0.420   13.407  5.223   1.00 12.25 ? 71  GLU B OE1 1 
ATOM   1201 O OE2 . GLU B 1 71  ? -0.021  15.464  4.619   1.00 15.64 ? 71  GLU B OE2 1 
ATOM   1202 N N   . GLY B 1 72  ? -0.783  9.144   3.439   1.00 8.43  ? 72  GLY B N   1 
ATOM   1203 C CA  . GLY B 1 72  ? -0.472  7.847   2.819   1.00 8.16  ? 72  GLY B CA  1 
ATOM   1204 C C   . GLY B 1 72  ? -1.504  6.775   3.068   1.00 7.92  ? 72  GLY B C   1 
ATOM   1205 O O   . GLY B 1 72  ? -1.419  5.696   2.487   1.00 7.29  ? 72  GLY B O   1 
ATOM   1206 N N   . LEU B 1 73  ? -2.466  7.048   3.954   1.00 7.64  ? 73  LEU B N   1 
ATOM   1207 C CA  . LEU B 1 73  ? -3.564  6.121   4.245   1.00 8.06  ? 73  LEU B CA  1 
ATOM   1208 C C   . LEU B 1 73  ? -4.454  5.960   2.997   1.00 8.32  ? 73  LEU B C   1 
ATOM   1209 O O   . LEU B 1 73  ? -4.436  6.806   2.107   1.00 9.08  ? 73  LEU B O   1 
ATOM   1210 C CB  . LEU B 1 73  ? -4.363  6.630   5.468   1.00 7.97  ? 73  LEU B CB  1 
ATOM   1211 C CG  . LEU B 1 73  ? -3.605  6.634   6.803   1.00 7.69  ? 73  LEU B CG  1 
ATOM   1212 C CD1 . LEU B 1 73  ? -4.402  7.394   7.849   1.00 9.72  ? 73  LEU B CD1 1 
ATOM   1213 C CD2 . LEU B 1 73  ? -3.287  5.213   7.295   1.00 9.66  ? 73  LEU B CD2 1 
ATOM   1214 N N   . PRO B 1 74  ? -5.228  4.863   2.907   1.00 8.78  ? 74  PRO B N   1 
ATOM   1215 C CA  . PRO B 1 74  ? -5.409  3.806   3.909   1.00 8.61  ? 74  PRO B CA  1 
ATOM   1216 C C   . PRO B 1 74  ? -4.248  2.821   4.015   1.00 8.64  ? 74  PRO B C   1 
ATOM   1217 O O   . PRO B 1 74  ? -3.488  2.641   3.057   1.00 8.98  ? 74  PRO B O   1 
ATOM   1218 C CB  . PRO B 1 74  ? -6.628  3.036   3.382   1.00 9.48  ? 74  PRO B CB  1 
ATOM   1219 C CG  . PRO B 1 74  ? -6.576  3.223   1.932   1.00 10.71 ? 74  PRO B CG  1 
ATOM   1220 C CD  . PRO B 1 74  ? -6.122  4.649   1.753   1.00 9.08  ? 74  PRO B CD  1 
ATOM   1221 N N   . LEU B 1 75  ? -4.128  2.184   5.181   1.00 8.41  ? 75  LEU B N   1 
ATOM   1222 C CA  . LEU B 1 75  ? -3.184  1.092   5.404   1.00 8.85  ? 75  LEU B CA  1 
ATOM   1223 C C   . LEU B 1 75  ? -3.991  -0.147  5.740   1.00 9.34  ? 75  LEU B C   1 
ATOM   1224 O O   . LEU B 1 75  ? -4.851  -0.099  6.622   1.00 9.67  ? 75  LEU B O   1 
ATOM   1225 C CB  . LEU B 1 75  ? -2.227  1.445   6.550   1.00 9.47  ? 75  LEU B CB  1 
ATOM   1226 C CG  . LEU B 1 75  ? -1.276  0.335   6.986   1.00 9.06  ? 75  LEU B CG  1 
ATOM   1227 C CD1 . LEU B 1 75  ? -0.287  -0.005  5.862   1.00 10.75 ? 75  LEU B CD1 1 
ATOM   1228 C CD2 . LEU B 1 75  ? -0.542  0.723   8.272   1.00 10.90 ? 75  LEU B CD2 1 
ATOM   1229 N N   . LEU B 1 76  ? -3.723  -1.242  5.046   1.00 8.95  ? 76  LEU B N   1 
ATOM   1230 C CA  . LEU B 1 76  ? -4.451  -2.495  5.245   1.00 9.52  ? 76  LEU B CA  1 
ATOM   1231 C C   . LEU B 1 76  ? -3.507  -3.571  5.741   1.00 8.92  ? 76  LEU B C   1 
ATOM   1232 O O   . LEU B 1 76  ? -2.487  -3.861  5.104   1.00 9.01  ? 76  LEU B O   1 
ATOM   1233 C CB  . LEU B 1 76  ? -5.132  -2.927  3.941   1.00 9.93  ? 76  LEU B CB  1 
ATOM   1234 C CG  . LEU B 1 76  ? -6.275  -1.999  3.493   1.00 11.46 ? 76  LEU B CG  1 
ATOM   1235 C CD1 . LEU B 1 76  ? -5.822  -0.836  2.591   1.00 11.91 ? 76  LEU B CD1 1 
ATOM   1236 C CD2 . LEU B 1 76  ? -7.417  -2.767  2.842   1.00 13.75 ? 76  LEU B CD2 1 
ATOM   1237 N N   . LEU B 1 77  ? -3.863  -4.163  6.883   1.00 9.29  ? 77  LEU B N   1 
ATOM   1238 C CA  . LEU B 1 77  ? -3.072  -5.208  7.517   1.00 9.73  ? 77  LEU B CA  1 
ATOM   1239 C C   . LEU B 1 77  ? -3.872  -6.506  7.560   1.00 9.11  ? 77  LEU B C   1 
ATOM   1240 O O   . LEU B 1 77  ? -5.005  -6.539  8.046   1.00 10.11 ? 77  LEU B O   1 
ATOM   1241 C CB  . LEU B 1 77  ? -2.681  -4.803  8.953   1.00 10.79 ? 77  LEU B CB  1 
ATOM   1242 C CG  . LEU B 1 77  ? -1.983  -3.460  9.200   1.00 11.09 ? 77  LEU B CG  1 
ATOM   1243 C CD1 . LEU B 1 77  ? -1.589  -3.335  10.687  1.00 12.99 ? 77  LEU B CD1 1 
ATOM   1244 C CD2 . LEU B 1 77  ? -0.776  -3.298  8.314   1.00 12.58 ? 77  LEU B CD2 1 
ATOM   1245 N N   . LEU B 1 78  ? -3.273  -7.577  7.055   1.00 9.23  ? 78  LEU B N   1 
ATOM   1246 C CA  . LEU B 1 78  ? -3.875  -8.902  7.034   1.00 9.88  ? 78  LEU B CA  1 
ATOM   1247 C C   . LEU B 1 78  ? -3.080  -9.743  8.033   1.00 10.08 ? 78  LEU B C   1 
ATOM   1248 O O   . LEU B 1 78  ? -1.892  -9.987  7.833   1.00 10.29 ? 78  LEU B O   1 
ATOM   1249 C CB  . LEU B 1 78  ? -3.793  -9.482  5.615   1.00 10.22 ? 78  LEU B CB  1 
ATOM   1250 C CG  . LEU B 1 78  ? -4.507  -10.811 5.339   1.00 10.59 ? 78  LEU B CG  1 
ATOM   1251 C CD1 . LEU B 1 78  ? -6.003  -10.652 5.521   1.00 13.09 ? 78  LEU B CD1 1 
ATOM   1252 C CD2 . LEU B 1 78  ? -4.170  -11.275 3.934   1.00 12.38 ? 78  LEU B CD2 1 
ATOM   1253 N N   . ASP B 1 79  ? -3.728  -10.131 9.137   1.00 10.93 ? 79  ASP B N   1 
ATOM   1254 C CA  . ASP B 1 79  ? -3.044  -10.802 10.258  1.00 10.96 ? 79  ASP B CA  1 
ATOM   1255 C C   . ASP B 1 79  ? -1.790  -10.056 10.708  1.00 11.69 ? 79  ASP B C   1 
ATOM   1256 O O   . ASP B 1 79  ? -0.740  -10.651 10.937  1.00 12.25 ? 79  ASP B O   1 
ATOM   1257 C CB  . ASP B 1 79  ? -2.758  -12.291 9.951   1.00 11.24 ? 79  ASP B CB  1 
ATOM   1258 C CG  . ASP B 1 79  ? -4.021  -13.125 9.920   1.00 11.28 ? 79  ASP B CG  1 
ATOM   1259 O OD1 . ASP B 1 79  ? -5.065  -12.644 10.418  1.00 12.65 ? 79  ASP B OD1 1 
ATOM   1260 O OD2 . ASP B 1 79  ? -3.979  -14.265 9.418   1.00 14.02 ? 79  ASP B OD2 1 
ATOM   1261 N N   . GLY B 1 80  ? -1.927  -8.730  10.804  1.00 11.53 ? 80  GLY B N   1 
ATOM   1262 C CA  . GLY B 1 80  ? -0.863  -7.853  11.265  1.00 12.82 ? 80  GLY B CA  1 
ATOM   1263 C C   . GLY B 1 80  ? 0.177   -7.472  10.234  1.00 12.46 ? 80  GLY B C   1 
ATOM   1264 O O   . GLY B 1 80  ? 1.084   -6.695  10.540  1.00 14.25 ? 80  GLY B O   1 
ATOM   1265 N N   . GLU B 1 81  ? 0.046   -8.005  9.016   1.00 12.03 ? 81  GLU B N   1 
ATOM   1266 C CA  . GLU B 1 81  ? 1.026   -7.767  7.947   1.00 11.77 ? 81  GLU B CA  1 
ATOM   1267 C C   . GLU B 1 81  ? 0.483   -6.823  6.889   1.00 10.58 ? 81  GLU B C   1 
ATOM   1268 O O   . GLU B 1 81  ? -0.617  -7.012  6.389   1.00 10.20 ? 81  GLU B O   1 
ATOM   1269 C CB  . GLU B 1 81  ? 1.446   -9.085  7.282   1.00 12.01 ? 81  GLU B CB  1 
ATOM   1270 C CG  . GLU B 1 81  ? 2.401   -9.950  8.096   1.00 15.94 ? 81  GLU B CG  1 
ATOM   1271 C CD  . GLU B 1 81  ? 3.840   -9.425  8.114   1.00 18.80 ? 81  GLU B CD  1 
ATOM   1272 O OE1 . GLU B 1 81  ? 4.196   -8.525  7.316   1.00 21.06 ? 81  GLU B OE1 1 
ATOM   1273 O OE2 . GLU B 1 81  ? 4.635   -9.926  8.931   1.00 23.11 ? 81  GLU B OE2 1 
ATOM   1274 N N   . THR B 1 82  ? 1.279   -5.837  6.513   1.00 9.86  ? 82  THR B N   1 
ATOM   1275 C CA  . THR B 1 82  ? 0.857   -4.905  5.469   1.00 9.99  ? 82  THR B CA  1 
ATOM   1276 C C   . THR B 1 82  ? 0.614   -5.646  4.153   1.00 8.63  ? 82  THR B C   1 
ATOM   1277 O O   . THR B 1 82  ? 1.484   -6.399  3.675   1.00 9.41  ? 82  THR B O   1 
ATOM   1278 C CB  . THR B 1 82  ? 1.897   -3.796  5.293   1.00 10.38 ? 82  THR B CB  1 
ATOM   1279 O OG1 . THR B 1 82  ? 1.916   -3.010  6.494   1.00 13.65 ? 82  THR B OG1 1 
ATOM   1280 C CG2 . THR B 1 82  ? 1.552   -2.898  4.107   1.00 10.44 ? 82  THR B CG2 1 
ATOM   1281 N N   . VAL B 1 83  ? -0.558  -5.405  3.557   1.00 8.48  ? 83  VAL B N   1 
ATOM   1282 C CA  . VAL B 1 83  ? -0.874  -5.972  2.241   1.00 8.29  ? 83  VAL B CA  1 
ATOM   1283 C C   . VAL B 1 83  ? -1.183  -4.917  1.167   1.00 7.65  ? 83  VAL B C   1 
ATOM   1284 O O   . VAL B 1 83  ? -1.180  -5.226  -0.027  1.00 7.65  ? 83  VAL B O   1 
ATOM   1285 C CB  . VAL B 1 83  ? -1.996  -7.043  2.299   1.00 8.03  ? 83  VAL B CB  1 
ATOM   1286 C CG1 . VAL B 1 83  ? -1.498  -8.300  3.039   1.00 8.74  ? 83  VAL B CG1 1 
ATOM   1287 C CG2 . VAL B 1 83  ? -3.276  -6.510  2.959   1.00 9.69  ? 83  VAL B CG2 1 
ATOM   1288 N N   . MET B 1 84  ? -1.437  -3.680  1.606   1.00 7.55  ? 84  MET B N   1 
ATOM   1289 C CA  . MET B 1 84  ? -1.743  -2.560  0.702   1.00 7.77  ? 84  MET B CA  1 
ATOM   1290 C C   . MET B 1 84  ? -1.619  -1.263  1.475   1.00 7.56  ? 84  MET B C   1 
ATOM   1291 O O   . MET B 1 84  ? -1.914  -1.243  2.677   1.00 7.44  ? 84  MET B O   1 
ATOM   1292 C CB  . MET B 1 84  ? -3.166  -2.704  0.148   1.00 7.57  ? 84  MET B CB  1 
ATOM   1293 C CG  . MET B 1 84  ? -3.562  -1.674  -0.891  1.00 7.65  ? 84  MET B CG  1 
ATOM   1294 S SD  . MET B 1 84  ? -5.127  -2.053  -1.694  1.00 8.79  ? 84  MET B SD  1 
ATOM   1295 C CE  . MET B 1 84  ? -4.623  -3.463  -2.686  1.00 10.30 ? 84  MET B CE  1 
ATOM   1296 N N   . ALA B 1 85  ? -1.175  -0.195  0.810   1.00 6.49  ? 85  ALA B N   1 
ATOM   1297 C CA  . ALA B 1 85  ? -1.081  1.124   1.469   1.00 6.55  ? 85  ALA B CA  1 
ATOM   1298 C C   . ALA B 1 85  ? -1.196  2.188   0.402   1.00 6.98  ? 85  ALA B C   1 
ATOM   1299 O O   . ALA B 1 85  ? -0.459  2.173   -0.589  1.00 7.02  ? 85  ALA B O   1 
ATOM   1300 C CB  . ALA B 1 85  ? 0.219   1.272   2.277   1.00 7.16  ? 85  ALA B CB  1 
ATOM   1301 N N   . GLY B 1 86  ? -2.126  3.126   0.610   1.00 7.02  ? 86  GLY B N   1 
ATOM   1302 C CA  . GLY B 1 86  ? -2.296  4.248   -0.308  1.00 7.33  ? 86  GLY B CA  1 
ATOM   1303 C C   . GLY B 1 86  ? -3.461  4.147   -1.270  1.00 7.49  ? 86  GLY B C   1 
ATOM   1304 O O   . GLY B 1 86  ? -3.711  5.090   -2.037  1.00 7.82  ? 86  GLY B O   1 
ATOM   1305 N N   . ARG B 1 87  ? -4.170  3.019   -1.247  1.00 7.53  ? 87  ARG B N   1 
ATOM   1306 C CA  . ARG B 1 87  ? -5.412  2.848   -2.001  1.00 8.14  ? 87  ARG B CA  1 
ATOM   1307 C C   . ARG B 1 87  ? -6.188  1.703   -1.379  1.00 7.96  ? 87  ARG B C   1 
ATOM   1308 O O   . ARG B 1 87  ? -5.666  0.969   -0.539  1.00 7.68  ? 87  ARG B O   1 
ATOM   1309 C CB  . ARG B 1 87  ? -5.135  2.580   -3.489  1.00 8.06  ? 87  ARG B CB  1 
ATOM   1310 C CG  . ARG B 1 87  ? -4.536  1.226   -3.796  1.00 8.91  ? 87  ARG B CG  1 
ATOM   1311 C CD  . ARG B 1 87  ? -4.751  0.877   -5.272  1.00 10.36 ? 87  ARG B CD  1 
ATOM   1312 N NE  . ARG B 1 87  ? -4.091  -0.363  -5.669  1.00 8.31  ? 87  ARG B NE  1 
ATOM   1313 C CZ  . ARG B 1 87  ? -4.664  -1.563  -5.716  1.00 8.48  ? 87  ARG B CZ  1 
ATOM   1314 N NH1 . ARG B 1 87  ? -5.934  -1.747  -5.364  1.00 9.29  ? 87  ARG B NH1 1 
ATOM   1315 N NH2 . ARG B 1 87  ? -3.939  -2.604  -6.109  1.00 9.88  ? 87  ARG B NH2 1 
ATOM   1316 N N   . TYR B 1 88  ? -7.444  1.560   -1.793  1.00 9.02  ? 88  TYR B N   1 
ATOM   1317 C CA  . TYR B 1 88  ? -8.298  0.450   -1.385  1.00 9.52  ? 88  TYR B CA  1 
ATOM   1318 C C   . TYR B 1 88  ? -8.252  -0.689  -2.377  1.00 9.04  ? 88  TYR B C   1 
ATOM   1319 O O   . TYR B 1 88  ? -8.029  -0.469  -3.576  1.00 9.30  ? 88  TYR B O   1 
ATOM   1320 C CB  . TYR B 1 88  ? -9.739  0.940   -1.199  1.00 10.06 ? 88  TYR B CB  1 
ATOM   1321 C CG  . TYR B 1 88  ? -9.895  1.874   -0.022  1.00 10.12 ? 88  TYR B CG  1 
ATOM   1322 C CD1 . TYR B 1 88  ? -9.996  1.373   1.274   1.00 10.36 ? 88  TYR B CD1 1 
ATOM   1323 C CD2 . TYR B 1 88  ? -9.904  3.254   -0.200  1.00 11.39 ? 88  TYR B CD2 1 
ATOM   1324 C CE1 . TYR B 1 88  ? -10.115 2.230   2.364   1.00 10.48 ? 88  TYR B CE1 1 
ATOM   1325 C CE2 . TYR B 1 88  ? -10.017 4.117   0.887   1.00 12.48 ? 88  TYR B CE2 1 
ATOM   1326 C CZ  . TYR B 1 88  ? -10.122 3.595   2.164   1.00 12.26 ? 88  TYR B CZ  1 
ATOM   1327 O OH  . TYR B 1 88  ? -10.237 4.452   3.237   1.00 12.94 ? 88  TYR B OH  1 
ATOM   1328 N N   . PRO B 1 89  ? -8.457  -1.917  -1.873  1.00 9.42  ? 89  PRO B N   1 
ATOM   1329 C CA  . PRO B 1 89  ? -8.444  -3.088  -2.727  1.00 9.60  ? 89  PRO B CA  1 
ATOM   1330 C C   . PRO B 1 89  ? -9.754  -3.233  -3.486  1.00 9.88  ? 89  PRO B C   1 
ATOM   1331 O O   . PRO B 1 89  ? -10.824 -2.885  -2.960  1.00 10.90 ? 89  PRO B O   1 
ATOM   1332 C CB  . PRO B 1 89  ? -8.258  -4.234  -1.729  1.00 9.79  ? 89  PRO B CB  1 
ATOM   1333 C CG  . PRO B 1 89  ? -8.908  -3.742  -0.482  1.00 9.55  ? 89  PRO B CG  1 
ATOM   1334 C CD  . PRO B 1 89  ? -8.548  -2.280  -0.446  1.00 9.32  ? 89  PRO B CD  1 
ATOM   1335 N N   . LYS B 1 90  ? -9.659  -3.737  -4.710  1.00 10.03 ? 90  LYS B N   1 
ATOM   1336 C CA  . LYS B 1 90  ? -10.832 -4.173  -5.465  1.00 10.28 ? 90  LYS B CA  1 
ATOM   1337 C C   . LYS B 1 90  ? -11.384 -5.456  -4.851  1.00 10.32 ? 90  LYS B C   1 
ATOM   1338 O O   . LYS B 1 90  ? -10.689 -6.160  -4.098  1.00 10.30 ? 90  LYS B O   1 
ATOM   1339 C CB  . LYS B 1 90  ? -10.459 -4.401  -6.935  1.00 10.75 ? 90  LYS B CB  1 
ATOM   1340 C CG  . LYS B 1 90  ? -9.903  -3.158  -7.620  1.00 13.57 ? 90  LYS B CG  1 
ATOM   1341 C CD  . LYS B 1 90  ? -10.942 -2.038  -7.698  1.00 18.47 ? 90  LYS B CD  1 
ATOM   1342 C CE  . LYS B 1 90  ? -10.491 -0.881  -8.588  1.00 20.74 ? 90  LYS B CE  1 
ATOM   1343 N NZ  . LYS B 1 90  ? -9.352  -0.118  -7.993  1.00 24.07 ? 90  LYS B NZ  1 
ATOM   1344 N N   . ARG B 1 91  ? -12.645 -5.765  -5.150  1.00 9.93  ? 91  ARG B N   1 
ATOM   1345 C CA  . ARG B 1 91  ? -13.280 -6.932  -4.544  1.00 9.59  ? 91  ARG B CA  1 
ATOM   1346 C C   . ARG B 1 91  ? -12.511 -8.233  -4.811  1.00 9.80  ? 91  ARG B C   1 
ATOM   1347 O O   . ARG B 1 91  ? -12.397 -9.077  -3.925  1.00 9.30  ? 91  ARG B O   1 
ATOM   1348 C CB  . ARG B 1 91  ? -14.745 -7.070  -4.977  1.00 9.83  ? 91  ARG B CB  1 
ATOM   1349 C CG  . ARG B 1 91  ? -15.603 -7.828  -3.963  1.00 8.75  ? 91  ARG B CG  1 
ATOM   1350 C CD  . ARG B 1 91  ? -17.003 -8.124  -4.503  1.00 9.53  ? 91  ARG B CD  1 
ATOM   1351 N NE  . ARG B 1 91  ? -17.676 -6.940  -5.021  1.00 10.03 ? 91  ARG B NE  1 
ATOM   1352 C CZ  . ARG B 1 91  ? -18.737 -6.972  -5.818  1.00 11.34 ? 91  ARG B CZ  1 
ATOM   1353 N NH1 . ARG B 1 91  ? -19.262 -5.835  -6.251  1.00 12.53 ? 91  ARG B NH1 1 
ATOM   1354 N NH2 . ARG B 1 91  ? -19.289 -8.130  -6.175  1.00 11.90 ? 91  ARG B NH2 1 
ATOM   1355 N N   . ALA B 1 92  ? -11.958 -8.373  -6.016  1.00 9.67  ? 92  ALA B N   1 
ATOM   1356 C CA  . ALA B 1 92  ? -11.194 -9.573  -6.363  1.00 10.47 ? 92  ALA B CA  1 
ATOM   1357 C C   . ALA B 1 92  ? -9.896  -9.679  -5.562  1.00 9.88  ? 92  ALA B C   1 
ATOM   1358 O O   . ALA B 1 92  ? -9.431  -10.785 -5.286  1.00 10.45 ? 92  ALA B O   1 
ATOM   1359 C CB  . ALA B 1 92  ? -10.912 -9.612  -7.851  1.00 10.85 ? 92  ALA B CB  1 
ATOM   1360 N N   . GLU B 1 93  ? -9.327  -8.539  -5.180  1.00 10.08 ? 93  GLU B N   1 
ATOM   1361 C CA  . GLU B 1 93  ? -8.119  -8.548  -4.358  1.00 10.57 ? 93  GLU B CA  1 
ATOM   1362 C C   . GLU B 1 93  ? -8.463  -9.026  -2.943  1.00 10.49 ? 93  GLU B C   1 
ATOM   1363 O O   . GLU B 1 93  ? -7.769  -9.881  -2.385  1.00 11.46 ? 93  GLU B O   1 
ATOM   1364 C CB  . GLU B 1 93  ? -7.465  -7.168  -4.355  1.00 10.17 ? 93  GLU B CB  1 
ATOM   1365 C CG  . GLU B 1 93  ? -6.903  -6.757  -5.722  1.00 10.55 ? 93  GLU B CG  1 
ATOM   1366 C CD  . GLU B 1 93  ? -6.270  -5.372  -5.689  1.00 10.23 ? 93  GLU B CD  1 
ATOM   1367 O OE1 . GLU B 1 93  ? -6.988  -4.391  -5.404  1.00 11.27 ? 93  GLU B OE1 1 
ATOM   1368 O OE2 . GLU B 1 93  ? -5.047  -5.254  -5.953  1.00 10.32 ? 93  GLU B OE2 1 
ATOM   1369 N N   . LEU B 1 94  ? -9.563  -8.521  -2.379  1.00 10.41 ? 94  LEU B N   1 
ATOM   1370 C CA  . LEU B 1 94  ? -10.054 -9.023  -1.091  1.00 10.59 ? 94  LEU B CA  1 
ATOM   1371 C C   . LEU B 1 94  ? -10.308 -10.523 -1.155  1.00 10.41 ? 94  LEU B C   1 
ATOM   1372 O O   . LEU B 1 94  ? -9.919  -11.261 -0.240  1.00 10.61 ? 94  LEU B O   1 
ATOM   1373 C CB  . LEU B 1 94  ? -11.339 -8.309  -0.664  1.00 9.84  ? 94  LEU B CB  1 
ATOM   1374 C CG  . LEU B 1 94  ? -11.200 -6.838  -0.285  1.00 10.08 ? 94  LEU B CG  1 
ATOM   1375 C CD1 . LEU B 1 94  ? -12.561 -6.165  -0.320  1.00 11.01 ? 94  LEU B CD1 1 
ATOM   1376 C CD2 . LEU B 1 94  ? -10.576 -6.734  1.088   1.00 10.02 ? 94  LEU B CD2 1 
ATOM   1377 N N   . ALA B 1 95  ? -10.953 -10.975 -2.236  1.00 11.23 ? 95  ALA B N   1 
ATOM   1378 C CA  . ALA B 1 95  ? -11.244 -12.404 -2.406  1.00 11.70 ? 95  ALA B CA  1 
ATOM   1379 C C   . ALA B 1 95  ? -9.961  -13.239 -2.392  1.00 12.25 ? 95  ALA B C   1 
ATOM   1380 O O   . ALA B 1 95  ? -9.916  -14.307 -1.765  1.00 12.84 ? 95  ALA B O   1 
ATOM   1381 C CB  . ALA B 1 95  ? -12.059 -12.656 -3.679  1.00 12.05 ? 95  ALA B CB  1 
ATOM   1382 N N   . ARG B 1 96  ? -8.919  -12.743 -3.061  1.00 12.76 ? 96  ARG B N   1 
ATOM   1383 C CA  . ARG B 1 96  ? -7.639  -13.455 -3.080  1.00 13.32 ? 96  ARG B CA  1 
ATOM   1384 C C   . ARG B 1 96  ? -7.010  -13.554 -1.686  1.00 12.72 ? 96  ARG B C   1 
ATOM   1385 O O   . ARG B 1 96  ? -6.589  -14.646 -1.283  1.00 12.92 ? 96  ARG B O   1 
ATOM   1386 C CB  . ARG B 1 96  ? -6.662  -12.872 -4.090  1.00 14.38 ? 96  ARG B CB  1 
ATOM   1387 C CG  . ARG B 1 96  ? -5.409  -13.761 -4.217  1.00 15.40 ? 96  ARG B CG  1 
ATOM   1388 C CD  . ARG B 1 96  ? -4.493  -13.365 -5.347  1.00 18.78 ? 96  ARG B CD  1 
ATOM   1389 N NE  . ARG B 1 96  ? -4.464  -11.920 -5.501  1.00 17.38 ? 96  ARG B NE  1 
ATOM   1390 C CZ  . ARG B 1 96  ? -3.847  -11.068 -4.684  1.00 17.08 ? 96  ARG B CZ  1 
ATOM   1391 N NH1 . ARG B 1 96  ? -3.168  -11.503 -3.640  1.00 18.38 ? 96  ARG B NH1 1 
ATOM   1392 N NH2 . ARG B 1 96  ? -3.932  -9.770  -4.930  1.00 16.12 ? 96  ARG B NH2 1 
ATOM   1393 N N   . TRP B 1 97  ? -6.961  -12.440 -0.952  1.00 12.16 ? 97  TRP B N   1 
ATOM   1394 C CA  . TRP B 1 97  ? -6.386  -12.443 0.397   1.00 11.90 ? 97  TRP B CA  1 
ATOM   1395 C C   . TRP B 1 97  ? -7.057  -13.452 1.324   1.00 11.97 ? 97  TRP B C   1 
ATOM   1396 O O   . TRP B 1 97  ? -6.390  -14.102 2.134   1.00 12.57 ? 97  TRP B O   1 
ATOM   1397 C CB  . TRP B 1 97  ? -6.475  -11.064 1.050   1.00 11.47 ? 97  TRP B CB  1 
ATOM   1398 C CG  . TRP B 1 97  ? -5.628  -10.002 0.397   1.00 11.08 ? 97  TRP B CG  1 
ATOM   1399 C CD1 . TRP B 1 97  ? -4.534  -10.184 -0.396  1.00 12.54 ? 97  TRP B CD1 1 
ATOM   1400 C CD2 . TRP B 1 97  ? -5.809  -8.591  0.519   1.00 10.57 ? 97  TRP B CD2 1 
ATOM   1401 N NE1 . TRP B 1 97  ? -4.032  -8.961  -0.795  1.00 12.29 ? 97  TRP B NE1 1 
ATOM   1402 C CE2 . TRP B 1 97  ? -4.795  -7.967  -0.244  1.00 10.67 ? 97  TRP B CE2 1 
ATOM   1403 C CE3 . TRP B 1 97  ? -6.731  -7.791  1.205   1.00 11.10 ? 97  TRP B CE3 1 
ATOM   1404 C CZ2 . TRP B 1 97  ? -4.681  -6.570  -0.346  1.00 10.88 ? 97  TRP B CZ2 1 
ATOM   1405 C CZ3 . TRP B 1 97  ? -6.623  -6.401  1.104   1.00 10.39 ? 97  TRP B CZ3 1 
ATOM   1406 C CH2 . TRP B 1 97  ? -5.602  -5.805  0.326   1.00 10.34 ? 97  TRP B CH2 1 
ATOM   1407 N N   . PHE B 1 98  ? -8.377  -13.578 1.204   1.00 11.76 ? 98  PHE B N   1 
ATOM   1408 C CA  . PHE B 1 98  ? -9.140  -14.434 2.104   1.00 12.20 ? 98  PHE B CA  1 
ATOM   1409 C C   . PHE B 1 98  ? -9.377  -15.837 1.557   1.00 12.88 ? 98  PHE B C   1 
ATOM   1410 O O   . PHE B 1 98  ? -9.956  -16.678 2.247   1.00 14.00 ? 98  PHE B O   1 
ATOM   1411 C CB  . PHE B 1 98  ? -10.481 -13.776 2.418   1.00 11.96 ? 98  PHE B CB  1 
ATOM   1412 C CG  . PHE B 1 98  ? -10.399 -12.643 3.410   1.00 11.97 ? 98  PHE B CG  1 
ATOM   1413 C CD1 . PHE B 1 98  ? -10.126 -12.899 4.756   1.00 12.65 ? 98  PHE B CD1 1 
ATOM   1414 C CD2 . PHE B 1 98  ? -10.618 -11.322 3.006   1.00 13.19 ? 98  PHE B CD2 1 
ATOM   1415 C CE1 . PHE B 1 98  ? -10.066 -11.864 5.690   1.00 14.14 ? 98  PHE B CE1 1 
ATOM   1416 C CE2 . PHE B 1 98  ? -10.561 -10.276 3.930   1.00 13.51 ? 98  PHE B CE2 1 
ATOM   1417 C CZ  . PHE B 1 98  ? -10.289 -10.547 5.282   1.00 14.74 ? 98  PHE B CZ  1 
ATOM   1418 N N   . GLY B 1 99  ? -8.945  -16.077 0.321   1.00 13.19 ? 99  GLY B N   1 
ATOM   1419 C CA  . GLY B 1 99  ? -9.159  -17.369 -0.351  1.00 13.27 ? 99  GLY B CA  1 
ATOM   1420 C C   . GLY B 1 99  ? -10.621 -17.705 -0.594  1.00 13.93 ? 99  GLY B C   1 
ATOM   1421 O O   . GLY B 1 99  ? -11.028 -18.867 -0.497  1.00 14.58 ? 99  GLY B O   1 
ATOM   1422 N N   . ILE B 1 100 ? -11.417 -16.689 -0.914  1.00 13.74 ? 100 ILE B N   1 
ATOM   1423 C CA  . ILE B 1 100 ? -12.846 -16.875 -1.166  1.00 13.65 ? 100 ILE B CA  1 
ATOM   1424 C C   . ILE B 1 100 ? -13.088 -16.986 -2.674  1.00 13.86 ? 100 ILE B C   1 
ATOM   1425 O O   . ILE B 1 100 ? -12.618 -16.141 -3.438  1.00 13.62 ? 100 ILE B O   1 
ATOM   1426 C CB  . ILE B 1 100 ? -13.694 -15.707 -0.576  1.00 13.71 ? 100 ILE B CB  1 
ATOM   1427 C CG1 . ILE B 1 100 ? -13.441 -15.531 0.933   1.00 13.71 ? 100 ILE B CG1 1 
ATOM   1428 C CG2 . ILE B 1 100 ? -15.191 -15.880 -0.906  1.00 14.22 ? 100 ILE B CG2 1 
ATOM   1429 C CD1 . ILE B 1 100 ? -14.029 -16.605 1.852   1.00 14.38 ? 100 ILE B CD1 1 
ATOM   1430 N N   . PRO B 1 101 ? -13.807 -18.040 -3.111  1.00 14.23 ? 101 PRO B N   1 
ATOM   1431 C CA  . PRO B 1 101 ? -14.149 -18.148 -4.528  1.00 14.39 ? 101 PRO B CA  1 
ATOM   1432 C C   . PRO B 1 101 ? -14.918 -16.926 -5.004  1.00 14.47 ? 101 PRO B C   1 
ATOM   1433 O O   . PRO B 1 101 ? -15.771 -16.407 -4.276  1.00 14.09 ? 101 PRO B O   1 
ATOM   1434 C CB  . PRO B 1 101 ? -15.034 -19.396 -4.585  1.00 14.74 ? 101 PRO B CB  1 
ATOM   1435 C CG  . PRO B 1 101 ? -14.605 -20.211 -3.423  1.00 15.27 ? 101 PRO B CG  1 
ATOM   1436 C CD  . PRO B 1 101 ? -14.235 -19.226 -2.349  1.00 14.24 ? 101 PRO B CD  1 
ATOM   1437 N N   . LEU B 1 102 ? -14.600 -16.471 -6.209  1.00 14.48 ? 102 LEU B N   1 
ATOM   1438 C CA  . LEU B 1 102 ? -15.232 -15.293 -6.807  1.00 14.71 ? 102 LEU B CA  1 
ATOM   1439 C C   . LEU B 1 102 ? -16.760 -15.376 -6.802  1.00 14.62 ? 102 LEU B C   1 
ATOM   1440 O O   . LEU B 1 102 ? -17.434 -14.383 -6.507  1.00 14.21 ? 102 LEU B O   1 
ATOM   1441 C CB  . LEU B 1 102 ? -14.702 -15.054 -8.232  1.00 15.03 ? 102 LEU B CB  1 
ATOM   1442 C CG  . LEU B 1 102 ? -13.221 -14.664 -8.394  1.00 15.46 ? 102 LEU B CG  1 
ATOM   1443 C CD1 . LEU B 1 102 ? -12.822 -14.617 -9.866  1.00 17.49 ? 102 LEU B CD1 1 
ATOM   1444 C CD2 . LEU B 1 102 ? -12.908 -13.340 -7.733  1.00 16.55 ? 102 LEU B CD2 1 
ATOM   1445 N N   . ASP B 1 103 ? -17.299 -16.561 -7.096  1.00 14.54 ? 103 ASP B N   1 
ATOM   1446 C CA  . ASP B 1 103 ? -18.748 -16.760 -7.178  1.00 14.48 ? 103 ASP B CA  1 
ATOM   1447 C C   . ASP B 1 103 ? -19.488 -16.681 -5.837  1.00 13.97 ? 103 ASP B C   1 
ATOM   1448 O O   . ASP B 1 103 ? -20.721 -16.776 -5.800  1.00 14.04 ? 103 ASP B O   1 
ATOM   1449 C CB  . ASP B 1 103 ? -19.081 -18.071 -7.925  1.00 15.11 ? 103 ASP B CB  1 
ATOM   1450 C CG  . ASP B 1 103 ? -18.800 -19.332 -7.098  1.00 16.99 ? 103 ASP B CG  1 
ATOM   1451 O OD1 . ASP B 1 103 ? -18.084 -19.273 -6.081  1.00 21.61 ? 103 ASP B OD1 1 
ATOM   1452 O OD2 . ASP B 1 103 ? -19.300 -20.412 -7.488  1.00 20.74 ? 103 ASP B OD2 1 
ATOM   1453 N N   . LYS B 1 104 ? -18.740 -16.529 -4.743  1.00 12.90 ? 104 LYS B N   1 
ATOM   1454 C CA  . LYS B 1 104 ? -19.324 -16.397 -3.406  1.00 12.58 ? 104 LYS B CA  1 
ATOM   1455 C C   . LYS B 1 104 ? -19.390 -14.939 -2.962  1.00 11.74 ? 104 LYS B C   1 
ATOM   1456 O O   . LYS B 1 104 ? -19.987 -14.628 -1.926  1.00 11.65 ? 104 LYS B O   1 
ATOM   1457 C CB  . LYS B 1 104 ? -18.536 -17.200 -2.369  1.00 13.31 ? 104 LYS B CB  1 
ATOM   1458 C CG  . LYS B 1 104 ? -18.497 -18.715 -2.585  1.00 15.98 ? 104 LYS B CG  1 
ATOM   1459 C CD  . LYS B 1 104 ? -18.217 -19.479 -1.278  1.00 19.83 ? 104 LYS B CD  1 
ATOM   1460 C CE  . LYS B 1 104 ? -17.071 -18.859 -0.463  1.00 22.43 ? 104 LYS B CE  1 
ATOM   1461 N NZ  . LYS B 1 104 ? -16.417 -19.807 0.494   1.00 24.11 ? 104 LYS B NZ  1 
ATOM   1462 N N   . VAL B 1 105 ? -18.770 -14.060 -3.748  1.00 10.88 ? 105 VAL B N   1 
ATOM   1463 C CA  . VAL B 1 105 ? -18.772 -12.617 -3.476  1.00 10.10 ? 105 VAL B CA  1 
ATOM   1464 C C   . VAL B 1 105 ? -19.249 -11.807 -4.687  1.00 10.08 ? 105 VAL B C   1 
ATOM   1465 O O   . VAL B 1 105 ? -18.832 -10.675 -4.886  1.00 10.11 ? 105 VAL B O   1 
ATOM   1466 C CB  . VAL B 1 105 ? -17.388 -12.106 -2.946  1.00 10.51 ? 105 VAL B CB  1 
ATOM   1467 C CG1 . VAL B 1 105 ? -17.118 -12.682 -1.562  1.00 11.04 ? 105 VAL B CG1 1 
ATOM   1468 C CG2 . VAL B 1 105 ? -16.252 -12.470 -3.904  1.00 11.04 ? 105 VAL B CG2 1 
ATOM   1469 N N   . GLY B 1 106 ? -20.141 -12.396 -5.481  1.00 10.42 ? 106 GLY B N   1 
ATOM   1470 C CA  . GLY B 1 106 ? -20.804 -11.684 -6.573  1.00 11.43 ? 106 GLY B CA  1 
ATOM   1471 C C   . GLY B 1 106 ? -19.939 -11.347 -7.774  1.00 11.87 ? 106 GLY B C   1 
ATOM   1472 O O   . GLY B 1 106 ? -20.257 -10.417 -8.519  1.00 12.29 ? 106 GLY B O   1 
ATOM   1473 N N   . LEU B 1 107 ? -18.856 -12.099 -7.957  1.00 12.75 ? 107 LEU B N   1 
ATOM   1474 C CA  . LEU B 1 107 ? -17.901 -11.856 -9.041  1.00 14.09 ? 107 LEU B CA  1 
ATOM   1475 C C   . LEU B 1 107 ? -17.789 -13.045 -9.999  1.00 15.51 ? 107 LEU B C   1 
ATOM   1476 O O   . LEU B 1 107 ? -17.990 -14.196 -9.608  1.00 15.59 ? 107 LEU B O   1 
ATOM   1477 C CB  . LEU B 1 107 ? -16.518 -11.524 -8.476  1.00 13.92 ? 107 LEU B CB  1 
ATOM   1478 C CG  . LEU B 1 107 ? -16.335 -10.286 -7.597  1.00 13.85 ? 107 LEU B CG  1 
ATOM   1479 C CD1 . LEU B 1 107 ? -14.940 -10.304 -6.975  1.00 14.69 ? 107 LEU B CD1 1 
ATOM   1480 C CD2 . LEU B 1 107 ? -16.552 -8.999  -8.376  1.00 14.42 ? 107 LEU B CD2 1 
ATOM   1481 N N   . ALA B 1 108 ? -17.457 -12.738 -11.252 1.00 17.51 ? 108 ALA B N   1 
ATOM   1482 C CA  . ALA B 1 108 ? -17.138 -13.743 -12.264 1.00 19.25 ? 108 ALA B CA  1 
ATOM   1483 C C   . ALA B 1 108 ? -15.778 -13.418 -12.888 1.00 20.47 ? 108 ALA B C   1 
ATOM   1484 O O   . ALA B 1 108 ? -15.407 -12.246 -12.967 1.00 20.92 ? 108 ALA B O   1 
ATOM   1485 C CB  . ALA B 1 108 ? -18.218 -13.770 -13.329 1.00 19.12 ? 108 ALA B CB  1 
ATOM   1486 N N   . PRO B 1 109 ? -15.026 -14.454 -13.321 1.00 21.80 ? 109 PRO B N   1 
ATOM   1487 C CA  . PRO B 1 109 ? -13.767 -14.234 -14.032 1.00 22.56 ? 109 PRO B CA  1 
ATOM   1488 C C   . PRO B 1 109 ? -13.999 -13.638 -15.419 1.00 23.10 ? 109 PRO B C   1 
ATOM   1489 O O   . PRO B 1 109 ? -13.695 -12.463 -15.638 1.00 24.05 ? 109 PRO B O   1 
ATOM   1490 C CB  . PRO B 1 109 ? -13.177 -15.647 -14.150 1.00 22.63 ? 109 PRO B CB  1 
ATOM   1491 C CG  . PRO B 1 109 ? -14.338 -16.560 -14.030 1.00 22.63 ? 109 PRO B CG  1 
ATOM   1492 C CD  . PRO B 1 109 ? -15.268 -15.888 -13.073 1.00 22.04 ? 109 PRO B CD  1 
HETATM 1493 O O   . HOH C 2 .   ? -1.057  11.116  -0.612  1.00 12.82 ? 111 HOH A O   1 
HETATM 1494 O O   . HOH C 2 .   ? 8.462   -13.749 5.630   1.00 26.39 ? 112 HOH A O   1 
HETATM 1495 O O   . HOH C 2 .   ? 10.092  1.733   12.845  1.00 36.80 ? 113 HOH A O   1 
HETATM 1496 O O   . HOH C 2 .   ? 20.079  2.087   -13.247 1.00 63.98 ? 114 HOH A O   1 
HETATM 1497 O O   . HOH C 2 .   ? 10.163  21.601  2.244   1.00 33.93 ? 115 HOH A O   1 
HETATM 1498 O O   . HOH C 2 .   ? 0.909   8.325   -0.207  1.00 11.59 ? 116 HOH A O   1 
HETATM 1499 O O   . HOH C 2 .   ? 7.961   -14.233 0.006   1.00 12.75 ? 117 HOH A O   1 
HETATM 1500 O O   . HOH C 2 .   ? 16.699  -3.778  -14.130 1.00 31.76 ? 118 HOH A O   1 
HETATM 1501 O O   . HOH C 2 .   ? 12.345  2.315   -15.788 1.00 68.82 ? 119 HOH A O   1 
HETATM 1502 O O   . HOH C 2 .   ? 3.328   17.659  -1.866  1.00 19.97 ? 120 HOH A O   1 
HETATM 1503 O O   . HOH C 2 .   ? 12.224  -2.634  -12.135 1.00 13.32 ? 121 HOH A O   1 
HETATM 1504 O O   . HOH C 2 .   ? 14.097  17.093  2.890   1.00 24.72 ? 122 HOH A O   1 
HETATM 1505 O O   . HOH C 2 .   ? 6.020   2.093   7.709   1.00 15.80 ? 123 HOH A O   1 
HETATM 1506 O O   . HOH C 2 .   ? 0.662   5.553   0.532   1.00 8.83  ? 124 HOH A O   1 
HETATM 1507 O O   . HOH C 2 .   ? 17.195  -4.346  8.600   1.00 57.02 ? 125 HOH A O   1 
HETATM 1508 O O   . HOH C 2 .   ? -3.772  7.795   -11.496 1.00 33.68 ? 126 HOH A O   1 
HETATM 1509 O O   . HOH C 2 .   ? 11.554  -14.382 -12.732 1.00 11.65 ? 127 HOH A O   1 
HETATM 1510 O O   . HOH C 2 .   ? 18.909  -9.451  -6.843  1.00 24.18 ? 128 HOH A O   1 
HETATM 1511 O O   . HOH C 2 .   ? -1.305  -4.242  -6.912  1.00 12.47 ? 129 HOH A O   1 
HETATM 1512 O O   . HOH C 2 .   ? 20.438  12.001  -16.718 1.00 54.76 ? 130 HOH A O   1 
HETATM 1513 O O   . HOH C 2 .   ? 14.464  2.422   1.390   1.00 12.88 ? 131 HOH A O   1 
HETATM 1514 O O   . HOH C 2 .   ? -3.332  2.432   -12.573 1.00 41.84 ? 132 HOH A O   1 
HETATM 1515 O O   . HOH C 2 .   ? -6.208  4.204   -11.838 1.00 43.89 ? 133 HOH A O   1 
HETATM 1516 O O   . HOH C 2 .   ? -3.044  -9.495  -11.041 1.00 44.21 ? 134 HOH A O   1 
HETATM 1517 O O   . HOH C 2 .   ? 4.041   -12.314 5.815   1.00 16.93 ? 135 HOH A O   1 
HETATM 1518 O O   . HOH C 2 .   ? -0.033  3.121   -9.926  1.00 17.61 ? 136 HOH A O   1 
HETATM 1519 O O   . HOH C 2 .   ? 2.348   7.529   -11.624 1.00 20.17 ? 137 HOH A O   1 
HETATM 1520 O O   . HOH C 2 .   ? 0.573   18.277  -1.786  1.00 42.62 ? 138 HOH A O   1 
HETATM 1521 O O   . HOH C 2 .   ? 13.255  6.544   -14.818 1.00 15.95 ? 139 HOH A O   1 
HETATM 1522 O O   . HOH C 2 .   ? 5.694   -3.501  5.472   1.00 23.61 ? 140 HOH A O   1 
HETATM 1523 O O   . HOH C 2 .   ? 13.130  20.506  -10.823 1.00 33.04 ? 141 HOH A O   1 
HETATM 1524 O O   . HOH C 2 .   ? -1.562  -13.162 -11.466 1.00 45.08 ? 142 HOH A O   1 
HETATM 1525 O O   . HOH C 2 .   ? 14.136  13.264  2.213   1.00 18.13 ? 143 HOH A O   1 
HETATM 1526 O O   . HOH C 2 .   ? 7.951   -0.640  7.335   1.00 18.57 ? 144 HOH A O   1 
HETATM 1527 O O   . HOH C 2 .   ? 18.718  1.084   1.189   1.00 36.26 ? 145 HOH A O   1 
HETATM 1528 O O   . HOH C 2 .   ? -2.578  4.066   -9.964  1.00 31.31 ? 146 HOH A O   1 
HETATM 1529 O O   . HOH C 2 .   ? 16.164  19.331  -4.457  1.00 58.22 ? 147 HOH A O   1 
HETATM 1530 O O   . HOH C 2 .   ? -1.150  13.029  -4.976  1.00 21.17 ? 148 HOH A O   1 
HETATM 1531 O O   . HOH C 2 .   ? 17.714  9.563   5.651   1.00 17.22 ? 149 HOH A O   1 
HETATM 1532 O O   . HOH C 2 .   ? 2.172   9.063   -24.414 1.00 36.72 ? 150 HOH A O   1 
HETATM 1533 O O   . HOH C 2 .   ? 11.796  13.681  -15.781 1.00 15.38 ? 151 HOH A O   1 
HETATM 1534 O O   . HOH C 2 .   ? 10.960  6.711   6.342   1.00 20.60 ? 152 HOH A O   1 
HETATM 1535 O O   . HOH C 2 .   ? 17.841  0.755   -9.867  1.00 19.65 ? 153 HOH A O   1 
HETATM 1536 O O   . HOH C 2 .   ? 18.485  9.995   -1.503  1.00 18.56 ? 154 HOH A O   1 
HETATM 1537 O O   . HOH C 2 .   ? -2.867  -13.181 0.165   1.00 21.88 ? 155 HOH A O   1 
HETATM 1538 O O   . HOH C 2 .   ? 0.862   1.193   -18.862 1.00 50.20 ? 156 HOH A O   1 
HETATM 1539 O O   . HOH C 2 .   ? 2.787   -14.469 -4.940  1.00 16.61 ? 157 HOH A O   1 
HETATM 1540 O O   . HOH C 2 .   ? 6.633   20.285  -4.038  1.00 15.14 ? 158 HOH A O   1 
HETATM 1541 O O   . HOH C 2 .   ? 6.279   -6.162  4.767   1.00 15.64 ? 159 HOH A O   1 
HETATM 1542 O O   . HOH C 2 .   ? 13.877  -2.514  4.695   1.00 23.07 ? 160 HOH A O   1 
HETATM 1543 O O   . HOH C 2 .   ? 15.027  -3.174  -11.892 1.00 15.79 ? 161 HOH A O   1 
HETATM 1544 O O   . HOH C 2 .   ? 13.753  -5.225  5.458   1.00 28.28 ? 162 HOH A O   1 
HETATM 1545 O O   . HOH C 2 .   ? 5.604   -9.823  -10.599 1.00 23.19 ? 163 HOH A O   1 
HETATM 1546 O O   . HOH C 2 .   ? -0.811  14.459  -2.640  1.00 23.22 ? 164 HOH A O   1 
HETATM 1547 O O   . HOH C 2 .   ? 20.682  14.818  -1.405  1.00 11.90 ? 165 HOH A O   1 
HETATM 1548 O O   . HOH C 2 .   ? 15.570  3.371   -12.696 1.00 24.55 ? 166 HOH A O   1 
HETATM 1549 O O   . HOH C 2 .   ? 3.028   -8.645  -9.678  1.00 23.03 ? 167 HOH A O   1 
HETATM 1550 O O   . HOH C 2 .   ? 5.911   -15.982 -0.706  1.00 19.55 ? 168 HOH A O   1 
HETATM 1551 O O   . HOH C 2 .   ? 0.366   6.890   -9.600  1.00 20.55 ? 169 HOH A O   1 
HETATM 1552 O O   . HOH C 2 .   ? 8.077   2.868   -14.132 1.00 22.93 ? 170 HOH A O   1 
HETATM 1553 O O   . HOH C 2 .   ? 8.927   -16.533 1.306   1.00 23.02 ? 171 HOH A O   1 
HETATM 1554 O O   . HOH C 2 .   ? 4.591   -12.393 -11.317 1.00 21.62 ? 172 HOH A O   1 
HETATM 1555 O O   . HOH C 2 .   ? 10.440  -11.652 6.156   1.00 20.90 ? 173 HOH A O   1 
HETATM 1556 O O   . HOH C 2 .   ? 20.200  18.870  -9.140  1.00 17.35 ? 174 HOH A O   1 
HETATM 1557 O O   . HOH C 2 .   ? 17.856  3.024   -2.279  1.00 19.48 ? 175 HOH A O   1 
HETATM 1558 O O   . HOH C 2 .   ? 1.692   -13.120 6.666   1.00 20.36 ? 176 HOH A O   1 
HETATM 1559 O O   . HOH C 2 .   ? 8.113   -2.982  -14.165 1.00 37.66 ? 177 HOH A O   1 
HETATM 1560 O O   . HOH C 2 .   ? 3.985   18.904  -4.119  1.00 19.61 ? 178 HOH A O   1 
HETATM 1561 O O   . HOH C 2 .   ? 19.065  15.627  -3.620  1.00 16.94 ? 179 HOH A O   1 
HETATM 1562 O O   . HOH C 2 .   ? 1.088   14.919  -0.630  1.00 23.81 ? 180 HOH A O   1 
HETATM 1563 O O   . HOH C 2 .   ? 15.929  -6.736  5.371   1.00 26.53 ? 181 HOH A O   1 
HETATM 1564 O O   . HOH C 2 .   ? 20.758  10.226  0.149   1.00 20.55 ? 182 HOH A O   1 
HETATM 1565 O O   . HOH C 2 .   ? 11.082  23.082  -5.402  1.00 30.38 ? 183 HOH A O   1 
HETATM 1566 O O   . HOH C 2 .   ? 2.163   -12.886 -9.699  1.00 36.20 ? 184 HOH A O   1 
HETATM 1567 O O   . HOH C 2 .   ? 0.172   9.237   -12.853 1.00 29.15 ? 185 HOH A O   1 
HETATM 1568 O O   . HOH C 2 .   ? 20.632  10.236  -7.856  1.00 31.08 ? 186 HOH A O   1 
HETATM 1569 O O   . HOH C 2 .   ? 3.123   -15.450 -2.435  1.00 31.72 ? 187 HOH A O   1 
HETATM 1570 O O   . HOH C 2 .   ? 16.916  -0.990  -11.750 1.00 26.82 ? 188 HOH A O   1 
HETATM 1571 O O   . HOH C 2 .   ? -4.311  2.338   -8.345  1.00 33.31 ? 189 HOH A O   1 
HETATM 1572 O O   . HOH C 2 .   ? 18.517  -3.103  -9.062  1.00 27.32 ? 190 HOH A O   1 
HETATM 1573 O O   . HOH C 2 .   ? 12.643  -0.846  -14.063 1.00 35.54 ? 191 HOH A O   1 
HETATM 1574 O O   . HOH C 2 .   ? 17.952  3.989   4.690   1.00 29.71 ? 192 HOH A O   1 
HETATM 1575 O O   . HOH C 2 .   ? 2.092   -6.315  -13.383 1.00 47.10 ? 193 HOH A O   1 
HETATM 1576 O O   . HOH C 2 .   ? 0.661   -3.864  -10.066 1.00 34.78 ? 194 HOH A O   1 
HETATM 1577 O O   . HOH C 2 .   ? 5.080   10.803  -18.037 1.00 25.49 ? 195 HOH A O   1 
HETATM 1578 O O   . HOH C 2 .   ? 7.286   19.367  0.731   1.00 34.96 ? 196 HOH A O   1 
HETATM 1579 O O   . HOH C 2 .   ? 16.895  4.942   9.203   1.00 41.10 ? 197 HOH A O   1 
HETATM 1580 O O   . HOH C 2 .   ? 9.380   -4.796  -16.344 1.00 28.89 ? 198 HOH A O   1 
HETATM 1581 O O   . HOH C 2 .   ? 19.512  7.268   -7.738  1.00 20.31 ? 199 HOH A O   1 
HETATM 1582 O O   . HOH C 2 .   ? 19.372  -2.648  -12.215 1.00 30.63 ? 200 HOH A O   1 
HETATM 1583 O O   . HOH C 2 .   ? 2.735   -13.486 9.527   1.00 20.80 ? 201 HOH A O   1 
HETATM 1584 O O   . HOH C 2 .   ? 6.763   24.266  0.617   1.00 28.57 ? 202 HOH A O   1 
HETATM 1585 O O   . HOH C 2 .   ? 11.090  8.164   -18.241 1.00 32.75 ? 203 HOH A O   1 
HETATM 1586 O O   . HOH C 2 .   ? 10.615  -10.777 -20.898 1.00 51.09 ? 204 HOH A O   1 
HETATM 1587 O O   . HOH C 2 .   ? 16.650  3.394   -17.182 1.00 51.06 ? 205 HOH A O   1 
HETATM 1588 O O   . HOH C 2 .   ? 20.873  -2.688  1.183   1.00 51.03 ? 206 HOH A O   1 
HETATM 1589 O O   . HOH C 2 .   ? 15.206  13.775  5.450   1.00 25.77 ? 207 HOH A O   1 
HETATM 1590 O O   . HOH C 2 .   ? 17.288  -4.603  0.833   1.00 32.04 ? 208 HOH A O   1 
HETATM 1591 O O   . HOH C 2 .   ? 21.661  3.227   0.664   1.00 37.83 ? 209 HOH A O   1 
HETATM 1592 O O   . HOH C 2 .   ? 6.168   -13.443 6.988   1.00 27.67 ? 210 HOH A O   1 
HETATM 1593 O O   . HOH C 2 .   ? 6.622   -5.289  -16.498 1.00 43.77 ? 211 HOH A O   1 
HETATM 1594 O O   . HOH C 2 .   ? -1.856  -0.882  -9.124  1.00 34.42 ? 212 HOH A O   1 
HETATM 1595 O O   . HOH C 2 .   ? 13.648  -15.066 5.706   1.00 47.68 ? 213 HOH A O   1 
HETATM 1596 O O   . HOH C 2 .   ? 8.415   1.043   -16.106 1.00 57.33 ? 215 HOH A O   1 
HETATM 1597 O O   . HOH C 2 .   ? 17.308  -7.005  -1.010  1.00 40.37 ? 216 HOH A O   1 
HETATM 1598 O O   . HOH C 2 .   ? 11.151  26.707  -3.642  1.00 33.80 ? 217 HOH A O   1 
HETATM 1599 O O   . HOH C 2 .   ? -5.305  5.027   -6.371  1.00 39.03 ? 218 HOH A O   1 
HETATM 1600 O O   . HOH C 2 .   ? 13.136  -5.554  8.311   1.00 31.67 ? 219 HOH A O   1 
HETATM 1601 O O   . HOH C 2 .   ? 3.834   -8.370  -13.628 1.00 25.59 ? 220 HOH A O   1 
HETATM 1602 O O   . HOH C 2 .   ? 6.088   27.090  0.239   1.00 32.91 ? 221 HOH A O   1 
HETATM 1603 O O   . HOH C 2 .   ? 3.051   9.650   -21.199 1.00 52.32 ? 222 HOH A O   1 
HETATM 1604 O O   . HOH C 2 .   ? 8.495   7.515   -18.914 1.00 25.42 ? 223 HOH A O   1 
HETATM 1605 O O   . HOH C 2 .   ? -1.077  -14.684 -4.644  1.00 28.94 ? 224 HOH A O   1 
HETATM 1606 O O   . HOH C 2 .   ? -1.172  14.487  -7.318  1.00 14.58 ? 227 HOH A O   1 
HETATM 1607 O O   . HOH C 2 .   ? 13.026  4.099   -13.651 1.00 14.46 ? 228 HOH A O   1 
HETATM 1608 O O   . HOH C 2 .   ? 5.471   12.420  -14.443 1.00 15.76 ? 229 HOH A O   1 
HETATM 1609 O O   . HOH C 2 .   ? 9.852   15.592  -15.501 1.00 19.30 ? 230 HOH A O   1 
HETATM 1610 O O   . HOH C 2 .   ? 13.586  6.588   -17.583 1.00 31.91 ? 239 HOH A O   1 
HETATM 1611 O O   . HOH C 2 .   ? 2.701   7.254   -27.149 1.00 29.34 ? 240 HOH A O   1 
HETATM 1612 O O   . HOH C 2 .   ? 14.811  -3.012  -15.845 1.00 38.80 ? 242 HOH A O   1 
HETATM 1613 O O   . HOH C 2 .   ? 9.766   -7.841  7.921   1.00 30.79 ? 243 HOH A O   1 
HETATM 1614 O O   . HOH C 2 .   ? 11.491  -18.598 4.850   1.00 33.11 ? 244 HOH A O   1 
HETATM 1615 O O   . HOH C 2 .   ? 11.261  28.582  -5.562  1.00 39.64 ? 245 HOH A O   1 
HETATM 1616 O O   . HOH C 2 .   ? 21.932  7.312   -6.592  1.00 38.18 ? 246 HOH A O   1 
HETATM 1617 O O   . HOH C 2 .   ? 4.774   18.667  0.230   1.00 32.29 ? 247 HOH A O   1 
HETATM 1618 O O   . HOH C 2 .   ? 15.571  0.627   -13.465 1.00 39.75 ? 248 HOH A O   1 
HETATM 1619 O O   . HOH C 2 .   ? 19.461  -12.703 2.930   1.00 39.48 ? 250 HOH A O   1 
HETATM 1620 O O   . HOH C 2 .   ? -0.212  0.631   -11.144 1.00 39.31 ? 254 HOH A O   1 
HETATM 1621 O O   . HOH C 2 .   ? 11.652  16.287  4.620   1.00 42.03 ? 255 HOH A O   1 
HETATM 1622 O O   . HOH C 2 .   ? 13.939  4.826   8.755   1.00 39.71 ? 257 HOH A O   1 
HETATM 1623 O O   . HOH C 2 .   ? 11.502  -6.322  -17.011 1.00 27.12 ? 260 HOH A O   1 
HETATM 1624 O O   . HOH C 2 .   ? -1.708  -6.498  -15.800 1.00 48.34 ? 261 HOH A O   1 
HETATM 1625 O O   . HOH C 2 .   ? 23.244  -0.849  -14.991 1.00 54.55 ? 262 HOH A O   1 
HETATM 1626 O O   . HOH C 2 .   ? -1.806  2.496   -15.536 1.00 42.57 ? 263 HOH A O   1 
HETATM 1627 O O   . HOH C 2 .   ? 4.166   -5.795  -15.540 1.00 41.19 ? 266 HOH A O   1 
HETATM 1628 O O   . HOH C 2 .   ? 16.367  15.529  4.020   1.00 26.95 ? 267 HOH A O   1 
HETATM 1629 O O   . HOH C 2 .   ? 16.468  3.475   -10.295 1.00 26.30 ? 268 HOH A O   1 
HETATM 1630 O O   . HOH D 2 .   ? 1.446   17.048  6.278   1.00 38.81 ? 111 HOH B O   1 
HETATM 1631 O O   . HOH D 2 .   ? -1.300  -4.222  -2.685  1.00 8.31  ? 112 HOH B O   1 
HETATM 1632 O O   . HOH D 2 .   ? -2.894  7.847   -0.137  1.00 11.32 ? 113 HOH B O   1 
HETATM 1633 O O   . HOH D 2 .   ? -12.896 -6.925  -8.414  1.00 15.60 ? 114 HOH B O   1 
HETATM 1634 O O   . HOH D 2 .   ? 3.858   -7.430  4.887   1.00 13.35 ? 115 HOH B O   1 
HETATM 1635 O O   . HOH D 2 .   ? -20.184 -9.550  9.573   1.00 39.30 ? 116 HOH B O   1 
HETATM 1636 O O   . HOH D 2 .   ? 9.160   -1.121  16.594  1.00 37.49 ? 117 HOH B O   1 
HETATM 1637 O O   . HOH D 2 .   ? -13.051 -1.495  -3.314  1.00 12.81 ? 118 HOH B O   1 
HETATM 1638 O O   . HOH D 2 .   ? -23.732 -12.760 0.502   1.00 8.73  ? 119 HOH B O   1 
HETATM 1639 O O   . HOH D 2 .   ? -19.442 -1.994  4.353   1.00 16.25 ? 120 HOH B O   1 
HETATM 1640 O O   . HOH D 2 .   ? -6.792  -18.265 3.688   1.00 47.42 ? 121 HOH B O   1 
HETATM 1641 O O   . HOH D 2 .   ? -15.494 -5.528  -8.227  1.00 23.81 ? 122 HOH B O   1 
HETATM 1642 O O   . HOH D 2 .   ? -15.340 -18.090 5.027   1.00 27.40 ? 123 HOH B O   1 
HETATM 1643 O O   . HOH D 2 .   ? -11.244 -11.256 -15.078 1.00 55.70 ? 124 HOH B O   1 
HETATM 1644 O O   . HOH D 2 .   ? -3.783  -7.191  -7.191  1.00 15.03 ? 125 HOH B O   1 
HETATM 1645 O O   . HOH D 2 .   ? 4.502   0.019   9.003   1.00 18.21 ? 126 HOH B O   1 
HETATM 1646 O O   . HOH D 2 .   ? -5.257  9.599   2.333   1.00 34.42 ? 127 HOH B O   1 
HETATM 1647 O O   . HOH D 2 .   ? -21.645 -16.458 -0.665  1.00 14.37 ? 128 HOH B O   1 
HETATM 1648 O O   . HOH D 2 .   ? -10.898 -20.073 -3.806  1.00 44.41 ? 129 HOH B O   1 
HETATM 1649 O O   . HOH D 2 .   ? 8.473   5.188   10.667  1.00 19.71 ? 130 HOH B O   1 
HETATM 1650 O O   . HOH D 2 .   ? -6.068  11.895  3.541   1.00 32.32 ? 131 HOH B O   1 
HETATM 1651 O O   . HOH D 2 .   ? -22.889 -5.292  -5.546  1.00 16.72 ? 132 HOH B O   1 
HETATM 1652 O O   . HOH D 2 .   ? -8.581  3.475   -3.664  1.00 16.66 ? 133 HOH B O   1 
HETATM 1653 O O   . HOH D 2 .   ? -13.451 3.824   9.102   1.00 15.05 ? 134 HOH B O   1 
HETATM 1654 O O   . HOH D 2 .   ? -4.470  -2.965  16.375  1.00 29.15 ? 135 HOH B O   1 
HETATM 1655 O O   . HOH D 2 .   ? -8.501  1.994   21.654  1.00 35.46 ? 136 HOH B O   1 
HETATM 1656 O O   . HOH D 2 .   ? -12.493 11.198  0.857   1.00 37.46 ? 137 HOH B O   1 
HETATM 1657 O O   . HOH D 2 .   ? -0.961  -12.153 6.365   1.00 14.27 ? 138 HOH B O   1 
HETATM 1658 O O   . HOH D 2 .   ? -17.771 7.299   16.942  1.00 35.53 ? 139 HOH B O   1 
HETATM 1659 O O   . HOH D 2 .   ? -23.062 6.882   -0.648  1.00 55.54 ? 140 HOH B O   1 
HETATM 1660 O O   . HOH D 2 .   ? -15.275 -2.124  11.755  1.00 17.86 ? 141 HOH B O   1 
HETATM 1661 O O   . HOH D 2 .   ? -22.066 -14.399 -4.934  1.00 11.06 ? 142 HOH B O   1 
HETATM 1662 O O   . HOH D 2 .   ? 11.430  5.805   13.939  1.00 54.67 ? 143 HOH B O   1 
HETATM 1663 O O   . HOH D 2 .   ? -7.351  -0.942  18.004  1.00 33.98 ? 144 HOH B O   1 
HETATM 1664 O O   . HOH D 2 .   ? -23.704 -1.731  -2.743  1.00 16.35 ? 145 HOH B O   1 
HETATM 1665 O O   . HOH D 2 .   ? 0.692   13.095  8.841   1.00 24.04 ? 146 HOH B O   1 
HETATM 1666 O O   . HOH D 2 .   ? 6.822   -6.820  7.379   1.00 25.61 ? 147 HOH B O   1 
HETATM 1667 O O   . HOH D 2 .   ? -16.581 2.546   -9.767  1.00 50.65 ? 148 HOH B O   1 
HETATM 1668 O O   . HOH D 2 .   ? -19.157 -18.749 6.394   1.00 36.29 ? 149 HOH B O   1 
HETATM 1669 O O   . HOH D 2 .   ? -15.573 3.195   2.638   1.00 20.96 ? 150 HOH B O   1 
HETATM 1670 O O   . HOH D 2 .   ? -5.387  -18.408 1.141   1.00 40.88 ? 151 HOH B O   1 
HETATM 1671 O O   . HOH D 2 .   ? -20.512 -23.021 -5.449  1.00 41.07 ? 152 HOH B O   1 
HETATM 1672 O O   . HOH D 2 .   ? 5.346   12.358  8.722   1.00 35.74 ? 153 HOH B O   1 
HETATM 1673 O O   . HOH D 2 .   ? -17.294 -16.460 -15.702 1.00 45.99 ? 154 HOH B O   1 
HETATM 1674 O O   . HOH D 2 .   ? -12.882 -18.225 -7.746  1.00 21.90 ? 155 HOH B O   1 
HETATM 1675 O O   . HOH D 2 .   ? -9.887  1.006   -5.210  1.00 23.04 ? 156 HOH B O   1 
HETATM 1676 O O   . HOH D 2 .   ? -21.050 -12.699 -0.105  1.00 8.96  ? 157 HOH B O   1 
HETATM 1677 O O   . HOH D 2 .   ? -3.113  -6.021  -3.958  1.00 11.70 ? 158 HOH B O   1 
HETATM 1678 O O   . HOH D 2 .   ? 6.876   11.389  4.460   1.00 25.01 ? 159 HOH B O   1 
HETATM 1679 O O   . HOH D 2 .   ? -17.459 -0.720  5.731   1.00 19.51 ? 160 HOH B O   1 
HETATM 1680 O O   . HOH D 2 .   ? -22.252 -0.871  1.369   1.00 26.88 ? 161 HOH B O   1 
HETATM 1681 O O   . HOH D 2 .   ? -12.570 0.980   -4.236  1.00 18.96 ? 162 HOH B O   1 
HETATM 1682 O O   . HOH D 2 .   ? -14.324 2.899   11.737  1.00 16.40 ? 163 HOH B O   1 
HETATM 1683 O O   . HOH D 2 .   ? -17.845 -3.162  -6.150  1.00 16.45 ? 164 HOH B O   1 
HETATM 1684 O O   . HOH D 2 .   ? -10.618 -15.798 -5.320  1.00 28.11 ? 165 HOH B O   1 
HETATM 1685 O O   . HOH D 2 .   ? -8.599  12.694  19.052  1.00 9.21  ? 166 HOH B O   1 
HETATM 1686 O O   . HOH D 2 .   ? -18.228 -12.066 8.757   1.00 19.91 ? 167 HOH B O   1 
HETATM 1687 O O   . HOH D 2 .   ? -13.603 -0.254  14.729  1.00 22.32 ? 168 HOH B O   1 
HETATM 1688 O O   . HOH D 2 .   ? 2.721   8.114   14.111  1.00 20.75 ? 169 HOH B O   1 
HETATM 1689 O O   . HOH D 2 .   ? -9.604  5.744   19.861  1.00 19.18 ? 170 HOH B O   1 
HETATM 1690 O O   . HOH D 2 .   ? -9.348  12.472  16.431  1.00 27.89 ? 171 HOH B O   1 
HETATM 1691 O O   . HOH D 2 .   ? -6.524  -4.389  -9.105  1.00 53.83 ? 172 HOH B O   1 
HETATM 1692 O O   . HOH D 2 .   ? -2.824  10.279  -4.882  1.00 33.08 ? 173 HOH B O   1 
HETATM 1693 O O   . HOH D 2 .   ? -13.212 0.990   -6.915  1.00 26.04 ? 174 HOH B O   1 
HETATM 1694 O O   . HOH D 2 .   ? -5.236  11.302  6.007   1.00 23.60 ? 175 HOH B O   1 
HETATM 1695 O O   . HOH D 2 .   ? -15.704 -18.615 -8.605  1.00 25.55 ? 176 HOH B O   1 
HETATM 1696 O O   . HOH D 2 .   ? 0.140   -5.335  13.109  1.00 26.92 ? 177 HOH B O   1 
HETATM 1697 O O   . HOH D 2 .   ? 6.700   -0.977  10.486  1.00 28.47 ? 178 HOH B O   1 
HETATM 1698 O O   . HOH D 2 .   ? 7.077   -4.049  8.985   1.00 40.12 ? 179 HOH B O   1 
HETATM 1699 O O   . HOH D 2 .   ? -15.880 2.959   8.110   1.00 34.99 ? 180 HOH B O   1 
HETATM 1700 O O   . HOH D 2 .   ? -22.019 -16.981 3.364   1.00 33.19 ? 181 HOH B O   1 
HETATM 1701 O O   . HOH D 2 .   ? -9.447  3.072   19.357  1.00 25.31 ? 182 HOH B O   1 
HETATM 1702 O O   . HOH D 2 .   ? -21.626 1.458   -0.720  1.00 18.69 ? 183 HOH B O   1 
HETATM 1703 O O   . HOH D 2 .   ? -23.691 -6.871  -7.653  1.00 22.61 ? 184 HOH B O   1 
HETATM 1704 O O   . HOH D 2 .   ? -15.750 9.043   9.319   1.00 33.71 ? 185 HOH B O   1 
HETATM 1705 O O   . HOH D 2 .   ? -20.419 0.516   -4.818  1.00 23.34 ? 186 HOH B O   1 
HETATM 1706 O O   . HOH D 2 .   ? -17.809 1.950   13.540  1.00 58.76 ? 187 HOH B O   1 
HETATM 1707 O O   . HOH D 2 .   ? -22.438 -20.589 -2.397  1.00 28.81 ? 188 HOH B O   1 
HETATM 1708 O O   . HOH D 2 .   ? -12.688 -0.137  17.597  1.00 32.71 ? 189 HOH B O   1 
HETATM 1709 O O   . HOH D 2 .   ? -9.545  -13.260 -6.502  1.00 28.29 ? 190 HOH B O   1 
HETATM 1710 O O   . HOH D 2 .   ? -6.628  -18.763 8.619   1.00 38.21 ? 191 HOH B O   1 
HETATM 1711 O O   . HOH D 2 .   ? -16.001 -8.988  10.114  1.00 21.40 ? 192 HOH B O   1 
HETATM 1712 O O   . HOH D 2 .   ? -9.503  -12.181 -10.113 1.00 37.56 ? 193 HOH B O   1 
HETATM 1713 O O   . HOH D 2 .   ? -9.008  12.592  5.999   1.00 24.03 ? 194 HOH B O   1 
HETATM 1714 O O   . HOH D 2 .   ? 3.639   10.579  13.158  1.00 29.50 ? 195 HOH B O   1 
HETATM 1715 O O   . HOH D 2 .   ? 5.914   2.060   15.638  1.00 21.83 ? 196 HOH B O   1 
HETATM 1716 O O   . HOH D 2 .   ? -6.361  -10.999 -7.440  1.00 32.05 ? 197 HOH B O   1 
HETATM 1717 O O   . HOH D 2 .   ? -20.413 -18.266 1.315   1.00 25.41 ? 198 HOH B O   1 
HETATM 1718 O O   . HOH D 2 .   ? -8.383  10.311  -2.286  1.00 36.39 ? 199 HOH B O   1 
HETATM 1719 O O   . HOH D 2 .   ? -19.120 1.761   5.413   1.00 33.24 ? 200 HOH B O   1 
HETATM 1720 O O   . HOH D 2 .   ? -3.905  9.742   -2.077  1.00 38.33 ? 201 HOH B O   1 
HETATM 1721 O O   . HOH D 2 .   ? -8.946  -23.209 -6.250  1.00 51.68 ? 202 HOH B O   1 
HETATM 1722 O O   . HOH D 2 .   ? -2.091  -15.334 7.757   1.00 28.83 ? 203 HOH B O   1 
HETATM 1723 O O   . HOH D 2 .   ? -19.425 -11.339 13.106  1.00 69.43 ? 204 HOH B O   1 
HETATM 1724 O O   . HOH D 2 .   ? -6.185  6.635   -2.238  1.00 34.45 ? 205 HOH B O   1 
HETATM 1725 O O   . HOH D 2 .   ? -11.091 -6.041  -10.127 1.00 30.15 ? 206 HOH B O   1 
HETATM 1726 O O   . HOH D 2 .   ? -10.494 1.258   -11.270 1.00 48.19 ? 207 HOH B O   1 
HETATM 1727 O O   . HOH D 2 .   ? -17.209 0.689   9.757   1.00 34.34 ? 208 HOH B O   1 
HETATM 1728 O O   . HOH D 2 .   ? -21.995 -20.728 -5.627  1.00 46.59 ? 209 HOH B O   1 
HETATM 1729 O O   . HOH D 2 .   ? -14.210 -3.680  -6.511  1.00 15.32 ? 210 HOH B O   1 
HETATM 1730 O O   . HOH D 2 .   ? -8.057  -17.912 -3.685  1.00 49.63 ? 211 HOH B O   1 
HETATM 1731 O O   . HOH D 2 .   ? -3.702  -6.209  -11.078 1.00 44.85 ? 212 HOH B O   1 
HETATM 1732 O O   . HOH D 2 .   ? -16.896 -2.717  -8.706  1.00 35.87 ? 213 HOH B O   1 
HETATM 1733 O O   . HOH D 2 .   ? -25.340 -24.747 -3.223  1.00 51.14 ? 214 HOH B O   1 
HETATM 1734 O O   . HOH D 2 .   ? -10.694 14.996  3.843   1.00 55.68 ? 215 HOH B O   1 
HETATM 1735 O O   . HOH D 2 .   ? -17.340 -1.750  8.202   1.00 27.19 ? 216 HOH B O   1 
HETATM 1736 O O   . HOH D 2 .   ? -3.209  -18.177 7.025   1.00 40.45 ? 218 HOH B O   1 
HETATM 1737 O O   . HOH D 2 .   ? 3.109   12.031  10.404  1.00 35.46 ? 221 HOH B O   1 
HETATM 1738 O O   . HOH D 2 .   ? -4.063  11.463  0.178   1.00 40.96 ? 222 HOH B O   1 
HETATM 1739 O O   . HOH D 2 .   ? -4.462  -7.426  10.816  1.00 12.86 ? 223 HOH B O   1 
HETATM 1740 O O   . HOH D 2 .   ? -1.724  -13.672 4.185   1.00 21.74 ? 224 HOH B O   1 
HETATM 1741 O O   . HOH D 2 .   ? -2.565  -3.483  -9.195  1.00 35.31 ? 225 HOH B O   1 
HETATM 1742 O O   . HOH D 2 .   ? -5.973  -17.013 -2.219  1.00 27.29 ? 226 HOH B O   1 
HETATM 1743 O O   . HOH D 2 .   ? 3.961   -5.515  7.751   1.00 21.48 ? 231 HOH B O   1 
HETATM 1744 O O   . HOH D 2 .   ? -14.200 -1.409  -8.109  1.00 29.56 ? 232 HOH B O   1 
HETATM 1745 O O   . HOH D 2 .   ? -19.806 -1.525  -6.608  1.00 30.90 ? 233 HOH B O   1 
HETATM 1746 O O   . HOH D 2 .   ? -10.468 6.893   22.114  1.00 21.51 ? 234 HOH B O   1 
HETATM 1747 O O   . HOH D 2 .   ? -8.617  -6.652  -9.104  1.00 29.47 ? 235 HOH B O   1 
HETATM 1748 O O   . HOH D 2 .   ? -8.677  6.071   -3.007  1.00 32.17 ? 236 HOH B O   1 
HETATM 1749 O O   . HOH D 2 .   ? -17.450 -16.802 -10.612 1.00 28.95 ? 237 HOH B O   1 
HETATM 1750 O O   . HOH D 2 .   ? -23.786 2.183   -2.138  1.00 28.53 ? 238 HOH B O   1 
HETATM 1751 O O   . HOH D 2 .   ? -16.804 -17.753 9.095   1.00 32.79 ? 241 HOH B O   1 
HETATM 1752 O O   . HOH D 2 .   ? -25.288 -21.774 -2.890  1.00 31.57 ? 249 HOH B O   1 
HETATM 1753 O O   . HOH D 2 .   ? 9.983   7.370   10.146  1.00 35.33 ? 251 HOH B O   1 
HETATM 1754 O O   . HOH D 2 .   ? 6.802   4.770   15.449  1.00 35.54 ? 252 HOH B O   1 
HETATM 1755 O O   . HOH D 2 .   ? -9.602  -20.718 12.352  1.00 29.12 ? 253 HOH B O   1 
HETATM 1756 O O   . HOH D 2 .   ? -21.736 -0.568  4.114   1.00 29.49 ? 256 HOH B O   1 
HETATM 1757 O O   . HOH D 2 .   ? -23.656 -21.564 1.263   1.00 52.47 ? 258 HOH B O   1 
HETATM 1758 O O   . HOH D 2 .   ? -13.257 -3.208  15.612  1.00 31.68 ? 259 HOH B O   1 
HETATM 1759 O O   . HOH D 2 .   ? -13.277 -20.409 1.346   1.00 43.42 ? 264 HOH B O   1 
HETATM 1760 O O   . HOH D 2 .   ? -8.885  7.988   0.400   1.00 43.52 ? 265 HOH B O   1 
# 
